data_4F2L
# 
_entry.id   4F2L 
# 
_audit_conform.dict_name       mmcif_pdbx.dic 
_audit_conform.dict_version    5.397 
_audit_conform.dict_location   http://mmcif.pdb.org/dictionaries/ascii/mmcif_pdbx.dic 
# 
loop_
_database_2.database_id 
_database_2.database_code 
_database_2.pdbx_database_accession 
_database_2.pdbx_DOI 
PDB   4F2L         pdb_00004f2l 10.2210/pdb4f2l/pdb 
RCSB  RCSB072375   ?            ?                   
WWPDB D_1000072375 ?            ?                   
# 
loop_
_pdbx_audit_revision_history.ordinal 
_pdbx_audit_revision_history.data_content_type 
_pdbx_audit_revision_history.major_revision 
_pdbx_audit_revision_history.minor_revision 
_pdbx_audit_revision_history.revision_date 
1 'Structure model' 1 0 2013-06-26 
2 'Structure model' 1 1 2014-09-03 
3 'Structure model' 1 2 2017-11-15 
4 'Structure model' 1 3 2024-10-16 
# 
_pdbx_audit_revision_details.ordinal             1 
_pdbx_audit_revision_details.revision_ordinal    1 
_pdbx_audit_revision_details.data_content_type   'Structure model' 
_pdbx_audit_revision_details.provider            repository 
_pdbx_audit_revision_details.type                'Initial release' 
_pdbx_audit_revision_details.description         ? 
_pdbx_audit_revision_details.details             ? 
# 
loop_
_pdbx_audit_revision_group.ordinal 
_pdbx_audit_revision_group.revision_ordinal 
_pdbx_audit_revision_group.data_content_type 
_pdbx_audit_revision_group.group 
1 2 'Structure model' 'Database references'    
2 3 'Structure model' 'Refinement description' 
3 4 'Structure model' 'Data collection'        
4 4 'Structure model' 'Database references'    
5 4 'Structure model' 'Derived calculations'   
6 4 'Structure model' 'Structure summary'      
# 
loop_
_pdbx_audit_revision_category.ordinal 
_pdbx_audit_revision_category.revision_ordinal 
_pdbx_audit_revision_category.data_content_type 
_pdbx_audit_revision_category.category 
1  3 'Structure model' software                  
2  4 'Structure model' chem_comp_atom            
3  4 'Structure model' chem_comp_bond            
4  4 'Structure model' database_2                
5  4 'Structure model' pdbx_entry_details        
6  4 'Structure model' pdbx_modification_feature 
7  4 'Structure model' pdbx_struct_conn_angle    
8  4 'Structure model' struct_conn               
9  4 'Structure model' struct_ref_seq_dif        
10 4 'Structure model' struct_site               
# 
loop_
_pdbx_audit_revision_item.ordinal 
_pdbx_audit_revision_item.revision_ordinal 
_pdbx_audit_revision_item.data_content_type 
_pdbx_audit_revision_item.item 
1  4 'Structure model' '_database_2.pdbx_DOI'                      
2  4 'Structure model' '_database_2.pdbx_database_accession'       
3  4 'Structure model' '_pdbx_struct_conn_angle.ptnr1_auth_seq_id' 
4  4 'Structure model' '_pdbx_struct_conn_angle.ptnr3_auth_seq_id' 
5  4 'Structure model' '_pdbx_struct_conn_angle.value'             
6  4 'Structure model' '_struct_conn.pdbx_dist_value'              
7  4 'Structure model' '_struct_conn.pdbx_leaving_atom_flag'       
8  4 'Structure model' '_struct_conn.ptnr2_auth_seq_id'            
9  4 'Structure model' '_struct_ref_seq_dif.details'               
10 4 'Structure model' '_struct_site.pdbx_auth_asym_id'            
11 4 'Structure model' '_struct_site.pdbx_auth_comp_id'            
12 4 'Structure model' '_struct_site.pdbx_auth_seq_id'             
# 
_pdbx_database_status.status_code                     REL 
_pdbx_database_status.entry_id                        4F2L 
_pdbx_database_status.recvd_initial_deposition_date   2012-05-08 
_pdbx_database_status.deposit_site                    RCSB 
_pdbx_database_status.process_site                    PDBJ 
_pdbx_database_status.methods_development_category    ? 
_pdbx_database_status.status_code_sf                  REL 
_pdbx_database_status.status_code_mr                  ? 
_pdbx_database_status.SG_entry                        ? 
_pdbx_database_status.status_code_cs                  ? 
_pdbx_database_status.pdb_format_compatible           Y 
_pdbx_database_status.status_code_nmr_data            ? 
# 
loop_
_audit_author.name 
_audit_author.pdbx_ordinal 
'Xin, F.J.'   1 
'Zhang, Y.Y.' 2 
'Wang, J.'    3 
'Wang, Z.X.'  4 
'Wu, J.W.'    5 
# 
_citation.id                        primary 
_citation.title                     'Conserved regulatory elements in AMPK' 
_citation.journal_abbrev            Nature 
_citation.journal_volume            498 
_citation.page_first                E8 
_citation.page_last                 E10 
_citation.year                      2013 
_citation.journal_id_ASTM           NATUAS 
_citation.country                   UK 
_citation.journal_id_ISSN           0028-0836 
_citation.journal_id_CSD            0006 
_citation.book_publisher            ? 
_citation.pdbx_database_id_PubMed   23765502 
_citation.pdbx_database_id_DOI      10.1038/nature12189 
# 
loop_
_citation_author.citation_id 
_citation_author.name 
_citation_author.ordinal 
_citation_author.identifier_ORCID 
primary 'Chen, L.'       1  ? 
primary 'Xin, F.J.'      2  ? 
primary 'Wang, J.'       3  ? 
primary 'Hu, J.'         4  ? 
primary 'Zhang, Y.Y.'    5  ? 
primary 'Wan, S.'        6  ? 
primary 'Cao, L.S.'      7  ? 
primary 'Lu, C.'         8  ? 
primary 'Li, P.'         9  ? 
primary 'Yan, S.F.'      10 ? 
primary 'Neumann, D.'    11 ? 
primary 'Schlattner, U.' 12 ? 
primary 'Xia, B.'        13 ? 
primary 'Wang, Z.X.'     14 ? 
primary 'Wu, J.W.'       15 ? 
# 
loop_
_entity.id 
_entity.type 
_entity.src_method 
_entity.pdbx_description 
_entity.formula_weight 
_entity.pdbx_number_of_molecules 
_entity.pdbx_ec 
_entity.pdbx_mutation 
_entity.pdbx_fragment 
_entity.details 
1 polymer     man 
;5'-AMP-activated protein kinase catalytic subunit alpha-1
;
7387.910 1  '2.7.11.1, 2.7.11.26' ? 'regulatory domain, UNP RESIDUES 295-347' ? 
2 non-polymer syn 'MAGNESIUM ION'                                             24.305   1  ?                     ? ? ? 
3 water       nat water                                                       18.015   79 ?                     ? ? ? 
# 
_entity_name_com.entity_id   1 
_entity_name_com.name        'AMPK subunit alpha-1, Tau-protein kinase PRKAA1' 
# 
_entity_poly.entity_id                      1 
_entity_poly.type                           'polypeptide(L)' 
_entity_poly.nstd_linkage                   no 
_entity_poly.nstd_monomer                   yes 
_entity_poly.pdbx_seq_one_letter_code       'SST(MSE)IDDEALKEVCEKFECSEEEVLSCLYNRNHQDPLAVAYHLIIDNRRI(MSE)NELEHHHHHH' 
_entity_poly.pdbx_seq_one_letter_code_can   SSTMIDDEALKEVCEKFECSEEEVLSCLYNRNHQDPLAVAYHLIIDNRRIMNELEHHHHHH 
_entity_poly.pdbx_strand_id                 A 
_entity_poly.pdbx_target_identifier         ? 
# 
loop_
_pdbx_entity_nonpoly.entity_id 
_pdbx_entity_nonpoly.name 
_pdbx_entity_nonpoly.comp_id 
2 'MAGNESIUM ION' MG  
3 water           HOH 
# 
loop_
_entity_poly_seq.entity_id 
_entity_poly_seq.num 
_entity_poly_seq.mon_id 
_entity_poly_seq.hetero 
1 1  SER n 
1 2  SER n 
1 3  THR n 
1 4  MSE n 
1 5  ILE n 
1 6  ASP n 
1 7  ASP n 
1 8  GLU n 
1 9  ALA n 
1 10 LEU n 
1 11 LYS n 
1 12 GLU n 
1 13 VAL n 
1 14 CYS n 
1 15 GLU n 
1 16 LYS n 
1 17 PHE n 
1 18 GLU n 
1 19 CYS n 
1 20 SER n 
1 21 GLU n 
1 22 GLU n 
1 23 GLU n 
1 24 VAL n 
1 25 LEU n 
1 26 SER n 
1 27 CYS n 
1 28 LEU n 
1 29 TYR n 
1 30 ASN n 
1 31 ARG n 
1 32 ASN n 
1 33 HIS n 
1 34 GLN n 
1 35 ASP n 
1 36 PRO n 
1 37 LEU n 
1 38 ALA n 
1 39 VAL n 
1 40 ALA n 
1 41 TYR n 
1 42 HIS n 
1 43 LEU n 
1 44 ILE n 
1 45 ILE n 
1 46 ASP n 
1 47 ASN n 
1 48 ARG n 
1 49 ARG n 
1 50 ILE n 
1 51 MSE n 
1 52 ASN n 
1 53 GLU n 
1 54 LEU n 
1 55 GLU n 
1 56 HIS n 
1 57 HIS n 
1 58 HIS n 
1 59 HIS n 
1 60 HIS n 
1 61 HIS n 
# 
_entity_src_gen.entity_id                          1 
_entity_src_gen.pdbx_src_id                        1 
_entity_src_gen.pdbx_alt_source_flag               sample 
_entity_src_gen.pdbx_seq_type                      ? 
_entity_src_gen.pdbx_beg_seq_num                   ? 
_entity_src_gen.pdbx_end_seq_num                   ? 
_entity_src_gen.gene_src_common_name               'brown rat,rat,rats' 
_entity_src_gen.gene_src_genus                     ? 
_entity_src_gen.pdbx_gene_src_gene                 'Prkaa1, Ampk1' 
_entity_src_gen.gene_src_species                   ? 
_entity_src_gen.gene_src_strain                    ? 
_entity_src_gen.gene_src_tissue                    ? 
_entity_src_gen.gene_src_tissue_fraction           ? 
_entity_src_gen.gene_src_details                   ? 
_entity_src_gen.pdbx_gene_src_fragment             ? 
_entity_src_gen.pdbx_gene_src_scientific_name      'Rattus norvegicus' 
_entity_src_gen.pdbx_gene_src_ncbi_taxonomy_id     10116 
_entity_src_gen.pdbx_gene_src_variant              ? 
_entity_src_gen.pdbx_gene_src_cell_line            ? 
_entity_src_gen.pdbx_gene_src_atcc                 ? 
_entity_src_gen.pdbx_gene_src_organ                ? 
_entity_src_gen.pdbx_gene_src_organelle            ? 
_entity_src_gen.pdbx_gene_src_cell                 ? 
_entity_src_gen.pdbx_gene_src_cellular_location    ? 
_entity_src_gen.host_org_common_name               ? 
_entity_src_gen.pdbx_host_org_scientific_name      'Escherichia coli' 
_entity_src_gen.pdbx_host_org_ncbi_taxonomy_id     562 
_entity_src_gen.host_org_genus                     ? 
_entity_src_gen.pdbx_host_org_gene                 ? 
_entity_src_gen.pdbx_host_org_organ                ? 
_entity_src_gen.host_org_species                   ? 
_entity_src_gen.pdbx_host_org_tissue               ? 
_entity_src_gen.pdbx_host_org_tissue_fraction      ? 
_entity_src_gen.pdbx_host_org_strain               'BL21(DE3)' 
_entity_src_gen.pdbx_host_org_variant              ? 
_entity_src_gen.pdbx_host_org_cell_line            ? 
_entity_src_gen.pdbx_host_org_atcc                 ? 
_entity_src_gen.pdbx_host_org_culture_collection   ? 
_entity_src_gen.pdbx_host_org_cell                 ? 
_entity_src_gen.pdbx_host_org_organelle            ? 
_entity_src_gen.pdbx_host_org_cellular_location    ? 
_entity_src_gen.pdbx_host_org_vector_type          PLASMID 
_entity_src_gen.pdbx_host_org_vector               ? 
_entity_src_gen.host_org_details                   ? 
_entity_src_gen.expression_system_id               ? 
_entity_src_gen.plasmid_name                       pET21b 
_entity_src_gen.plasmid_details                    ? 
_entity_src_gen.pdbx_description                   ? 
# 
loop_
_chem_comp.id 
_chem_comp.type 
_chem_comp.mon_nstd_flag 
_chem_comp.name 
_chem_comp.pdbx_synonyms 
_chem_comp.formula 
_chem_comp.formula_weight 
ALA 'L-peptide linking' y ALANINE          ? 'C3 H7 N O2'     89.093  
ARG 'L-peptide linking' y ARGININE         ? 'C6 H15 N4 O2 1' 175.209 
ASN 'L-peptide linking' y ASPARAGINE       ? 'C4 H8 N2 O3'    132.118 
ASP 'L-peptide linking' y 'ASPARTIC ACID'  ? 'C4 H7 N O4'     133.103 
CYS 'L-peptide linking' y CYSTEINE         ? 'C3 H7 N O2 S'   121.158 
GLN 'L-peptide linking' y GLUTAMINE        ? 'C5 H10 N2 O3'   146.144 
GLU 'L-peptide linking' y 'GLUTAMIC ACID'  ? 'C5 H9 N O4'     147.129 
HIS 'L-peptide linking' y HISTIDINE        ? 'C6 H10 N3 O2 1' 156.162 
HOH non-polymer         . WATER            ? 'H2 O'           18.015  
ILE 'L-peptide linking' y ISOLEUCINE       ? 'C6 H13 N O2'    131.173 
LEU 'L-peptide linking' y LEUCINE          ? 'C6 H13 N O2'    131.173 
LYS 'L-peptide linking' y LYSINE           ? 'C6 H15 N2 O2 1' 147.195 
MG  non-polymer         . 'MAGNESIUM ION'  ? 'Mg 2'           24.305  
MSE 'L-peptide linking' n SELENOMETHIONINE ? 'C5 H11 N O2 Se' 196.106 
PHE 'L-peptide linking' y PHENYLALANINE    ? 'C9 H11 N O2'    165.189 
PRO 'L-peptide linking' y PROLINE          ? 'C5 H9 N O2'     115.130 
SER 'L-peptide linking' y SERINE           ? 'C3 H7 N O3'     105.093 
THR 'L-peptide linking' y THREONINE        ? 'C4 H9 N O3'     119.119 
TYR 'L-peptide linking' y TYROSINE         ? 'C9 H11 N O3'    181.189 
VAL 'L-peptide linking' y VALINE           ? 'C5 H11 N O2'    117.146 
# 
loop_
_pdbx_poly_seq_scheme.asym_id 
_pdbx_poly_seq_scheme.entity_id 
_pdbx_poly_seq_scheme.seq_id 
_pdbx_poly_seq_scheme.mon_id 
_pdbx_poly_seq_scheme.ndb_seq_num 
_pdbx_poly_seq_scheme.pdb_seq_num 
_pdbx_poly_seq_scheme.auth_seq_num 
_pdbx_poly_seq_scheme.pdb_mon_id 
_pdbx_poly_seq_scheme.auth_mon_id 
_pdbx_poly_seq_scheme.pdb_strand_id 
_pdbx_poly_seq_scheme.pdb_ins_code 
_pdbx_poly_seq_scheme.hetero 
A 1 1  SER 1  284 284 SER SER A . n 
A 1 2  SER 2  285 285 SER SER A . n 
A 1 3  THR 3  286 286 THR THR A . n 
A 1 4  MSE 4  287 287 MSE MSE A . n 
A 1 5  ILE 5  288 288 ILE ILE A . n 
A 1 6  ASP 6  289 289 ASP ASP A . n 
A 1 7  ASP 7  290 290 ASP ASP A . n 
A 1 8  GLU 8  291 291 GLU GLU A . n 
A 1 9  ALA 9  292 292 ALA ALA A . n 
A 1 10 LEU 10 293 293 LEU LEU A . n 
A 1 11 LYS 11 294 294 LYS LYS A . n 
A 1 12 GLU 12 295 295 GLU GLU A . n 
A 1 13 VAL 13 296 296 VAL VAL A . n 
A 1 14 CYS 14 297 297 CYS CYS A . n 
A 1 15 GLU 15 298 298 GLU GLU A . n 
A 1 16 LYS 16 299 299 LYS LYS A . n 
A 1 17 PHE 17 300 300 PHE PHE A . n 
A 1 18 GLU 18 301 301 GLU GLU A . n 
A 1 19 CYS 19 302 302 CYS CYS A . n 
A 1 20 SER 20 303 303 SER SER A . n 
A 1 21 GLU 21 304 304 GLU GLU A . n 
A 1 22 GLU 22 305 305 GLU GLU A . n 
A 1 23 GLU 23 306 306 GLU GLU A . n 
A 1 24 VAL 24 307 307 VAL VAL A . n 
A 1 25 LEU 25 308 308 LEU LEU A . n 
A 1 26 SER 26 309 309 SER SER A . n 
A 1 27 CYS 27 310 310 CYS CYS A . n 
A 1 28 LEU 28 311 311 LEU LEU A . n 
A 1 29 TYR 29 312 312 TYR TYR A . n 
A 1 30 ASN 30 313 313 ASN ASN A . n 
A 1 31 ARG 31 314 314 ARG ARG A . n 
A 1 32 ASN 32 315 315 ASN ASN A . n 
A 1 33 HIS 33 316 316 HIS HIS A . n 
A 1 34 GLN 34 317 317 GLN GLN A . n 
A 1 35 ASP 35 318 318 ASP ASP A . n 
A 1 36 PRO 36 319 319 PRO PRO A . n 
A 1 37 LEU 37 320 320 LEU LEU A . n 
A 1 38 ALA 38 321 321 ALA ALA A . n 
A 1 39 VAL 39 322 322 VAL VAL A . n 
A 1 40 ALA 40 323 323 ALA ALA A . n 
A 1 41 TYR 41 324 324 TYR TYR A . n 
A 1 42 HIS 42 325 325 HIS HIS A . n 
A 1 43 LEU 43 326 326 LEU LEU A . n 
A 1 44 ILE 44 327 327 ILE ILE A . n 
A 1 45 ILE 45 328 328 ILE ILE A . n 
A 1 46 ASP 46 329 329 ASP ASP A . n 
A 1 47 ASN 47 330 330 ASN ASN A . n 
A 1 48 ARG 48 331 331 ARG ARG A . n 
A 1 49 ARG 49 332 332 ARG ARG A . n 
A 1 50 ILE 50 333 333 ILE ILE A . n 
A 1 51 MSE 51 334 334 MSE MSE A . n 
A 1 52 ASN 52 335 335 ASN ASN A . n 
A 1 53 GLU 53 336 336 GLU GLU A . n 
A 1 54 LEU 54 337 337 LEU LEU A . n 
A 1 55 GLU 55 338 338 GLU GLU A . n 
A 1 56 HIS 56 339 339 HIS HIS A . n 
A 1 57 HIS 57 340 340 HIS HIS A . n 
A 1 58 HIS 58 341 341 HIS HIS A . n 
A 1 59 HIS 59 342 342 HIS HIS A . n 
A 1 60 HIS 60 343 343 HIS HIS A . n 
A 1 61 HIS 61 344 344 HIS HIS A . n 
# 
loop_
_pdbx_nonpoly_scheme.asym_id 
_pdbx_nonpoly_scheme.entity_id 
_pdbx_nonpoly_scheme.mon_id 
_pdbx_nonpoly_scheme.ndb_seq_num 
_pdbx_nonpoly_scheme.pdb_seq_num 
_pdbx_nonpoly_scheme.auth_seq_num 
_pdbx_nonpoly_scheme.pdb_mon_id 
_pdbx_nonpoly_scheme.auth_mon_id 
_pdbx_nonpoly_scheme.pdb_strand_id 
_pdbx_nonpoly_scheme.pdb_ins_code 
B 2 MG  1  401 1   MG  MG  A . 
C 3 HOH 1  501 1   HOH HOH A . 
C 3 HOH 2  502 2   HOH HOH A . 
C 3 HOH 3  503 3   HOH HOH A . 
C 3 HOH 4  504 6   HOH HOH A . 
C 3 HOH 5  505 7   HOH HOH A . 
C 3 HOH 6  506 8   HOH HOH A . 
C 3 HOH 7  507 9   HOH HOH A . 
C 3 HOH 8  508 10  HOH HOH A . 
C 3 HOH 9  509 11  HOH HOH A . 
C 3 HOH 10 510 12  HOH HOH A . 
C 3 HOH 11 511 14  HOH HOH A . 
C 3 HOH 12 512 15  HOH HOH A . 
C 3 HOH 13 513 16  HOH HOH A . 
C 3 HOH 14 514 17  HOH HOH A . 
C 3 HOH 15 515 18  HOH HOH A . 
C 3 HOH 16 516 19  HOH HOH A . 
C 3 HOH 17 517 20  HOH HOH A . 
C 3 HOH 18 518 21  HOH HOH A . 
C 3 HOH 19 519 22  HOH HOH A . 
C 3 HOH 20 520 23  HOH HOH A . 
C 3 HOH 21 521 24  HOH HOH A . 
C 3 HOH 22 522 25  HOH HOH A . 
C 3 HOH 23 523 28  HOH HOH A . 
C 3 HOH 24 524 29  HOH HOH A . 
C 3 HOH 25 525 30  HOH HOH A . 
C 3 HOH 26 526 33  HOH HOH A . 
C 3 HOH 27 527 34  HOH HOH A . 
C 3 HOH 28 528 36  HOH HOH A . 
C 3 HOH 29 529 38  HOH HOH A . 
C 3 HOH 30 530 40  HOH HOH A . 
C 3 HOH 31 531 41  HOH HOH A . 
C 3 HOH 32 532 42  HOH HOH A . 
C 3 HOH 33 533 43  HOH HOH A . 
C 3 HOH 34 534 44  HOH HOH A . 
C 3 HOH 35 535 45  HOH HOH A . 
C 3 HOH 36 536 47  HOH HOH A . 
C 3 HOH 37 537 49  HOH HOH A . 
C 3 HOH 38 538 50  HOH HOH A . 
C 3 HOH 39 539 52  HOH HOH A . 
C 3 HOH 40 540 55  HOH HOH A . 
C 3 HOH 41 541 56  HOH HOH A . 
C 3 HOH 42 542 57  HOH HOH A . 
C 3 HOH 43 543 58  HOH HOH A . 
C 3 HOH 44 544 62  HOH HOH A . 
C 3 HOH 45 545 65  HOH HOH A . 
C 3 HOH 46 546 70  HOH HOH A . 
C 3 HOH 47 547 72  HOH HOH A . 
C 3 HOH 48 548 73  HOH HOH A . 
C 3 HOH 49 549 74  HOH HOH A . 
C 3 HOH 50 550 76  HOH HOH A . 
C 3 HOH 51 551 78  HOH HOH A . 
C 3 HOH 52 552 80  HOH HOH A . 
C 3 HOH 53 553 83  HOH HOH A . 
C 3 HOH 54 554 84  HOH HOH A . 
C 3 HOH 55 555 85  HOH HOH A . 
C 3 HOH 56 556 86  HOH HOH A . 
C 3 HOH 57 557 87  HOH HOH A . 
C 3 HOH 58 558 88  HOH HOH A . 
C 3 HOH 59 559 89  HOH HOH A . 
C 3 HOH 60 560 90  HOH HOH A . 
C 3 HOH 61 561 93  HOH HOH A . 
C 3 HOH 62 562 95  HOH HOH A . 
C 3 HOH 63 563 97  HOH HOH A . 
C 3 HOH 64 564 101 HOH HOH A . 
C 3 HOH 65 565 104 HOH HOH A . 
C 3 HOH 66 566 105 HOH HOH A . 
C 3 HOH 67 567 106 HOH HOH A . 
C 3 HOH 68 568 108 HOH HOH A . 
C 3 HOH 69 569 110 HOH HOH A . 
C 3 HOH 70 570 112 HOH HOH A . 
C 3 HOH 71 571 115 HOH HOH A . 
C 3 HOH 72 572 130 HOH HOH A . 
C 3 HOH 73 573 131 HOH HOH A . 
C 3 HOH 74 574 132 HOH HOH A . 
C 3 HOH 75 575 133 HOH HOH A . 
C 3 HOH 76 576 134 HOH HOH A . 
C 3 HOH 77 577 135 HOH HOH A . 
C 3 HOH 78 578 136 HOH HOH A . 
C 3 HOH 79 579 137 HOH HOH A . 
# 
loop_
_software.name 
_software.classification 
_software.version 
_software.citation_id 
_software.pdbx_ordinal 
MAR345dtb 'data collection' .                            ? 1 
AutoSol   phasing           .                            ? 2 
PHENIX    refinement        '(phenix.refine: 1.7.3_928)' ? 3 
HKL-2000  'data reduction'  .                            ? 4 
HKL-2000  'data scaling'    .                            ? 5 
# 
_cell.entry_id           4F2L 
_cell.length_a           22.117 
_cell.length_b           36.258 
_cell.length_c           98.755 
_cell.angle_alpha        90.00 
_cell.angle_beta         90.00 
_cell.angle_gamma        90.00 
_cell.Z_PDB              4 
_cell.pdbx_unique_axis   ? 
_cell.length_a_esd       ? 
_cell.length_b_esd       ? 
_cell.length_c_esd       ? 
_cell.angle_alpha_esd    ? 
_cell.angle_beta_esd     ? 
_cell.angle_gamma_esd    ? 
# 
_symmetry.entry_id                         4F2L 
_symmetry.space_group_name_H-M             'P 2 2 21' 
_symmetry.pdbx_full_space_group_name_H-M   ? 
_symmetry.cell_setting                     ? 
_symmetry.Int_Tables_number                17 
_symmetry.space_group_name_Hall            ? 
# 
_exptl.entry_id          4F2L 
_exptl.method            'X-RAY DIFFRACTION' 
_exptl.crystals_number   1 
# 
_exptl_crystal.id                    1 
_exptl_crystal.density_meas          ? 
_exptl_crystal.density_Matthews      2.68 
_exptl_crystal.density_percent_sol   54.10 
_exptl_crystal.description           'THE ENTRY CONTAINS FRIEDEL PAIRS IN F_PLUS/MINUS COLUMNS' 
_exptl_crystal.F_000                 ? 
_exptl_crystal.preparation           ? 
# 
_exptl_crystal_grow.crystal_id      1 
_exptl_crystal_grow.method          'VAPOR DIFFUSION, HANGING DROP' 
_exptl_crystal_grow.temp            277.0 
_exptl_crystal_grow.temp_details    ? 
_exptl_crystal_grow.pH              7.5 
_exptl_crystal_grow.pdbx_details    
'0.1M HEPES, 0.3M Magnesium sulfate, 36% isopropanol (v/v), pH 7.5, VAPOR DIFFUSION, HANGING DROP, temperature 277.0K' 
_exptl_crystal_grow.pdbx_pH_range   . 
# 
_diffrn.id                     1 
_diffrn.ambient_temp           100 
_diffrn.ambient_temp_details   ? 
_diffrn.crystal_id             1 
# 
_diffrn_detector.diffrn_id              1 
_diffrn_detector.detector               CCD 
_diffrn_detector.type                   'MARMOSAIC 225 mm CCD' 
_diffrn_detector.pdbx_collection_date   2011-05-26 
_diffrn_detector.details                ? 
# 
_diffrn_radiation.diffrn_id                        1 
_diffrn_radiation.wavelength_id                    1 
_diffrn_radiation.pdbx_monochromatic_or_laue_m_l   M 
_diffrn_radiation.monochromator                    GRAPHITE 
_diffrn_radiation.pdbx_diffrn_protocol             'SINGLE WAVELENGTH' 
_diffrn_radiation.pdbx_scattering_type             x-ray 
# 
_diffrn_radiation_wavelength.id           1 
_diffrn_radiation_wavelength.wavelength   0.9792 
_diffrn_radiation_wavelength.wt           1.0 
# 
_diffrn_source.diffrn_id                   1 
_diffrn_source.source                      SYNCHROTRON 
_diffrn_source.type                        'SSRF BEAMLINE BL17U' 
_diffrn_source.pdbx_synchrotron_site       SSRF 
_diffrn_source.pdbx_synchrotron_beamline   BL17U 
_diffrn_source.pdbx_wavelength             ? 
_diffrn_source.pdbx_wavelength_list        0.9792 
# 
_reflns.entry_id                     4F2L 
_reflns.observed_criterion_sigma_I   0 
_reflns.observed_criterion_sigma_F   0 
_reflns.d_resolution_low             50 
_reflns.d_resolution_high            1.5 
_reflns.number_obs                   24489 
_reflns.number_all                   ? 
_reflns.percent_possible_obs         99.5 
_reflns.pdbx_Rmerge_I_obs            0.046 
_reflns.pdbx_Rsym_value              ? 
_reflns.pdbx_netI_over_sigmaI        36.4 
_reflns.B_iso_Wilson_estimate        ? 
_reflns.pdbx_redundancy              3.6 
_reflns.R_free_details               ? 
_reflns.limit_h_max                  ? 
_reflns.limit_h_min                  ? 
_reflns.limit_k_max                  ? 
_reflns.limit_k_min                  ? 
_reflns.limit_l_max                  ? 
_reflns.limit_l_min                  ? 
_reflns.observed_criterion_F_max     ? 
_reflns.observed_criterion_F_min     ? 
_reflns.pdbx_chi_squared             ? 
_reflns.pdbx_scaling_rejects         ? 
_reflns.pdbx_ordinal                 1 
_reflns.pdbx_diffrn_id               1 
# 
_reflns_shell.d_res_high                  1.50 
_reflns_shell.d_res_low                   1.53 
_reflns_shell.percent_possible_all        98.5 
_reflns_shell.Rmerge_I_obs                0.263 
_reflns_shell.pdbx_Rsym_value             ? 
_reflns_shell.meanI_over_sigI_obs         3.6 
_reflns_shell.pdbx_redundancy             3.1 
_reflns_shell.percent_possible_obs        ? 
_reflns_shell.number_unique_all           1179 
_reflns_shell.number_measured_all         ? 
_reflns_shell.number_measured_obs         ? 
_reflns_shell.number_unique_obs           ? 
_reflns_shell.pdbx_chi_squared            ? 
_reflns_shell.pdbx_rejects                ? 
_reflns_shell.pdbx_netI_over_sigmaI_obs   ? 
_reflns_shell.number_possible             ? 
_reflns_shell.Rmerge_F_all                ? 
_reflns_shell.Rmerge_F_obs                ? 
_reflns_shell.Rmerge_I_all                ? 
_reflns_shell.meanI_over_sigI_all         ? 
_reflns_shell.pdbx_Rrim_I_all             ? 
_reflns_shell.pdbx_Rpim_I_all             ? 
_reflns_shell.pdbx_ordinal                1 
_reflns_shell.pdbx_diffrn_id              1 
# 
_refine.entry_id                                 4F2L 
_refine.ls_number_reflns_obs                     24447 
_refine.ls_number_reflns_all                     24447 
_refine.pdbx_ls_sigma_I                          ? 
_refine.pdbx_ls_sigma_F                          1.90 
_refine.pdbx_data_cutoff_high_absF               ? 
_refine.pdbx_data_cutoff_low_absF                ? 
_refine.pdbx_data_cutoff_high_rms_absF           ? 
_refine.ls_d_res_low                             24.372 
_refine.ls_d_res_high                            1.500 
_refine.ls_percent_reflns_obs                    99.47 
_refine.ls_R_factor_obs                          0.1833 
_refine.ls_R_factor_all                          ? 
_refine.ls_R_factor_R_work                       0.1819 
_refine.ls_R_factor_R_free                       0.2116 
_refine.ls_R_factor_R_free_error                 ? 
_refine.ls_R_factor_R_free_error_details         ? 
_refine.ls_percent_reflns_R_free                 4.90 
_refine.ls_number_reflns_R_free                  1198 
_refine.ls_number_parameters                     ? 
_refine.ls_number_restraints                     ? 
_refine.occupancy_min                            ? 
_refine.occupancy_max                            ? 
_refine.correlation_coeff_Fo_to_Fc               ? 
_refine.correlation_coeff_Fo_to_Fc_free          ? 
_refine.B_iso_mean                               ? 
_refine.aniso_B[1][1]                            -1.6331 
_refine.aniso_B[2][2]                            5.9066 
_refine.aniso_B[3][3]                            -4.2735 
_refine.aniso_B[1][2]                            0.0000 
_refine.aniso_B[1][3]                            0.0000 
_refine.aniso_B[2][3]                            -0.0000 
_refine.solvent_model_details                    'FLAT BULK SOLVENT MODEL' 
_refine.solvent_model_param_ksol                 0.387 
_refine.solvent_model_param_bsol                 42.764 
_refine.pdbx_solvent_vdw_probe_radii             1.00 
_refine.pdbx_solvent_ion_probe_radii             ? 
_refine.pdbx_solvent_shrinkage_radii             0.73 
_refine.pdbx_ls_cross_valid_method               ? 
_refine.details                                  'THE ENTRY CONTAINS FRIEDEL PAIRS IN F_PLUS/MINUS COLUMNS' 
_refine.pdbx_starting_model                      ? 
_refine.pdbx_method_to_determine_struct          ? 
_refine.pdbx_isotropic_thermal_model             ? 
_refine.pdbx_stereochemistry_target_values       ML 
_refine.pdbx_stereochem_target_val_spec_case     ? 
_refine.pdbx_R_Free_selection_details            RANDOM 
_refine.pdbx_overall_ESU_R                       ? 
_refine.pdbx_overall_ESU_R_Free                  ? 
_refine.overall_SU_ML                            0.18 
_refine.pdbx_overall_phase_error                 17.55 
_refine.overall_SU_B                             ? 
_refine.overall_SU_R_Cruickshank_DPI             ? 
_refine.ls_redundancy_reflns_obs                 ? 
_refine.B_iso_min                                ? 
_refine.B_iso_max                                ? 
_refine.overall_SU_R_free                        ? 
_refine.ls_wR_factor_R_free                      ? 
_refine.ls_wR_factor_R_work                      ? 
_refine.overall_FOM_free_R_set                   ? 
_refine.overall_FOM_work_R_set                   ? 
_refine.pdbx_diffrn_id                           1 
_refine.pdbx_refine_id                           'X-RAY DIFFRACTION' 
_refine.pdbx_TLS_residual_ADP_flag               ? 
_refine.pdbx_overall_SU_R_free_Cruickshank_DPI   ? 
_refine.pdbx_overall_SU_R_Blow_DPI               ? 
_refine.pdbx_overall_SU_R_free_Blow_DPI          ? 
# 
_refine_hist.pdbx_refine_id                   'X-RAY DIFFRACTION' 
_refine_hist.cycle_id                         LAST 
_refine_hist.pdbx_number_atoms_protein        508 
_refine_hist.pdbx_number_atoms_nucleic_acid   0 
_refine_hist.pdbx_number_atoms_ligand         1 
_refine_hist.number_atoms_solvent             79 
_refine_hist.number_atoms_total               588 
_refine_hist.d_res_high                       1.500 
_refine_hist.d_res_low                        24.372 
# 
loop_
_refine_ls_restr.type 
_refine_ls_restr.dev_ideal 
_refine_ls_restr.dev_ideal_target 
_refine_ls_restr.weight 
_refine_ls_restr.number 
_refine_ls_restr.pdbx_refine_id 
_refine_ls_restr.pdbx_restraint_function 
f_bond_d           0.005  ? ? 538 'X-RAY DIFFRACTION' ? 
f_angle_d          0.902  ? ? 730 'X-RAY DIFFRACTION' ? 
f_dihedral_angle_d 15.646 ? ? 207 'X-RAY DIFFRACTION' ? 
f_chiral_restr     0.068  ? ? 78  'X-RAY DIFFRACTION' ? 
f_plane_restr      0.003  ? ? 98  'X-RAY DIFFRACTION' ? 
# 
loop_
_refine_ls_shell.pdbx_refine_id 
_refine_ls_shell.pdbx_total_number_of_bins_used 
_refine_ls_shell.d_res_high 
_refine_ls_shell.d_res_low 
_refine_ls_shell.number_reflns_R_work 
_refine_ls_shell.R_factor_R_work 
_refine_ls_shell.percent_reflns_obs 
_refine_ls_shell.R_factor_R_free 
_refine_ls_shell.R_factor_R_free_error 
_refine_ls_shell.percent_reflns_R_free 
_refine_ls_shell.number_reflns_R_free 
_refine_ls_shell.number_reflns_all 
_refine_ls_shell.R_factor_all 
_refine_ls_shell.redundancy_reflns_obs 
_refine_ls_shell.number_reflns_obs 
'X-RAY DIFFRACTION' 9 1.5001 1.5601  2562 0.2275 99.00  0.2470 . . 150 . . . . 
'X-RAY DIFFRACTION' 9 1.5601 1.6311  2603 0.1987 100.00 0.2332 . . 132 . . . . 
'X-RAY DIFFRACTION' 9 1.6311 1.7171  2559 0.1784 100.00 0.1928 . . 163 . . . . 
'X-RAY DIFFRACTION' 9 1.7171 1.8246  2575 0.1833 100.00 0.2231 . . 138 . . . . 
'X-RAY DIFFRACTION' 9 1.8246 1.9655  2633 0.1682 100.00 0.2349 . . 91  . . . . 
'X-RAY DIFFRACTION' 9 1.9655 2.1631  2600 0.1796 100.00 0.1985 . . 128 . . . . 
'X-RAY DIFFRACTION' 9 2.1631 2.4759  2595 0.1755 100.00 0.1780 . . 147 . . . . 
'X-RAY DIFFRACTION' 9 2.4759 3.1183  2554 0.1820 99.00  0.2205 . . 141 . . . . 
'X-RAY DIFFRACTION' 9 3.1183 24.3753 2568 0.1820 98.00  0.2227 . . 108 . . . . 
# 
_struct.entry_id                  4F2L 
_struct.title                     'Structure of a regulatory domain of AMPK' 
_struct.pdbx_model_details        ? 
_struct.pdbx_CASP_flag            ? 
_struct.pdbx_model_type_details   ? 
# 
_struct_keywords.entry_id        4F2L 
_struct_keywords.pdbx_keywords   TRANSFERASE 
_struct_keywords.text            'regulatory domain, helix, AMPK intramolecular interaction, TRANSFERASE' 
# 
loop_
_struct_asym.id 
_struct_asym.pdbx_blank_PDB_chainid_flag 
_struct_asym.pdbx_modified 
_struct_asym.entity_id 
_struct_asym.details 
A N N 1 ? 
B N N 2 ? 
C N N 3 ? 
# 
_struct_ref.id                         1 
_struct_ref.db_name                    UNP 
_struct_ref.db_code                    AAPK1_RAT 
_struct_ref.pdbx_db_accession          P54645 
_struct_ref.entity_id                  1 
_struct_ref.pdbx_seq_one_letter_code   SSTMIDDEALKEVCEKFECSEEEVLSCLYNRNHQDPLAVAYHLIIDNRRIMNE 
_struct_ref.pdbx_align_begin           295 
_struct_ref.pdbx_db_isoform            ? 
# 
_struct_ref_seq.align_id                      1 
_struct_ref_seq.ref_id                        1 
_struct_ref_seq.pdbx_PDB_id_code              4F2L 
_struct_ref_seq.pdbx_strand_id                A 
_struct_ref_seq.seq_align_beg                 1 
_struct_ref_seq.pdbx_seq_align_beg_ins_code   ? 
_struct_ref_seq.seq_align_end                 53 
_struct_ref_seq.pdbx_seq_align_end_ins_code   ? 
_struct_ref_seq.pdbx_db_accession             P54645 
_struct_ref_seq.db_align_beg                  295 
_struct_ref_seq.pdbx_db_align_beg_ins_code    ? 
_struct_ref_seq.db_align_end                  347 
_struct_ref_seq.pdbx_db_align_end_ins_code    ? 
_struct_ref_seq.pdbx_auth_seq_align_beg       284 
_struct_ref_seq.pdbx_auth_seq_align_end       336 
# 
loop_
_struct_ref_seq_dif.align_id 
_struct_ref_seq_dif.pdbx_pdb_id_code 
_struct_ref_seq_dif.mon_id 
_struct_ref_seq_dif.pdbx_pdb_strand_id 
_struct_ref_seq_dif.seq_num 
_struct_ref_seq_dif.pdbx_pdb_ins_code 
_struct_ref_seq_dif.pdbx_seq_db_name 
_struct_ref_seq_dif.pdbx_seq_db_accession_code 
_struct_ref_seq_dif.db_mon_id 
_struct_ref_seq_dif.pdbx_seq_db_seq_num 
_struct_ref_seq_dif.details 
_struct_ref_seq_dif.pdbx_auth_seq_num 
_struct_ref_seq_dif.pdbx_ordinal 
1 4F2L LEU A 54 ? UNP P54645 ? ? 'expression tag' 337 1 
1 4F2L GLU A 55 ? UNP P54645 ? ? 'expression tag' 338 2 
1 4F2L HIS A 56 ? UNP P54645 ? ? 'expression tag' 339 3 
1 4F2L HIS A 57 ? UNP P54645 ? ? 'expression tag' 340 4 
1 4F2L HIS A 58 ? UNP P54645 ? ? 'expression tag' 341 5 
1 4F2L HIS A 59 ? UNP P54645 ? ? 'expression tag' 342 6 
1 4F2L HIS A 60 ? UNP P54645 ? ? 'expression tag' 343 7 
1 4F2L HIS A 61 ? UNP P54645 ? ? 'expression tag' 344 8 
# 
loop_
_pdbx_struct_assembly.id 
_pdbx_struct_assembly.details 
_pdbx_struct_assembly.method_details 
_pdbx_struct_assembly.oligomeric_details 
_pdbx_struct_assembly.oligomeric_count 
1 author_defined_assembly   ?    monomeric 1 
2 software_defined_assembly PISA dimeric   2 
# 
loop_
_pdbx_struct_assembly_prop.biol_id 
_pdbx_struct_assembly_prop.type 
_pdbx_struct_assembly_prop.value 
_pdbx_struct_assembly_prop.details 
2 'ABSA (A^2)' 1810 ? 
2 MORE         -29  ? 
2 'SSA (A^2)'  8510 ? 
# 
loop_
_pdbx_struct_assembly_gen.assembly_id 
_pdbx_struct_assembly_gen.oper_expression 
_pdbx_struct_assembly_gen.asym_id_list 
1 1   A,B,C 
2 1,2 A,B,C 
# 
loop_
_pdbx_struct_oper_list.id 
_pdbx_struct_oper_list.type 
_pdbx_struct_oper_list.name 
_pdbx_struct_oper_list.symmetry_operation 
_pdbx_struct_oper_list.matrix[1][1] 
_pdbx_struct_oper_list.matrix[1][2] 
_pdbx_struct_oper_list.matrix[1][3] 
_pdbx_struct_oper_list.vector[1] 
_pdbx_struct_oper_list.matrix[2][1] 
_pdbx_struct_oper_list.matrix[2][2] 
_pdbx_struct_oper_list.matrix[2][3] 
_pdbx_struct_oper_list.vector[2] 
_pdbx_struct_oper_list.matrix[3][1] 
_pdbx_struct_oper_list.matrix[3][2] 
_pdbx_struct_oper_list.matrix[3][3] 
_pdbx_struct_oper_list.vector[3] 
1 'identity operation'         1_555 x,y,z     1.0000000000 0.0000000000 0.0000000000 0.0000000000   0.0000000000 1.0000000000  0.0000000000 0.0000000000 0.0000000000 0.0000000000 1.0000000000  0.0000000000  
2 'crystal symmetry operation' 4_556 x,-y,-z+1 0.0912986797 0.1805352434 0.9793219986 -13.1736036412 0.1805352434 -0.9701337730 0.1620107663 3.2774643595 0.9793219986 0.1620107663 -0.1211649067 14.0756956898 
# 
_struct_biol.id        1 
_struct_biol.details   ? 
# 
loop_
_struct_conf.conf_type_id 
_struct_conf.id 
_struct_conf.pdbx_PDB_helix_id 
_struct_conf.beg_label_comp_id 
_struct_conf.beg_label_asym_id 
_struct_conf.beg_label_seq_id 
_struct_conf.pdbx_beg_PDB_ins_code 
_struct_conf.end_label_comp_id 
_struct_conf.end_label_asym_id 
_struct_conf.end_label_seq_id 
_struct_conf.pdbx_end_PDB_ins_code 
_struct_conf.beg_auth_comp_id 
_struct_conf.beg_auth_asym_id 
_struct_conf.beg_auth_seq_id 
_struct_conf.end_auth_comp_id 
_struct_conf.end_auth_asym_id 
_struct_conf.end_auth_seq_id 
_struct_conf.pdbx_PDB_helix_class 
_struct_conf.details 
_struct_conf.pdbx_PDB_helix_length 
HELX_P HELX_P1 1 ASP A 6  ? GLU A 18 ? ASP A 289 GLU A 301 1 ? 13 
HELX_P HELX_P2 2 SER A 20 ? ASN A 30 ? SER A 303 ASN A 313 1 ? 11 
HELX_P HELX_P3 3 ASP A 35 ? HIS A 61 ? ASP A 318 HIS A 344 1 ? 27 
# 
_struct_conf_type.id          HELX_P 
_struct_conf_type.criteria    ? 
_struct_conf_type.reference   ? 
# 
loop_
_struct_conn.id 
_struct_conn.conn_type_id 
_struct_conn.pdbx_leaving_atom_flag 
_struct_conn.pdbx_PDB_id 
_struct_conn.ptnr1_label_asym_id 
_struct_conn.ptnr1_label_comp_id 
_struct_conn.ptnr1_label_seq_id 
_struct_conn.ptnr1_label_atom_id 
_struct_conn.pdbx_ptnr1_label_alt_id 
_struct_conn.pdbx_ptnr1_PDB_ins_code 
_struct_conn.pdbx_ptnr1_standard_comp_id 
_struct_conn.ptnr1_symmetry 
_struct_conn.ptnr2_label_asym_id 
_struct_conn.ptnr2_label_comp_id 
_struct_conn.ptnr2_label_seq_id 
_struct_conn.ptnr2_label_atom_id 
_struct_conn.pdbx_ptnr2_label_alt_id 
_struct_conn.pdbx_ptnr2_PDB_ins_code 
_struct_conn.ptnr1_auth_asym_id 
_struct_conn.ptnr1_auth_comp_id 
_struct_conn.ptnr1_auth_seq_id 
_struct_conn.ptnr2_auth_asym_id 
_struct_conn.ptnr2_auth_comp_id 
_struct_conn.ptnr2_auth_seq_id 
_struct_conn.ptnr2_symmetry 
_struct_conn.pdbx_ptnr3_label_atom_id 
_struct_conn.pdbx_ptnr3_label_seq_id 
_struct_conn.pdbx_ptnr3_label_comp_id 
_struct_conn.pdbx_ptnr3_label_asym_id 
_struct_conn.pdbx_ptnr3_label_alt_id 
_struct_conn.pdbx_ptnr3_PDB_ins_code 
_struct_conn.details 
_struct_conn.pdbx_dist_value 
_struct_conn.pdbx_value_order 
_struct_conn.pdbx_role 
covale1 covale both ? A THR 3  C  ? ? ? 1_555 A MSE 4  N ? ? A THR 286 A MSE 287 1_555 ? ? ? ? ? ? ? 1.326 ? ? 
covale2 covale both ? A MSE 4  C  ? ? ? 1_555 A ILE 5  N ? ? A MSE 287 A ILE 288 1_555 ? ? ? ? ? ? ? 1.325 ? ? 
covale3 covale both ? A ILE 50 C  ? ? ? 1_555 A MSE 51 N ? ? A ILE 333 A MSE 334 1_555 ? ? ? ? ? ? ? 1.331 ? ? 
covale4 covale both ? A MSE 51 C  ? ? ? 1_555 A ASN 52 N ? ? A MSE 334 A ASN 335 1_555 ? ? ? ? ? ? ? 1.329 ? ? 
metalc1 metalc ?    ? B MG  .  MG ? ? ? 1_555 C HOH .  O ? ? A MG  401 A HOH 572 1_555 ? ? ? ? ? ? ? 2.364 ? ? 
metalc2 metalc ?    ? B MG  .  MG ? ? ? 1_555 C HOH .  O ? ? A MG  401 A HOH 573 1_555 ? ? ? ? ? ? ? 2.080 ? ? 
metalc3 metalc ?    ? B MG  .  MG ? ? ? 1_555 C HOH .  O ? ? A MG  401 A HOH 574 1_555 ? ? ? ? ? ? ? 2.040 ? ? 
metalc4 metalc ?    ? B MG  .  MG ? ? ? 1_555 C HOH .  O ? ? A MG  401 A HOH 575 1_555 ? ? ? ? ? ? ? 2.093 ? ? 
metalc5 metalc ?    ? B MG  .  MG ? ? ? 1_555 C HOH .  O ? ? A MG  401 A HOH 576 1_555 ? ? ? ? ? ? ? 2.014 ? ? 
metalc6 metalc ?    ? B MG  .  MG ? ? ? 1_555 C HOH .  O ? ? A MG  401 A HOH 577 1_555 ? ? ? ? ? ? ? 2.301 ? ? 
# 
loop_
_struct_conn_type.id 
_struct_conn_type.criteria 
_struct_conn_type.reference 
covale ? ? 
metalc ? ? 
# 
loop_
_pdbx_struct_conn_angle.id 
_pdbx_struct_conn_angle.ptnr1_label_atom_id 
_pdbx_struct_conn_angle.ptnr1_label_alt_id 
_pdbx_struct_conn_angle.ptnr1_label_asym_id 
_pdbx_struct_conn_angle.ptnr1_label_comp_id 
_pdbx_struct_conn_angle.ptnr1_label_seq_id 
_pdbx_struct_conn_angle.ptnr1_auth_atom_id 
_pdbx_struct_conn_angle.ptnr1_auth_asym_id 
_pdbx_struct_conn_angle.ptnr1_auth_comp_id 
_pdbx_struct_conn_angle.ptnr1_auth_seq_id 
_pdbx_struct_conn_angle.ptnr1_PDB_ins_code 
_pdbx_struct_conn_angle.ptnr1_symmetry 
_pdbx_struct_conn_angle.ptnr2_label_atom_id 
_pdbx_struct_conn_angle.ptnr2_label_alt_id 
_pdbx_struct_conn_angle.ptnr2_label_asym_id 
_pdbx_struct_conn_angle.ptnr2_label_comp_id 
_pdbx_struct_conn_angle.ptnr2_label_seq_id 
_pdbx_struct_conn_angle.ptnr2_auth_atom_id 
_pdbx_struct_conn_angle.ptnr2_auth_asym_id 
_pdbx_struct_conn_angle.ptnr2_auth_comp_id 
_pdbx_struct_conn_angle.ptnr2_auth_seq_id 
_pdbx_struct_conn_angle.ptnr2_PDB_ins_code 
_pdbx_struct_conn_angle.ptnr2_symmetry 
_pdbx_struct_conn_angle.ptnr3_label_atom_id 
_pdbx_struct_conn_angle.ptnr3_label_alt_id 
_pdbx_struct_conn_angle.ptnr3_label_asym_id 
_pdbx_struct_conn_angle.ptnr3_label_comp_id 
_pdbx_struct_conn_angle.ptnr3_label_seq_id 
_pdbx_struct_conn_angle.ptnr3_auth_atom_id 
_pdbx_struct_conn_angle.ptnr3_auth_asym_id 
_pdbx_struct_conn_angle.ptnr3_auth_comp_id 
_pdbx_struct_conn_angle.ptnr3_auth_seq_id 
_pdbx_struct_conn_angle.ptnr3_PDB_ins_code 
_pdbx_struct_conn_angle.ptnr3_symmetry 
_pdbx_struct_conn_angle.value 
_pdbx_struct_conn_angle.value_esd 
1  O ? C HOH . ? A HOH 572 ? 1_555 MG ? B MG . ? A MG 401 ? 1_555 O ? C HOH . ? A HOH 573 ? 1_555 90.1  ? 
2  O ? C HOH . ? A HOH 572 ? 1_555 MG ? B MG . ? A MG 401 ? 1_555 O ? C HOH . ? A HOH 574 ? 1_555 87.6  ? 
3  O ? C HOH . ? A HOH 573 ? 1_555 MG ? B MG . ? A MG 401 ? 1_555 O ? C HOH . ? A HOH 574 ? 1_555 91.5  ? 
4  O ? C HOH . ? A HOH 572 ? 1_555 MG ? B MG . ? A MG 401 ? 1_555 O ? C HOH . ? A HOH 575 ? 1_555 85.2  ? 
5  O ? C HOH . ? A HOH 573 ? 1_555 MG ? B MG . ? A MG 401 ? 1_555 O ? C HOH . ? A HOH 575 ? 1_555 175.2 ? 
6  O ? C HOH . ? A HOH 574 ? 1_555 MG ? B MG . ? A MG 401 ? 1_555 O ? C HOH . ? A HOH 575 ? 1_555 89.2  ? 
7  O ? C HOH . ? A HOH 572 ? 1_555 MG ? B MG . ? A MG 401 ? 1_555 O ? C HOH . ? A HOH 576 ? 1_555 174.9 ? 
8  O ? C HOH . ? A HOH 573 ? 1_555 MG ? B MG . ? A MG 401 ? 1_555 O ? C HOH . ? A HOH 576 ? 1_555 95.0  ? 
9  O ? C HOH . ? A HOH 574 ? 1_555 MG ? B MG . ? A MG 401 ? 1_555 O ? C HOH . ? A HOH 576 ? 1_555 92.1  ? 
10 O ? C HOH . ? A HOH 575 ? 1_555 MG ? B MG . ? A MG 401 ? 1_555 O ? C HOH . ? A HOH 576 ? 1_555 89.7  ? 
11 O ? C HOH . ? A HOH 572 ? 1_555 MG ? B MG . ? A MG 401 ? 1_555 O ? C HOH . ? A HOH 577 ? 1_555 89.7  ? 
12 O ? C HOH . ? A HOH 573 ? 1_555 MG ? B MG . ? A MG 401 ? 1_555 O ? C HOH . ? A HOH 577 ? 1_555 97.1  ? 
13 O ? C HOH . ? A HOH 574 ? 1_555 MG ? B MG . ? A MG 401 ? 1_555 O ? C HOH . ? A HOH 577 ? 1_555 171.1 ? 
14 O ? C HOH . ? A HOH 575 ? 1_555 MG ? B MG . ? A MG 401 ? 1_555 O ? C HOH . ? A HOH 577 ? 1_555 82.1  ? 
15 O ? C HOH . ? A HOH 576 ? 1_555 MG ? B MG . ? A MG 401 ? 1_555 O ? C HOH . ? A HOH 577 ? 1_555 89.7  ? 
# 
loop_
_pdbx_modification_feature.ordinal 
_pdbx_modification_feature.label_comp_id 
_pdbx_modification_feature.label_asym_id 
_pdbx_modification_feature.label_seq_id 
_pdbx_modification_feature.label_alt_id 
_pdbx_modification_feature.modified_residue_label_comp_id 
_pdbx_modification_feature.modified_residue_label_asym_id 
_pdbx_modification_feature.modified_residue_label_seq_id 
_pdbx_modification_feature.modified_residue_label_alt_id 
_pdbx_modification_feature.auth_comp_id 
_pdbx_modification_feature.auth_asym_id 
_pdbx_modification_feature.auth_seq_id 
_pdbx_modification_feature.PDB_ins_code 
_pdbx_modification_feature.symmetry 
_pdbx_modification_feature.modified_residue_auth_comp_id 
_pdbx_modification_feature.modified_residue_auth_asym_id 
_pdbx_modification_feature.modified_residue_auth_seq_id 
_pdbx_modification_feature.modified_residue_PDB_ins_code 
_pdbx_modification_feature.modified_residue_symmetry 
_pdbx_modification_feature.comp_id_linking_atom 
_pdbx_modification_feature.modified_residue_id_linking_atom 
_pdbx_modification_feature.modified_residue_id 
_pdbx_modification_feature.ref_pcm_id 
_pdbx_modification_feature.ref_comp_id 
_pdbx_modification_feature.type 
_pdbx_modification_feature.category 
1 MSE A 4  ? . . . . MSE A 287 ? 1_555 . . . . . . . MET 1 MSE Selenomethionine 'Named protein modification' 
2 MSE A 51 ? . . . . MSE A 334 ? 1_555 . . . . . . . MET 1 MSE Selenomethionine 'Named protein modification' 
# 
_struct_site.id                   AC1 
_struct_site.pdbx_evidence_code   Software 
_struct_site.pdbx_auth_asym_id    A 
_struct_site.pdbx_auth_comp_id    MG 
_struct_site.pdbx_auth_seq_id     401 
_struct_site.pdbx_auth_ins_code   ? 
_struct_site.pdbx_num_residues    6 
_struct_site.details              'BINDING SITE FOR RESIDUE MG A 401' 
# 
loop_
_struct_site_gen.id 
_struct_site_gen.site_id 
_struct_site_gen.pdbx_num_res 
_struct_site_gen.label_comp_id 
_struct_site_gen.label_asym_id 
_struct_site_gen.label_seq_id 
_struct_site_gen.pdbx_auth_ins_code 
_struct_site_gen.auth_comp_id 
_struct_site_gen.auth_asym_id 
_struct_site_gen.auth_seq_id 
_struct_site_gen.label_atom_id 
_struct_site_gen.label_alt_id 
_struct_site_gen.symmetry 
_struct_site_gen.details 
1 AC1 6 HOH C . ? HOH A 572 . ? 1_555 ? 
2 AC1 6 HOH C . ? HOH A 573 . ? 1_555 ? 
3 AC1 6 HOH C . ? HOH A 574 . ? 1_555 ? 
4 AC1 6 HOH C . ? HOH A 575 . ? 1_555 ? 
5 AC1 6 HOH C . ? HOH A 576 . ? 1_555 ? 
6 AC1 6 HOH C . ? HOH A 577 . ? 1_555 ? 
# 
_pdbx_entry_details.entry_id                   4F2L 
_pdbx_entry_details.compound_details           ? 
_pdbx_entry_details.source_details             ? 
_pdbx_entry_details.nonpolymer_details         ? 
_pdbx_entry_details.sequence_details           ? 
_pdbx_entry_details.has_ligand_of_interest     ? 
_pdbx_entry_details.has_protein_modification   Y 
# 
loop_
_pdbx_struct_mod_residue.id 
_pdbx_struct_mod_residue.label_asym_id 
_pdbx_struct_mod_residue.label_comp_id 
_pdbx_struct_mod_residue.label_seq_id 
_pdbx_struct_mod_residue.auth_asym_id 
_pdbx_struct_mod_residue.auth_comp_id 
_pdbx_struct_mod_residue.auth_seq_id 
_pdbx_struct_mod_residue.PDB_ins_code 
_pdbx_struct_mod_residue.parent_comp_id 
_pdbx_struct_mod_residue.details 
1 A MSE 4  A MSE 287 ? MET SELENOMETHIONINE 
2 A MSE 51 A MSE 334 ? MET SELENOMETHIONINE 
# 
loop_
_chem_comp_atom.comp_id 
_chem_comp_atom.atom_id 
_chem_comp_atom.type_symbol 
_chem_comp_atom.pdbx_aromatic_flag 
_chem_comp_atom.pdbx_stereo_config 
_chem_comp_atom.pdbx_ordinal 
ALA N    N  N N 1   
ALA CA   C  N S 2   
ALA C    C  N N 3   
ALA O    O  N N 4   
ALA CB   C  N N 5   
ALA OXT  O  N N 6   
ALA H    H  N N 7   
ALA H2   H  N N 8   
ALA HA   H  N N 9   
ALA HB1  H  N N 10  
ALA HB2  H  N N 11  
ALA HB3  H  N N 12  
ALA HXT  H  N N 13  
ARG N    N  N N 14  
ARG CA   C  N S 15  
ARG C    C  N N 16  
ARG O    O  N N 17  
ARG CB   C  N N 18  
ARG CG   C  N N 19  
ARG CD   C  N N 20  
ARG NE   N  N N 21  
ARG CZ   C  N N 22  
ARG NH1  N  N N 23  
ARG NH2  N  N N 24  
ARG OXT  O  N N 25  
ARG H    H  N N 26  
ARG H2   H  N N 27  
ARG HA   H  N N 28  
ARG HB2  H  N N 29  
ARG HB3  H  N N 30  
ARG HG2  H  N N 31  
ARG HG3  H  N N 32  
ARG HD2  H  N N 33  
ARG HD3  H  N N 34  
ARG HE   H  N N 35  
ARG HH11 H  N N 36  
ARG HH12 H  N N 37  
ARG HH21 H  N N 38  
ARG HH22 H  N N 39  
ARG HXT  H  N N 40  
ASN N    N  N N 41  
ASN CA   C  N S 42  
ASN C    C  N N 43  
ASN O    O  N N 44  
ASN CB   C  N N 45  
ASN CG   C  N N 46  
ASN OD1  O  N N 47  
ASN ND2  N  N N 48  
ASN OXT  O  N N 49  
ASN H    H  N N 50  
ASN H2   H  N N 51  
ASN HA   H  N N 52  
ASN HB2  H  N N 53  
ASN HB3  H  N N 54  
ASN HD21 H  N N 55  
ASN HD22 H  N N 56  
ASN HXT  H  N N 57  
ASP N    N  N N 58  
ASP CA   C  N S 59  
ASP C    C  N N 60  
ASP O    O  N N 61  
ASP CB   C  N N 62  
ASP CG   C  N N 63  
ASP OD1  O  N N 64  
ASP OD2  O  N N 65  
ASP OXT  O  N N 66  
ASP H    H  N N 67  
ASP H2   H  N N 68  
ASP HA   H  N N 69  
ASP HB2  H  N N 70  
ASP HB3  H  N N 71  
ASP HD2  H  N N 72  
ASP HXT  H  N N 73  
CYS N    N  N N 74  
CYS CA   C  N R 75  
CYS C    C  N N 76  
CYS O    O  N N 77  
CYS CB   C  N N 78  
CYS SG   S  N N 79  
CYS OXT  O  N N 80  
CYS H    H  N N 81  
CYS H2   H  N N 82  
CYS HA   H  N N 83  
CYS HB2  H  N N 84  
CYS HB3  H  N N 85  
CYS HG   H  N N 86  
CYS HXT  H  N N 87  
GLN N    N  N N 88  
GLN CA   C  N S 89  
GLN C    C  N N 90  
GLN O    O  N N 91  
GLN CB   C  N N 92  
GLN CG   C  N N 93  
GLN CD   C  N N 94  
GLN OE1  O  N N 95  
GLN NE2  N  N N 96  
GLN OXT  O  N N 97  
GLN H    H  N N 98  
GLN H2   H  N N 99  
GLN HA   H  N N 100 
GLN HB2  H  N N 101 
GLN HB3  H  N N 102 
GLN HG2  H  N N 103 
GLN HG3  H  N N 104 
GLN HE21 H  N N 105 
GLN HE22 H  N N 106 
GLN HXT  H  N N 107 
GLU N    N  N N 108 
GLU CA   C  N S 109 
GLU C    C  N N 110 
GLU O    O  N N 111 
GLU CB   C  N N 112 
GLU CG   C  N N 113 
GLU CD   C  N N 114 
GLU OE1  O  N N 115 
GLU OE2  O  N N 116 
GLU OXT  O  N N 117 
GLU H    H  N N 118 
GLU H2   H  N N 119 
GLU HA   H  N N 120 
GLU HB2  H  N N 121 
GLU HB3  H  N N 122 
GLU HG2  H  N N 123 
GLU HG3  H  N N 124 
GLU HE2  H  N N 125 
GLU HXT  H  N N 126 
HIS N    N  N N 127 
HIS CA   C  N S 128 
HIS C    C  N N 129 
HIS O    O  N N 130 
HIS CB   C  N N 131 
HIS CG   C  Y N 132 
HIS ND1  N  Y N 133 
HIS CD2  C  Y N 134 
HIS CE1  C  Y N 135 
HIS NE2  N  Y N 136 
HIS OXT  O  N N 137 
HIS H    H  N N 138 
HIS H2   H  N N 139 
HIS HA   H  N N 140 
HIS HB2  H  N N 141 
HIS HB3  H  N N 142 
HIS HD1  H  N N 143 
HIS HD2  H  N N 144 
HIS HE1  H  N N 145 
HIS HE2  H  N N 146 
HIS HXT  H  N N 147 
HOH O    O  N N 148 
HOH H1   H  N N 149 
HOH H2   H  N N 150 
ILE N    N  N N 151 
ILE CA   C  N S 152 
ILE C    C  N N 153 
ILE O    O  N N 154 
ILE CB   C  N S 155 
ILE CG1  C  N N 156 
ILE CG2  C  N N 157 
ILE CD1  C  N N 158 
ILE OXT  O  N N 159 
ILE H    H  N N 160 
ILE H2   H  N N 161 
ILE HA   H  N N 162 
ILE HB   H  N N 163 
ILE HG12 H  N N 164 
ILE HG13 H  N N 165 
ILE HG21 H  N N 166 
ILE HG22 H  N N 167 
ILE HG23 H  N N 168 
ILE HD11 H  N N 169 
ILE HD12 H  N N 170 
ILE HD13 H  N N 171 
ILE HXT  H  N N 172 
LEU N    N  N N 173 
LEU CA   C  N S 174 
LEU C    C  N N 175 
LEU O    O  N N 176 
LEU CB   C  N N 177 
LEU CG   C  N N 178 
LEU CD1  C  N N 179 
LEU CD2  C  N N 180 
LEU OXT  O  N N 181 
LEU H    H  N N 182 
LEU H2   H  N N 183 
LEU HA   H  N N 184 
LEU HB2  H  N N 185 
LEU HB3  H  N N 186 
LEU HG   H  N N 187 
LEU HD11 H  N N 188 
LEU HD12 H  N N 189 
LEU HD13 H  N N 190 
LEU HD21 H  N N 191 
LEU HD22 H  N N 192 
LEU HD23 H  N N 193 
LEU HXT  H  N N 194 
LYS N    N  N N 195 
LYS CA   C  N S 196 
LYS C    C  N N 197 
LYS O    O  N N 198 
LYS CB   C  N N 199 
LYS CG   C  N N 200 
LYS CD   C  N N 201 
LYS CE   C  N N 202 
LYS NZ   N  N N 203 
LYS OXT  O  N N 204 
LYS H    H  N N 205 
LYS H2   H  N N 206 
LYS HA   H  N N 207 
LYS HB2  H  N N 208 
LYS HB3  H  N N 209 
LYS HG2  H  N N 210 
LYS HG3  H  N N 211 
LYS HD2  H  N N 212 
LYS HD3  H  N N 213 
LYS HE2  H  N N 214 
LYS HE3  H  N N 215 
LYS HZ1  H  N N 216 
LYS HZ2  H  N N 217 
LYS HZ3  H  N N 218 
LYS HXT  H  N N 219 
MG  MG   MG N N 220 
MSE N    N  N N 221 
MSE CA   C  N S 222 
MSE C    C  N N 223 
MSE O    O  N N 224 
MSE OXT  O  N N 225 
MSE CB   C  N N 226 
MSE CG   C  N N 227 
MSE SE   SE N N 228 
MSE CE   C  N N 229 
MSE H    H  N N 230 
MSE H2   H  N N 231 
MSE HA   H  N N 232 
MSE HXT  H  N N 233 
MSE HB2  H  N N 234 
MSE HB3  H  N N 235 
MSE HG2  H  N N 236 
MSE HG3  H  N N 237 
MSE HE1  H  N N 238 
MSE HE2  H  N N 239 
MSE HE3  H  N N 240 
PHE N    N  N N 241 
PHE CA   C  N S 242 
PHE C    C  N N 243 
PHE O    O  N N 244 
PHE CB   C  N N 245 
PHE CG   C  Y N 246 
PHE CD1  C  Y N 247 
PHE CD2  C  Y N 248 
PHE CE1  C  Y N 249 
PHE CE2  C  Y N 250 
PHE CZ   C  Y N 251 
PHE OXT  O  N N 252 
PHE H    H  N N 253 
PHE H2   H  N N 254 
PHE HA   H  N N 255 
PHE HB2  H  N N 256 
PHE HB3  H  N N 257 
PHE HD1  H  N N 258 
PHE HD2  H  N N 259 
PHE HE1  H  N N 260 
PHE HE2  H  N N 261 
PHE HZ   H  N N 262 
PHE HXT  H  N N 263 
PRO N    N  N N 264 
PRO CA   C  N S 265 
PRO C    C  N N 266 
PRO O    O  N N 267 
PRO CB   C  N N 268 
PRO CG   C  N N 269 
PRO CD   C  N N 270 
PRO OXT  O  N N 271 
PRO H    H  N N 272 
PRO HA   H  N N 273 
PRO HB2  H  N N 274 
PRO HB3  H  N N 275 
PRO HG2  H  N N 276 
PRO HG3  H  N N 277 
PRO HD2  H  N N 278 
PRO HD3  H  N N 279 
PRO HXT  H  N N 280 
SER N    N  N N 281 
SER CA   C  N S 282 
SER C    C  N N 283 
SER O    O  N N 284 
SER CB   C  N N 285 
SER OG   O  N N 286 
SER OXT  O  N N 287 
SER H    H  N N 288 
SER H2   H  N N 289 
SER HA   H  N N 290 
SER HB2  H  N N 291 
SER HB3  H  N N 292 
SER HG   H  N N 293 
SER HXT  H  N N 294 
THR N    N  N N 295 
THR CA   C  N S 296 
THR C    C  N N 297 
THR O    O  N N 298 
THR CB   C  N R 299 
THR OG1  O  N N 300 
THR CG2  C  N N 301 
THR OXT  O  N N 302 
THR H    H  N N 303 
THR H2   H  N N 304 
THR HA   H  N N 305 
THR HB   H  N N 306 
THR HG1  H  N N 307 
THR HG21 H  N N 308 
THR HG22 H  N N 309 
THR HG23 H  N N 310 
THR HXT  H  N N 311 
TYR N    N  N N 312 
TYR CA   C  N S 313 
TYR C    C  N N 314 
TYR O    O  N N 315 
TYR CB   C  N N 316 
TYR CG   C  Y N 317 
TYR CD1  C  Y N 318 
TYR CD2  C  Y N 319 
TYR CE1  C  Y N 320 
TYR CE2  C  Y N 321 
TYR CZ   C  Y N 322 
TYR OH   O  N N 323 
TYR OXT  O  N N 324 
TYR H    H  N N 325 
TYR H2   H  N N 326 
TYR HA   H  N N 327 
TYR HB2  H  N N 328 
TYR HB3  H  N N 329 
TYR HD1  H  N N 330 
TYR HD2  H  N N 331 
TYR HE1  H  N N 332 
TYR HE2  H  N N 333 
TYR HH   H  N N 334 
TYR HXT  H  N N 335 
VAL N    N  N N 336 
VAL CA   C  N S 337 
VAL C    C  N N 338 
VAL O    O  N N 339 
VAL CB   C  N N 340 
VAL CG1  C  N N 341 
VAL CG2  C  N N 342 
VAL OXT  O  N N 343 
VAL H    H  N N 344 
VAL H2   H  N N 345 
VAL HA   H  N N 346 
VAL HB   H  N N 347 
VAL HG11 H  N N 348 
VAL HG12 H  N N 349 
VAL HG13 H  N N 350 
VAL HG21 H  N N 351 
VAL HG22 H  N N 352 
VAL HG23 H  N N 353 
VAL HXT  H  N N 354 
# 
loop_
_chem_comp_bond.comp_id 
_chem_comp_bond.atom_id_1 
_chem_comp_bond.atom_id_2 
_chem_comp_bond.value_order 
_chem_comp_bond.pdbx_aromatic_flag 
_chem_comp_bond.pdbx_stereo_config 
_chem_comp_bond.pdbx_ordinal 
ALA N   CA   sing N N 1   
ALA N   H    sing N N 2   
ALA N   H2   sing N N 3   
ALA CA  C    sing N N 4   
ALA CA  CB   sing N N 5   
ALA CA  HA   sing N N 6   
ALA C   O    doub N N 7   
ALA C   OXT  sing N N 8   
ALA CB  HB1  sing N N 9   
ALA CB  HB2  sing N N 10  
ALA CB  HB3  sing N N 11  
ALA OXT HXT  sing N N 12  
ARG N   CA   sing N N 13  
ARG N   H    sing N N 14  
ARG N   H2   sing N N 15  
ARG CA  C    sing N N 16  
ARG CA  CB   sing N N 17  
ARG CA  HA   sing N N 18  
ARG C   O    doub N N 19  
ARG C   OXT  sing N N 20  
ARG CB  CG   sing N N 21  
ARG CB  HB2  sing N N 22  
ARG CB  HB3  sing N N 23  
ARG CG  CD   sing N N 24  
ARG CG  HG2  sing N N 25  
ARG CG  HG3  sing N N 26  
ARG CD  NE   sing N N 27  
ARG CD  HD2  sing N N 28  
ARG CD  HD3  sing N N 29  
ARG NE  CZ   sing N N 30  
ARG NE  HE   sing N N 31  
ARG CZ  NH1  sing N N 32  
ARG CZ  NH2  doub N N 33  
ARG NH1 HH11 sing N N 34  
ARG NH1 HH12 sing N N 35  
ARG NH2 HH21 sing N N 36  
ARG NH2 HH22 sing N N 37  
ARG OXT HXT  sing N N 38  
ASN N   CA   sing N N 39  
ASN N   H    sing N N 40  
ASN N   H2   sing N N 41  
ASN CA  C    sing N N 42  
ASN CA  CB   sing N N 43  
ASN CA  HA   sing N N 44  
ASN C   O    doub N N 45  
ASN C   OXT  sing N N 46  
ASN CB  CG   sing N N 47  
ASN CB  HB2  sing N N 48  
ASN CB  HB3  sing N N 49  
ASN CG  OD1  doub N N 50  
ASN CG  ND2  sing N N 51  
ASN ND2 HD21 sing N N 52  
ASN ND2 HD22 sing N N 53  
ASN OXT HXT  sing N N 54  
ASP N   CA   sing N N 55  
ASP N   H    sing N N 56  
ASP N   H2   sing N N 57  
ASP CA  C    sing N N 58  
ASP CA  CB   sing N N 59  
ASP CA  HA   sing N N 60  
ASP C   O    doub N N 61  
ASP C   OXT  sing N N 62  
ASP CB  CG   sing N N 63  
ASP CB  HB2  sing N N 64  
ASP CB  HB3  sing N N 65  
ASP CG  OD1  doub N N 66  
ASP CG  OD2  sing N N 67  
ASP OD2 HD2  sing N N 68  
ASP OXT HXT  sing N N 69  
CYS N   CA   sing N N 70  
CYS N   H    sing N N 71  
CYS N   H2   sing N N 72  
CYS CA  C    sing N N 73  
CYS CA  CB   sing N N 74  
CYS CA  HA   sing N N 75  
CYS C   O    doub N N 76  
CYS C   OXT  sing N N 77  
CYS CB  SG   sing N N 78  
CYS CB  HB2  sing N N 79  
CYS CB  HB3  sing N N 80  
CYS SG  HG   sing N N 81  
CYS OXT HXT  sing N N 82  
GLN N   CA   sing N N 83  
GLN N   H    sing N N 84  
GLN N   H2   sing N N 85  
GLN CA  C    sing N N 86  
GLN CA  CB   sing N N 87  
GLN CA  HA   sing N N 88  
GLN C   O    doub N N 89  
GLN C   OXT  sing N N 90  
GLN CB  CG   sing N N 91  
GLN CB  HB2  sing N N 92  
GLN CB  HB3  sing N N 93  
GLN CG  CD   sing N N 94  
GLN CG  HG2  sing N N 95  
GLN CG  HG3  sing N N 96  
GLN CD  OE1  doub N N 97  
GLN CD  NE2  sing N N 98  
GLN NE2 HE21 sing N N 99  
GLN NE2 HE22 sing N N 100 
GLN OXT HXT  sing N N 101 
GLU N   CA   sing N N 102 
GLU N   H    sing N N 103 
GLU N   H2   sing N N 104 
GLU CA  C    sing N N 105 
GLU CA  CB   sing N N 106 
GLU CA  HA   sing N N 107 
GLU C   O    doub N N 108 
GLU C   OXT  sing N N 109 
GLU CB  CG   sing N N 110 
GLU CB  HB2  sing N N 111 
GLU CB  HB3  sing N N 112 
GLU CG  CD   sing N N 113 
GLU CG  HG2  sing N N 114 
GLU CG  HG3  sing N N 115 
GLU CD  OE1  doub N N 116 
GLU CD  OE2  sing N N 117 
GLU OE2 HE2  sing N N 118 
GLU OXT HXT  sing N N 119 
HIS N   CA   sing N N 120 
HIS N   H    sing N N 121 
HIS N   H2   sing N N 122 
HIS CA  C    sing N N 123 
HIS CA  CB   sing N N 124 
HIS CA  HA   sing N N 125 
HIS C   O    doub N N 126 
HIS C   OXT  sing N N 127 
HIS CB  CG   sing N N 128 
HIS CB  HB2  sing N N 129 
HIS CB  HB3  sing N N 130 
HIS CG  ND1  sing Y N 131 
HIS CG  CD2  doub Y N 132 
HIS ND1 CE1  doub Y N 133 
HIS ND1 HD1  sing N N 134 
HIS CD2 NE2  sing Y N 135 
HIS CD2 HD2  sing N N 136 
HIS CE1 NE2  sing Y N 137 
HIS CE1 HE1  sing N N 138 
HIS NE2 HE2  sing N N 139 
HIS OXT HXT  sing N N 140 
HOH O   H1   sing N N 141 
HOH O   H2   sing N N 142 
ILE N   CA   sing N N 143 
ILE N   H    sing N N 144 
ILE N   H2   sing N N 145 
ILE CA  C    sing N N 146 
ILE CA  CB   sing N N 147 
ILE CA  HA   sing N N 148 
ILE C   O    doub N N 149 
ILE C   OXT  sing N N 150 
ILE CB  CG1  sing N N 151 
ILE CB  CG2  sing N N 152 
ILE CB  HB   sing N N 153 
ILE CG1 CD1  sing N N 154 
ILE CG1 HG12 sing N N 155 
ILE CG1 HG13 sing N N 156 
ILE CG2 HG21 sing N N 157 
ILE CG2 HG22 sing N N 158 
ILE CG2 HG23 sing N N 159 
ILE CD1 HD11 sing N N 160 
ILE CD1 HD12 sing N N 161 
ILE CD1 HD13 sing N N 162 
ILE OXT HXT  sing N N 163 
LEU N   CA   sing N N 164 
LEU N   H    sing N N 165 
LEU N   H2   sing N N 166 
LEU CA  C    sing N N 167 
LEU CA  CB   sing N N 168 
LEU CA  HA   sing N N 169 
LEU C   O    doub N N 170 
LEU C   OXT  sing N N 171 
LEU CB  CG   sing N N 172 
LEU CB  HB2  sing N N 173 
LEU CB  HB3  sing N N 174 
LEU CG  CD1  sing N N 175 
LEU CG  CD2  sing N N 176 
LEU CG  HG   sing N N 177 
LEU CD1 HD11 sing N N 178 
LEU CD1 HD12 sing N N 179 
LEU CD1 HD13 sing N N 180 
LEU CD2 HD21 sing N N 181 
LEU CD2 HD22 sing N N 182 
LEU CD2 HD23 sing N N 183 
LEU OXT HXT  sing N N 184 
LYS N   CA   sing N N 185 
LYS N   H    sing N N 186 
LYS N   H2   sing N N 187 
LYS CA  C    sing N N 188 
LYS CA  CB   sing N N 189 
LYS CA  HA   sing N N 190 
LYS C   O    doub N N 191 
LYS C   OXT  sing N N 192 
LYS CB  CG   sing N N 193 
LYS CB  HB2  sing N N 194 
LYS CB  HB3  sing N N 195 
LYS CG  CD   sing N N 196 
LYS CG  HG2  sing N N 197 
LYS CG  HG3  sing N N 198 
LYS CD  CE   sing N N 199 
LYS CD  HD2  sing N N 200 
LYS CD  HD3  sing N N 201 
LYS CE  NZ   sing N N 202 
LYS CE  HE2  sing N N 203 
LYS CE  HE3  sing N N 204 
LYS NZ  HZ1  sing N N 205 
LYS NZ  HZ2  sing N N 206 
LYS NZ  HZ3  sing N N 207 
LYS OXT HXT  sing N N 208 
MSE N   CA   sing N N 209 
MSE N   H    sing N N 210 
MSE N   H2   sing N N 211 
MSE CA  C    sing N N 212 
MSE CA  CB   sing N N 213 
MSE CA  HA   sing N N 214 
MSE C   O    doub N N 215 
MSE C   OXT  sing N N 216 
MSE OXT HXT  sing N N 217 
MSE CB  CG   sing N N 218 
MSE CB  HB2  sing N N 219 
MSE CB  HB3  sing N N 220 
MSE CG  SE   sing N N 221 
MSE CG  HG2  sing N N 222 
MSE CG  HG3  sing N N 223 
MSE SE  CE   sing N N 224 
MSE CE  HE1  sing N N 225 
MSE CE  HE2  sing N N 226 
MSE CE  HE3  sing N N 227 
PHE N   CA   sing N N 228 
PHE N   H    sing N N 229 
PHE N   H2   sing N N 230 
PHE CA  C    sing N N 231 
PHE CA  CB   sing N N 232 
PHE CA  HA   sing N N 233 
PHE C   O    doub N N 234 
PHE C   OXT  sing N N 235 
PHE CB  CG   sing N N 236 
PHE CB  HB2  sing N N 237 
PHE CB  HB3  sing N N 238 
PHE CG  CD1  doub Y N 239 
PHE CG  CD2  sing Y N 240 
PHE CD1 CE1  sing Y N 241 
PHE CD1 HD1  sing N N 242 
PHE CD2 CE2  doub Y N 243 
PHE CD2 HD2  sing N N 244 
PHE CE1 CZ   doub Y N 245 
PHE CE1 HE1  sing N N 246 
PHE CE2 CZ   sing Y N 247 
PHE CE2 HE2  sing N N 248 
PHE CZ  HZ   sing N N 249 
PHE OXT HXT  sing N N 250 
PRO N   CA   sing N N 251 
PRO N   CD   sing N N 252 
PRO N   H    sing N N 253 
PRO CA  C    sing N N 254 
PRO CA  CB   sing N N 255 
PRO CA  HA   sing N N 256 
PRO C   O    doub N N 257 
PRO C   OXT  sing N N 258 
PRO CB  CG   sing N N 259 
PRO CB  HB2  sing N N 260 
PRO CB  HB3  sing N N 261 
PRO CG  CD   sing N N 262 
PRO CG  HG2  sing N N 263 
PRO CG  HG3  sing N N 264 
PRO CD  HD2  sing N N 265 
PRO CD  HD3  sing N N 266 
PRO OXT HXT  sing N N 267 
SER N   CA   sing N N 268 
SER N   H    sing N N 269 
SER N   H2   sing N N 270 
SER CA  C    sing N N 271 
SER CA  CB   sing N N 272 
SER CA  HA   sing N N 273 
SER C   O    doub N N 274 
SER C   OXT  sing N N 275 
SER CB  OG   sing N N 276 
SER CB  HB2  sing N N 277 
SER CB  HB3  sing N N 278 
SER OG  HG   sing N N 279 
SER OXT HXT  sing N N 280 
THR N   CA   sing N N 281 
THR N   H    sing N N 282 
THR N   H2   sing N N 283 
THR CA  C    sing N N 284 
THR CA  CB   sing N N 285 
THR CA  HA   sing N N 286 
THR C   O    doub N N 287 
THR C   OXT  sing N N 288 
THR CB  OG1  sing N N 289 
THR CB  CG2  sing N N 290 
THR CB  HB   sing N N 291 
THR OG1 HG1  sing N N 292 
THR CG2 HG21 sing N N 293 
THR CG2 HG22 sing N N 294 
THR CG2 HG23 sing N N 295 
THR OXT HXT  sing N N 296 
TYR N   CA   sing N N 297 
TYR N   H    sing N N 298 
TYR N   H2   sing N N 299 
TYR CA  C    sing N N 300 
TYR CA  CB   sing N N 301 
TYR CA  HA   sing N N 302 
TYR C   O    doub N N 303 
TYR C   OXT  sing N N 304 
TYR CB  CG   sing N N 305 
TYR CB  HB2  sing N N 306 
TYR CB  HB3  sing N N 307 
TYR CG  CD1  doub Y N 308 
TYR CG  CD2  sing Y N 309 
TYR CD1 CE1  sing Y N 310 
TYR CD1 HD1  sing N N 311 
TYR CD2 CE2  doub Y N 312 
TYR CD2 HD2  sing N N 313 
TYR CE1 CZ   doub Y N 314 
TYR CE1 HE1  sing N N 315 
TYR CE2 CZ   sing Y N 316 
TYR CE2 HE2  sing N N 317 
TYR CZ  OH   sing N N 318 
TYR OH  HH   sing N N 319 
TYR OXT HXT  sing N N 320 
VAL N   CA   sing N N 321 
VAL N   H    sing N N 322 
VAL N   H2   sing N N 323 
VAL CA  C    sing N N 324 
VAL CA  CB   sing N N 325 
VAL CA  HA   sing N N 326 
VAL C   O    doub N N 327 
VAL C   OXT  sing N N 328 
VAL CB  CG1  sing N N 329 
VAL CB  CG2  sing N N 330 
VAL CB  HB   sing N N 331 
VAL CG1 HG11 sing N N 332 
VAL CG1 HG12 sing N N 333 
VAL CG1 HG13 sing N N 334 
VAL CG2 HG21 sing N N 335 
VAL CG2 HG22 sing N N 336 
VAL CG2 HG23 sing N N 337 
VAL OXT HXT  sing N N 338 
# 
_atom_sites.entry_id                    4F2L 
_atom_sites.fract_transf_matrix[1][1]   -0.03339871 
_atom_sites.fract_transf_matrix[1][2]   -0.00552520 
_atom_sites.fract_transf_matrix[1][3]   -0.02997172 
_atom_sites.fract_transf_matrix[2][1]   -0.00040693 
_atom_sites.fract_transf_matrix[2][2]   -0.02703563 
_atom_sites.fract_transf_matrix[2][3]   0.00543741 
_atom_sites.fract_transf_matrix[3][1]   -0.00682385 
_atom_sites.fract_transf_matrix[3][2]   0.00157370 
_atom_sites.fract_transf_matrix[3][3]   0.00731399 
_atom_sites.fract_transf_vector[1]      0.051056 
_atom_sites.fract_transf_vector[2]      0.003356 
_atom_sites.fract_transf_vector[3]      0.400996 
# 
loop_
_atom_type.symbol 
C  
MG 
N  
O  
S  
SE 
# 
loop_
_atom_site.group_PDB 
_atom_site.id 
_atom_site.type_symbol 
_atom_site.label_atom_id 
_atom_site.label_alt_id 
_atom_site.label_comp_id 
_atom_site.label_asym_id 
_atom_site.label_entity_id 
_atom_site.label_seq_id 
_atom_site.pdbx_PDB_ins_code 
_atom_site.Cartn_x 
_atom_site.Cartn_y 
_atom_site.Cartn_z 
_atom_site.occupancy 
_atom_site.B_iso_or_equiv 
_atom_site.pdbx_formal_charge 
_atom_site.auth_seq_id 
_atom_site.auth_comp_id 
_atom_site.auth_asym_id 
_atom_site.auth_atom_id 
_atom_site.pdbx_PDB_model_num 
ATOM   1   N  N   . SER A 1 1  ? 11.929  1.803   -18.615 1.00 50.21  ? 284 SER A N   1 
ATOM   2   C  CA  . SER A 1 1  ? 10.715  2.026   -17.840 1.00 53.82  ? 284 SER A CA  1 
ATOM   3   C  C   . SER A 1 1  ? 11.043  2.472   -16.418 1.00 48.86  ? 284 SER A C   1 
ATOM   4   O  O   . SER A 1 1  ? 12.171  2.310   -15.950 1.00 43.92  ? 284 SER A O   1 
ATOM   5   C  CB  . SER A 1 1  ? 9.855   0.758   -17.803 1.00 51.57  ? 284 SER A CB  1 
ATOM   6   O  OG  . SER A 1 1  ? 10.442  -0.244  -16.986 1.00 48.67  ? 284 SER A OG  1 
ATOM   7   N  N   . SER A 1 2  ? 10.057  3.040   -15.736 1.00 43.01  ? 285 SER A N   1 
ATOM   8   C  CA  . SER A 1 2  ? 10.237  3.466   -14.356 1.00 40.71  ? 285 SER A CA  1 
ATOM   9   C  C   . SER A 1 2  ? 9.056   3.000   -13.519 1.00 36.64  ? 285 SER A C   1 
ATOM   10  O  O   . SER A 1 2  ? 7.902   3.204   -13.893 1.00 43.09  ? 285 SER A O   1 
ATOM   11  C  CB  . SER A 1 2  ? 10.375  4.987   -14.274 1.00 51.56  ? 285 SER A CB  1 
ATOM   12  O  OG  . SER A 1 2  ? 11.481  5.436   -15.035 1.00 59.62  ? 285 SER A OG  1 
ATOM   13  N  N   . THR A 1 3  ? 9.345   2.361   -12.394 1.00 32.77  ? 286 THR A N   1 
ATOM   14  C  CA  . THR A 1 3  ? 8.285   1.908   -11.505 1.00 29.97  ? 286 THR A CA  1 
ATOM   15  C  C   . THR A 1 3  ? 8.411   2.559   -10.139 1.00 28.01  ? 286 THR A C   1 
ATOM   16  O  O   . THR A 1 3  ? 9.491   2.568   -9.537  1.00 29.14  ? 286 THR A O   1 
ATOM   17  C  CB  . THR A 1 3  ? 8.266   0.379   -11.356 1.00 42.47  ? 286 THR A CB  1 
ATOM   18  O  OG1 . THR A 1 3  ? 9.513   -0.070  -10.817 1.00 52.24  ? 286 THR A OG1 1 
ATOM   19  C  CG2 . THR A 1 3  ? 8.033   -0.277  -12.711 1.00 43.62  ? 286 THR A CG2 1 
HETATM 20  N  N   . MSE A 1 4  ? 7.306   3.113   -9.658  1.00 30.13  ? 287 MSE A N   1 
HETATM 21  C  CA  . MSE A 1 4  ? 7.304   3.776   -8.368  1.00 30.50  ? 287 MSE A CA  1 
HETATM 22  C  C   . MSE A 1 4  ? 6.695   2.864   -7.323  1.00 32.47  ? 287 MSE A C   1 
HETATM 23  O  O   . MSE A 1 4  ? 5.649   2.246   -7.545  1.00 31.27  ? 287 MSE A O   1 
HETATM 24  C  CB  . MSE A 1 4  ? 6.546   5.098   -8.441  1.00 34.95  ? 287 MSE A CB  1 
HETATM 25  C  CG  . MSE A 1 4  ? 7.195   6.098   -9.386  1.00 48.47  ? 287 MSE A CG  1 
HETATM 26  SE SE  . MSE A 1 4  ? 6.254   7.801   -9.476  1.00 110.91 ? 287 MSE A SE  1 
HETATM 27  C  CE  . MSE A 1 4  ? 6.246   8.237   -7.578  1.00 53.24  ? 287 MSE A CE  1 
ATOM   28  N  N   . ILE A 1 5  ? 7.375   2.769   -6.190  1.00 25.33  ? 288 ILE A N   1 
ATOM   29  C  CA  . ILE A 1 5  ? 6.912   1.943   -5.089  1.00 22.19  ? 288 ILE A CA  1 
ATOM   30  C  C   . ILE A 1 5  ? 6.796   2.826   -3.864  1.00 21.79  ? 288 ILE A C   1 
ATOM   31  O  O   . ILE A 1 5  ? 7.650   3.689   -3.631  1.00 27.32  ? 288 ILE A O   1 
ATOM   32  C  CB  . ILE A 1 5  ? 7.912   0.796   -4.806  1.00 24.48  ? 288 ILE A CB  1 
ATOM   33  C  CG1 . ILE A 1 5  ? 7.983   -0.173  -5.992  1.00 32.48  ? 288 ILE A CG1 1 
ATOM   34  C  CG2 . ILE A 1 5  ? 7.549   0.062   -3.516  1.00 25.12  ? 288 ILE A CG2 1 
ATOM   35  C  CD1 . ILE A 1 5  ? 6.662   -0.853  -6.322  1.00 29.27  ? 288 ILE A CD1 1 
ATOM   36  N  N   . ASP A 1 6  ? 5.728   2.635   -3.101  1.00 19.96  ? 289 ASP A N   1 
ATOM   37  C  CA  . ASP A 1 6  ? 5.544   3.329   -1.834  1.00 21.73  ? 289 ASP A CA  1 
ATOM   38  C  C   . ASP A 1 6  ? 6.376   2.577   -0.795  1.00 23.00  ? 289 ASP A C   1 
ATOM   39  O  O   . ASP A 1 6  ? 5.977   1.500   -0.338  1.00 22.21  ? 289 ASP A O   1 
ATOM   40  C  CB  . ASP A 1 6  ? 4.067   3.297   -1.450  1.00 22.53  ? 289 ASP A CB  1 
ATOM   41  C  CG  . ASP A 1 6  ? 3.719   4.293   -0.365  1.00 24.81  ? 289 ASP A CG  1 
ATOM   42  O  OD1 . ASP A 1 6  ? 3.022   5.286   -0.670  1.00 29.71  ? 289 ASP A OD1 1 
ATOM   43  O  OD2 . ASP A 1 6  ? 4.145   4.087   0.794   1.00 25.15  ? 289 ASP A OD2 1 
ATOM   44  N  N   . ASP A 1 7  ? 7.538   3.120   -0.445  1.00 23.83  ? 290 ASP A N   1 
ATOM   45  C  CA  . ASP A 1 7  ? 8.451   2.429   0.463   1.00 22.92  ? 290 ASP A CA  1 
ATOM   46  C  C   . ASP A 1 7  ? 7.835   2.169   1.836   1.00 20.66  ? 290 ASP A C   1 
ATOM   47  O  O   . ASP A 1 7  ? 8.051   1.112   2.432   1.00 21.33  ? 290 ASP A O   1 
ATOM   48  C  CB  . ASP A 1 7  ? 9.759   3.212   0.614   1.00 26.11  ? 290 ASP A CB  1 
ATOM   49  C  CG  . ASP A 1 7  ? 10.552  3.271   -0.676  1.00 36.54  ? 290 ASP A CG  1 
ATOM   50  O  OD1 . ASP A 1 7  ? 10.433  2.331   -1.493  1.00 38.93  ? 290 ASP A OD1 1 
ATOM   51  O  OD2 . ASP A 1 7  ? 11.293  4.258   -0.870  1.00 48.95  ? 290 ASP A OD2 1 
ATOM   52  N  N   . GLU A 1 8  ? 7.065   3.127   2.336   1.00 20.00  ? 291 GLU A N   1 
ATOM   53  C  CA  . GLU A 1 8  ? 6.456   2.957   3.652   1.00 20.63  ? 291 GLU A CA  1 
ATOM   54  C  C   . GLU A 1 8  ? 5.399   1.864   3.666   1.00 18.35  ? 291 GLU A C   1 
ATOM   55  O  O   . GLU A 1 8  ? 5.337   1.063   4.602   0.96 20.43  ? 291 GLU A O   1 
ATOM   56  C  CB  . GLU A 1 8  ? 5.917   4.280   4.187   1.00 23.58  ? 291 GLU A CB  1 
ATOM   57  C  CG  . GLU A 1 8  ? 7.026   5.139   4.773   0.94 30.42  ? 291 GLU A CG  1 
ATOM   58  C  CD  . GLU A 1 8  ? 8.021   4.325   5.600   0.29 40.49  ? 291 GLU A CD  1 
ATOM   59  O  OE1 . GLU A 1 8  ? 7.680   3.941   6.739   0.63 43.09  ? 291 GLU A OE1 1 
ATOM   60  O  OE2 . GLU A 1 8  ? 9.145   4.064   5.110   0.70 45.96  ? 291 GLU A OE2 1 
ATOM   61  N  N   . ALA A 1 9  ? 4.579   1.806   2.623   1.00 16.21  ? 292 ALA A N   1 
ATOM   62  C  CA  . ALA A 1 9  ? 3.576   0.756   2.543   1.00 14.24  ? 292 ALA A CA  1 
ATOM   63  C  C   . ALA A 1 9  ? 4.230   -0.613  2.377   1.00 14.29  ? 292 ALA A C   1 
ATOM   64  O  O   . ALA A 1 9  ? 3.782   -1.599  2.962   1.00 15.13  ? 292 ALA A O   1 
ATOM   65  C  CB  . ALA A 1 9  ? 2.606   1.019   1.400   1.00 17.22  ? 292 ALA A CB  1 
ATOM   66  N  N   . LEU A 1 10 ? 5.281   -0.675  1.566   1.00 15.84  ? 293 LEU A N   1 
ATOM   67  C  CA  . LEU A 1 10 ? 6.020   -1.911  1.370   1.00 17.49  ? 293 LEU A CA  1 
ATOM   68  C  C   . LEU A 1 10 ? 6.572   -2.431  2.700   1.00 15.68  ? 293 LEU A C   1 
ATOM   69  O  O   . LEU A 1 10 ? 6.435   -3.620  3.024   1.00 16.66  ? 293 LEU A O   1 
ATOM   70  C  CB  . LEU A 1 10 ? 7.152   -1.668  0.365   1.00 17.38  ? 293 LEU A CB  1 
ATOM   71  C  CG  . LEU A 1 10 ? 8.062   -2.814  -0.053  1.00 20.93  ? 293 LEU A CG  1 
ATOM   72  C  CD1 . LEU A 1 10 ? 7.256   -3.977  -0.588  1.00 24.13  ? 293 LEU A CD1 1 
ATOM   73  C  CD2 . LEU A 1 10 ? 9.045   -2.301  -1.111  1.00 20.61  ? 293 LEU A CD2 1 
ATOM   74  N  N   . LYS A 1 11 ? 7.181   -1.538  3.476   1.00 16.70  ? 294 LYS A N   1 
ATOM   75  C  CA  . LYS A 1 11 ? 7.751   -1.921  4.763   1.00 16.30  ? 294 LYS A CA  1 
ATOM   76  C  C   . LYS A 1 11 ? 6.671   -2.418  5.712   1.00 15.29  ? 294 LYS A C   1 
ATOM   77  O  O   . LYS A 1 11 ? 6.856   -3.430  6.395   1.00 16.22  ? 294 LYS A O   1 
ATOM   78  C  CB  . LYS A 1 11 ? 8.520   -0.756  5.395   1.00 19.06  ? 294 LYS A CB  1 
ATOM   79  C  CG  . LYS A 1 11 ? 9.133   -1.080  6.757   0.95 22.36  ? 294 LYS A CG  1 
ATOM   80  C  CD  . LYS A 1 11 ? 10.176  -0.040  7.154   0.96 32.36  ? 294 LYS A CD  1 
ATOM   81  C  CE  . LYS A 1 11 ? 9.601   1.010   8.086   0.80 39.48  ? 294 LYS A CE  1 
ATOM   82  N  NZ  . LYS A 1 11 ? 9.486   0.499   9.481   1.00 34.12  ? 294 LYS A NZ  1 
ATOM   83  N  N   . GLU A 1 12 ? 5.542   -1.711  5.743   1.00 15.89  ? 295 GLU A N   1 
ATOM   84  C  CA  . GLU A 1 12 ? 4.440   -2.076  6.624   1.00 14.89  ? 295 GLU A CA  1 
ATOM   85  C  C   . GLU A 1 12 ? 3.889   -3.456  6.265   1.00 16.22  ? 295 GLU A C   1 
ATOM   86  O  O   . GLU A 1 12 ? 3.644   -4.274  7.154   1.00 16.55  ? 295 GLU A O   1 
ATOM   87  C  CB  . GLU A 1 12 ? 3.340   -1.010  6.587   1.00 17.23  ? 295 GLU A CB  1 
ATOM   88  C  CG  . GLU A 1 12 ? 2.140   -1.325  7.474   1.00 20.22  ? 295 GLU A CG  1 
ATOM   89  C  CD  . GLU A 1 12 ? 1.162   -0.162  7.586   1.00 31.11  ? 295 GLU A CD  1 
ATOM   90  O  OE1 . GLU A 1 12 ? -0.006  -0.412  7.952   1.00 36.33  ? 295 GLU A OE1 1 
ATOM   91  O  OE2 . GLU A 1 12 ? 1.561   0.995   7.322   1.00 33.12  ? 295 GLU A OE2 1 
ATOM   92  N  N   . VAL A 1 13 ? 3.696   -3.731  4.975   1.00 12.84  ? 296 VAL A N   1 
ATOM   93  C  CA  . VAL A 1 13 ? 3.243   -5.065  4.591   1.00 12.80  ? 296 VAL A CA  1 
ATOM   94  C  C   . VAL A 1 13 ? 4.236   -6.138  5.034   1.00 12.41  ? 296 VAL A C   1 
ATOM   95  O  O   . VAL A 1 13 ? 3.861   -7.162  5.603   1.00 13.07  ? 296 VAL A O   1 
ATOM   96  C  CB  . VAL A 1 13 ? 3.016   -5.188  3.066   1.00 12.28  ? 296 VAL A CB  1 
ATOM   97  C  CG1 . VAL A 1 13 ? 2.687   -6.636  2.687   1.00 13.28  ? 296 VAL A CG1 1 
ATOM   98  C  CG2 . VAL A 1 13 ? 1.894   -4.269  2.624   1.00 13.94  ? 296 VAL A CG2 1 
ATOM   99  N  N   . CYS A 1 14 ? 5.518   -5.906  4.783   1.00 11.46  ? 297 CYS A N   1 
ATOM   100 C  CA  . CYS A 1 14 ? 6.523   -6.902  5.146   1.00 14.21  ? 297 CYS A CA  1 
ATOM   101 C  C   . CYS A 1 14 ? 6.554   -7.184  6.642   1.00 13.13  ? 297 CYS A C   1 
ATOM   102 O  O   . CYS A 1 14 ? 6.682   -8.332  7.061   1.00 15.43  ? 297 CYS A O   1 
ATOM   103 C  CB  . CYS A 1 14 ? 7.903   -6.460  4.681   1.00 13.04  ? 297 CYS A CB  1 
ATOM   104 S  SG  . CYS A 1 14 ? 8.081   -6.512  2.891   1.00 16.72  ? 297 CYS A SG  1 
ATOM   105 N  N   . GLU A 1 15 ? 6.430   -6.136  7.451   1.00 14.59  ? 298 GLU A N   1 
ATOM   106 C  CA  . GLU A 1 15 ? 6.416   -6.315  8.903   1.00 15.68  ? 298 GLU A CA  1 
ATOM   107 C  C   . GLU A 1 15 ? 5.157   -7.041  9.359   1.00 15.59  ? 298 GLU A C   1 
ATOM   108 O  O   . GLU A 1 15 ? 5.223   -7.963  10.174  1.00 20.20  ? 298 GLU A O   1 
ATOM   109 C  CB  . GLU A 1 15 ? 6.517   -4.962  9.607   1.00 18.18  ? 298 GLU A CB  1 
ATOM   110 C  CG  . GLU A 1 15 ? 7.852   -4.256  9.403   1.00 18.00  ? 298 GLU A CG  1 
ATOM   111 C  CD  . GLU A 1 15 ? 7.927   -2.949  10.154  1.00 27.08  ? 298 GLU A CD  1 
ATOM   112 O  OE1 . GLU A 1 15 ? 6.919   -2.575  10.796  1.00 30.60  ? 298 GLU A OE1 1 
ATOM   113 O  OE2 . GLU A 1 15 ? 8.985   -2.287  10.109  1.00 26.79  ? 298 GLU A OE2 1 
ATOM   114 N  N   . LYS A 1 16 ? 4.008   -6.640  8.828   1.00 15.70  ? 299 LYS A N   1 
ATOM   115 C  CA  . LYS A 1 16 ? 2.746   -7.173  9.337   1.00 17.34  ? 299 LYS A CA  1 
ATOM   116 C  C   . LYS A 1 16 ? 2.460   -8.581  8.838   1.00 16.95  ? 299 LYS A C   1 
ATOM   117 O  O   . LYS A 1 16 ? 1.845   -9.384  9.548   1.00 19.62  ? 299 LYS A O   1 
ATOM   118 C  CB  . LYS A 1 16 ? 1.592   -6.224  9.009   1.00 19.30  ? 299 LYS A CB  1 
ATOM   119 C  CG  . LYS A 1 16 ? 1.624   -4.969  9.878   1.00 22.07  ? 299 LYS A CG  1 
ATOM   120 C  CD  . LYS A 1 16 ? 0.474   -4.022  9.583   1.00 25.87  ? 299 LYS A CD  1 
ATOM   121 C  CE  . LYS A 1 16 ? 0.427   -2.906  10.618  1.00 29.38  ? 299 LYS A CE  1 
ATOM   122 N  NZ  . LYS A 1 16 ? -0.684  -1.949  10.355  1.00 32.07  ? 299 LYS A NZ  1 
ATOM   123 N  N   . PHE A 1 17 ? 2.919   -8.881  7.627   1.00 13.48  ? 300 PHE A N   1 
ATOM   124 C  CA  . PHE A 1 17 ? 2.693   -10.193 7.023   1.00 15.54  ? 300 PHE A CA  1 
ATOM   125 C  C   . PHE A 1 17 ? 3.870   -11.150 7.186   1.00 16.28  ? 300 PHE A C   1 
ATOM   126 O  O   . PHE A 1 17 ? 3.790   -12.307 6.773   1.00 17.52  ? 300 PHE A O   1 
ATOM   127 C  CB  . PHE A 1 17 ? 2.329   -10.037 5.549   1.00 15.04  ? 300 PHE A CB  1 
ATOM   128 C  CG  . PHE A 1 17 ? 0.950   -9.465  5.330   1.00 13.26  ? 300 PHE A CG  1 
ATOM   129 C  CD1 . PHE A 1 17 ? 0.682   -8.131  5.601   1.00 14.42  ? 300 PHE A CD1 1 
ATOM   130 C  CD2 . PHE A 1 17 ? -0.071  -10.263 4.845   1.00 14.01  ? 300 PHE A CD2 1 
ATOM   131 C  CE1 . PHE A 1 17 ? -0.583  -7.607  5.417   1.00 13.88  ? 300 PHE A CE1 1 
ATOM   132 C  CE2 . PHE A 1 17 ? -1.337  -9.741  4.634   1.00 15.66  ? 300 PHE A CE2 1 
ATOM   133 C  CZ  . PHE A 1 17 ? -1.599  -8.417  4.923   1.00 14.75  ? 300 PHE A CZ  1 
ATOM   134 N  N   . GLU A 1 18 ? 4.944   -10.668 7.813   1.00 15.93  ? 301 GLU A N   1 
ATOM   135 C  CA  . GLU A 1 18 ? 6.153   -11.467 8.028   1.00 16.21  ? 301 GLU A CA  1 
ATOM   136 C  C   . GLU A 1 18 ? 6.615   -12.106 6.724   1.00 18.80  ? 301 GLU A C   1 
ATOM   137 O  O   . GLU A 1 18 ? 6.772   -13.332 6.625   1.00 19.09  ? 301 GLU A O   1 
ATOM   138 C  CB  . GLU A 1 18 ? 5.924   -12.515 9.113   1.00 19.83  ? 301 GLU A CB  1 
ATOM   139 C  CG  . GLU A 1 18 ? 5.482   -11.899 10.429  1.00 25.32  ? 301 GLU A CG  1 
ATOM   140 C  CD  . GLU A 1 18 ? 5.097   -12.934 11.462  1.00 40.01  ? 301 GLU A CD  1 
ATOM   141 O  OE1 . GLU A 1 18 ? 6.004   -13.483 12.118  1.00 38.18  ? 301 GLU A OE1 1 
ATOM   142 O  OE2 . GLU A 1 18 ? 3.885   -13.200 11.617  1.00 44.43  ? 301 GLU A OE2 1 
ATOM   143 N  N   . CYS A 1 19 ? 6.832   -11.259 5.725   1.00 15.47  ? 302 CYS A N   1 
ATOM   144 C  CA  . CYS A 1 19 ? 7.221   -11.716 4.402   1.00 14.51  ? 302 CYS A CA  1 
ATOM   145 C  C   . CYS A 1 19 ? 8.375   -10.878 3.877   1.00 17.28  ? 302 CYS A C   1 
ATOM   146 O  O   . CYS A 1 19 ? 8.712   -9.834  4.449   1.00 16.78  ? 302 CYS A O   1 
ATOM   147 C  CB  . CYS A 1 19 ? 6.024   -11.651 3.453   1.00 16.67  ? 302 CYS A CB  1 
ATOM   148 S  SG  . CYS A 1 19 ? 5.498   -9.992  2.993   1.00 16.25  ? 302 CYS A SG  1 
ATOM   149 N  N   . SER A 1 20 ? 9.007   -11.361 2.814   1.00 15.19  ? 303 SER A N   1 
ATOM   150 C  CA  . SER A 1 20 ? 10.114  -10.642 2.211   1.00 15.10  ? 303 SER A CA  1 
ATOM   151 C  C   . SER A 1 20 ? 9.605   -9.539  1.301   1.00 14.44  ? 303 SER A C   1 
ATOM   152 O  O   . SER A 1 20 ? 8.489   -9.609  0.754   1.00 14.07  ? 303 SER A O   1 
ATOM   153 C  CB  . SER A 1 20 ? 11.014  -11.589 1.405   1.00 14.81  ? 303 SER A CB  1 
ATOM   154 O  OG  . SER A 1 20 ? 10.383  -11.961 0.187   1.00 17.49  ? 303 SER A OG  1 
ATOM   155 N  N   . GLU A 1 21 ? 10.450  -8.533  1.100   1.00 14.70  ? 304 GLU A N   1 
ATOM   156 C  CA  . GLU A 1 21 ? 10.124  -7.462  0.185   1.00 13.34  ? 304 GLU A CA  1 
ATOM   157 C  C   . GLU A 1 21 ? 9.846   -7.993  -1.225  1.00 13.92  ? 304 GLU A C   1 
ATOM   158 O  O   . GLU A 1 21 ? 8.917   -7.545  -1.890  1.00 14.10  ? 304 GLU A O   1 
ATOM   159 C  CB  . GLU A 1 21 ? 11.254  -6.440  0.181   1.00 20.36  ? 304 GLU A CB  1 
ATOM   160 C  CG  . GLU A 1 21 ? 10.891  -5.128  -0.451  1.00 26.25  ? 304 GLU A CG  1 
ATOM   161 C  CD  . GLU A 1 21 ? 11.977  -4.088  -0.286  1.00 21.47  ? 304 GLU A CD  1 
ATOM   162 O  OE1 . GLU A 1 21 ? 12.935  -4.126  -1.064  1.00 21.07  ? 304 GLU A OE1 1 
ATOM   163 O  OE2 . GLU A 1 21 ? 11.881  -3.229  0.619   1.00 24.19  ? 304 GLU A OE2 1 
ATOM   164 N  N   . GLU A 1 22 ? 10.646  -8.959  -1.668  1.00 14.89  ? 305 GLU A N   1 
ATOM   165 C  CA  . GLU A 1 22 ? 10.485  -9.485  -3.020  1.00 14.40  ? 305 GLU A CA  1 
ATOM   166 C  C   . GLU A 1 22 ? 9.135   -10.184 -3.209  1.00 15.30  ? 305 GLU A C   1 
ATOM   167 O  O   . GLU A 1 22 ? 8.582   -10.196 -4.311  1.00 16.14  ? 305 GLU A O   1 
ATOM   168 C  CB  . GLU A 1 22 ? 11.635  -10.414 -3.406  1.00 15.05  ? 305 GLU A CB  1 
ATOM   169 C  CG  . GLU A 1 22 ? 11.593  -10.745 -4.896  1.00 19.90  ? 305 GLU A CG  1 
ATOM   170 C  CD  . GLU A 1 22 ? 12.801  -11.489 -5.400  1.00 20.93  ? 305 GLU A CD  1 
ATOM   171 O  OE1 . GLU A 1 22 ? 13.705  -11.816 -4.607  1.00 18.33  ? 305 GLU A OE1 1 
ATOM   172 O  OE2 . GLU A 1 22 ? 12.832  -11.758 -6.625  1.00 24.10  ? 305 GLU A OE2 1 
ATOM   173 N  N   . GLU A 1 23 ? 8.583   -10.754 -2.142  0.97 12.85  ? 306 GLU A N   1 
ATOM   174 C  CA  . GLU A 1 23 ? 7.282   -11.399 -2.270  1.00 13.61  ? 306 GLU A CA  1 
ATOM   175 C  C   . GLU A 1 23 ? 6.237   -10.360 -2.626  0.91 14.23  ? 306 GLU A C   1 
ATOM   176 O  O   . GLU A 1 23 ? 5.364   -10.617 -3.451  1.00 15.78  ? 306 GLU A O   1 
ATOM   177 C  CB  . GLU A 1 23 ? 6.871   -12.091 -0.971  1.00 17.11  ? 306 GLU A CB  1 
ATOM   178 C  CG  . GLU A 1 23 ? 7.597   -13.371 -0.663  0.89 20.43  ? 306 GLU A CG  1 
ATOM   179 C  CD  . GLU A 1 23 ? 7.174   -13.948 0.675   0.60 18.47  ? 306 GLU A CD  1 
ATOM   180 O  OE1 . GLU A 1 23 ? 6.003   -14.385 0.790   0.81 21.12  ? 306 GLU A OE1 1 
ATOM   181 O  OE2 . GLU A 1 23 ? 8.007   -13.956 1.610   1.00 28.15  ? 306 GLU A OE2 1 
ATOM   182 N  N   . VAL A 1 24 ? 6.316   -9.188  -2.005  1.00 12.29  ? 307 VAL A N   1 
ATOM   183 C  CA  . VAL A 1 24 ? 5.355   -8.131  -2.293  1.00 12.75  ? 307 VAL A CA  1 
ATOM   184 C  C   . VAL A 1 24 ? 5.600   -7.577  -3.686  1.00 13.74  ? 307 VAL A C   1 
ATOM   185 O  O   . VAL A 1 24 ? 4.670   -7.436  -4.468  1.00 13.77  ? 307 VAL A O   1 
ATOM   186 C  CB  . VAL A 1 24 ? 5.419   -6.988  -1.269  1.00 13.86  ? 307 VAL A CB  1 
ATOM   187 C  CG1 . VAL A 1 24 ? 4.371   -5.934  -1.583  1.00 14.53  ? 307 VAL A CG1 1 
ATOM   188 C  CG2 . VAL A 1 24 ? 5.208   -7.531  0.123   1.00 14.75  ? 307 VAL A CG2 1 
ATOM   189 N  N   . LEU A 1 25 ? 6.856   -7.272  -3.993  1.00 13.26  ? 308 LEU A N   1 
ATOM   190 C  CA  . LEU A 1 25 ? 7.208   -6.718  -5.292  1.00 12.21  ? 308 LEU A CA  1 
ATOM   191 C  C   . LEU A 1 25 ? 6.814   -7.652  -6.430  1.00 15.21  ? 308 LEU A C   1 
ATOM   192 O  O   . LEU A 1 25 ? 6.414   -7.198  -7.502  1.00 16.18  ? 308 LEU A O   1 
ATOM   193 C  CB  . LEU A 1 25 ? 8.717   -6.440  -5.371  1.00 12.98  ? 308 LEU A CB  1 
ATOM   194 C  CG  . LEU A 1 25 ? 9.229   -5.333  -4.448  1.00 15.70  ? 308 LEU A CG  1 
ATOM   195 C  CD1 . LEU A 1 25 ? 10.754  -5.245  -4.519  1.00 16.52  ? 308 LEU A CD1 1 
ATOM   196 C  CD2 . LEU A 1 25 ? 8.607   -3.993  -4.803  1.00 17.30  ? 308 LEU A CD2 1 
ATOM   197 N  N   . SER A 1 26 ? 6.926   -8.955  -6.201  1.00 12.53  ? 309 SER A N   1 
ATOM   198 C  CA  . SER A 1 26 ? 6.570   -9.925  -7.236  1.00 12.82  ? 309 SER A CA  1 
ATOM   199 C  C   . SER A 1 26 ? 5.086   -9.892  -7.556  1.00 13.51  ? 309 SER A C   1 
ATOM   200 O  O   . SER A 1 26 ? 4.687   -9.925  -8.716  1.00 14.60  ? 309 SER A O   1 
ATOM   201 C  CB  . SER A 1 26 ? 7.004   -11.335 -6.822  1.00 14.72  ? 309 SER A CB  1 
ATOM   202 O  OG  . SER A 1 26 ? 6.647   -12.296 -7.812  1.00 16.65  ? 309 SER A OG  1 
ATOM   203 N  N   . CYS A 1 27 ? 4.233   -9.807  -6.543  1.00 12.73  ? 310 CYS A N   1 
ATOM   204 C  CA  A CYS A 1 27 ? 2.815   -9.818  -6.865  0.64 15.26  ? 310 CYS A CA  1 
ATOM   205 C  CA  B CYS A 1 27 ? 2.787   -9.772  -6.782  0.36 15.80  ? 310 CYS A CA  1 
ATOM   206 C  C   . CYS A 1 27 ? 2.369   -8.491  -7.472  1.00 15.42  ? 310 CYS A C   1 
ATOM   207 O  O   . CYS A 1 27 ? 1.438   -8.465  -8.269  1.00 16.78  ? 310 CYS A O   1 
ATOM   208 C  CB  A CYS A 1 27 ? 1.936   -10.274 -5.689  0.64 17.74  ? 310 CYS A CB  1 
ATOM   209 C  CB  B CYS A 1 27 ? 2.030   -9.884  -5.468  0.36 18.39  ? 310 CYS A CB  1 
ATOM   210 S  SG  A CYS A 1 27 ? 1.871   -9.198  -4.255  0.64 14.28  ? 310 CYS A SG  1 
ATOM   211 S  SG  B CYS A 1 27 ? 2.583   -11.242 -4.485  0.36 29.07  ? 310 CYS A SG  1 
ATOM   212 N  N   . LEU A 1 28 ? 3.047   -7.406  -7.128  1.00 14.16  ? 311 LEU A N   1 
ATOM   213 C  CA  . LEU A 1 28 ? 2.767   -6.132  -7.764  1.00 13.36  ? 311 LEU A CA  1 
ATOM   214 C  C   . LEU A 1 28 ? 3.205   -6.170  -9.225  1.00 13.21  ? 311 LEU A C   1 
ATOM   215 O  O   . LEU A 1 28 ? 2.432   -5.795  -10.115 1.00 16.04  ? 311 LEU A O   1 
ATOM   216 C  CB  . LEU A 1 28 ? 3.455   -4.984  -7.030  1.00 13.64  ? 311 LEU A CB  1 
ATOM   217 C  CG  . LEU A 1 28 ? 2.972   -4.741  -5.598  1.00 14.16  ? 311 LEU A CG  1 
ATOM   218 C  CD1 . LEU A 1 28 ? 3.826   -3.650  -4.975  1.00 15.90  ? 311 LEU A CD1 1 
ATOM   219 C  CD2 . LEU A 1 28 ? 1.500   -4.358  -5.566  1.00 15.79  ? 311 LEU A CD2 1 
ATOM   220 N  N   . TYR A 1 29 ? 4.423   -6.647  -9.473  1.00 13.43  ? 312 TYR A N   1 
ATOM   221 C  CA  . TYR A 1 29 ? 4.925   -6.757  -10.839 1.00 14.58  ? 312 TYR A CA  1 
ATOM   222 C  C   . TYR A 1 29 ? 4.016   -7.642  -11.710 1.00 14.17  ? 312 TYR A C   1 
ATOM   223 O  O   . TYR A 1 29 ? 3.726   -7.319  -12.877 1.00 16.37  ? 312 TYR A O   1 
ATOM   224 C  CB  . TYR A 1 29 ? 6.361   -7.310  -10.841 1.00 16.80  ? 312 TYR A CB  1 
ATOM   225 C  CG  . TYR A 1 29 ? 6.764   -7.792  -12.204 1.00 13.77  ? 312 TYR A CG  1 
ATOM   226 C  CD1 . TYR A 1 29 ? 7.133   -6.890  -13.190 1.00 15.55  ? 312 TYR A CD1 1 
ATOM   227 C  CD2 . TYR A 1 29 ? 6.717   -9.141  -12.529 1.00 14.74  ? 312 TYR A CD2 1 
ATOM   228 C  CE1 . TYR A 1 29 ? 7.451   -7.317  -14.457 1.00 15.20  ? 312 TYR A CE1 1 
ATOM   229 C  CE2 . TYR A 1 29 ? 7.038   -9.579  -13.797 1.00 16.03  ? 312 TYR A CE2 1 
ATOM   230 C  CZ  . TYR A 1 29 ? 7.409   -8.667  -14.753 1.00 15.71  ? 312 TYR A CZ  1 
ATOM   231 O  OH  . TYR A 1 29 ? 7.723   -9.123  -16.010 1.00 19.88  ? 312 TYR A OH  1 
ATOM   232 N  N   . ASN A 1 30 ? 3.594   -8.773  -11.153 1.00 14.88  ? 313 ASN A N   1 
ATOM   233 C  CA  . ASN A 1 30 ? 2.751   -9.710  -11.895 1.00 13.33  ? 313 ASN A CA  1 
ATOM   234 C  C   . ASN A 1 30 ? 1.284   -9.284  -11.962 1.00 16.04  ? 313 ASN A C   1 
ATOM   235 O  O   . ASN A 1 30 ? 0.453   -9.993  -12.549 1.00 16.85  ? 313 ASN A O   1 
ATOM   236 C  CB  . ASN A 1 30 ? 2.856   -11.114 -11.297 1.00 13.76  ? 313 ASN A CB  1 
ATOM   237 C  CG  . ASN A 1 30 ? 4.141   -11.817 -11.687 1.00 17.09  ? 313 ASN A CG  1 
ATOM   238 O  OD1 . ASN A 1 30 ? 4.338   -12.163 -12.856 1.00 18.93  ? 313 ASN A OD1 1 
ATOM   239 N  ND2 . ASN A 1 30 ? 5.030   -12.024 -10.714 1.00 16.12  ? 313 ASN A ND2 1 
ATOM   240 N  N   . ARG A 1 31 ? 0.974   -8.134  -11.364 1.00 13.82  ? 314 ARG A N   1 
ATOM   241 C  CA  . ARG A 1 31 ? -0.388  -7.616  -11.318 1.00 15.11  ? 314 ARG A CA  1 
ATOM   242 C  C   . ARG A 1 31 ? -1.351  -8.649  -10.750 1.00 14.38  ? 314 ARG A C   1 
ATOM   243 O  O   . ARG A 1 31 ? -2.487  -8.783  -11.219 1.00 15.08  ? 314 ARG A O   1 
ATOM   244 C  CB  . ARG A 1 31 ? -0.825  -7.121  -12.702 1.00 17.90  ? 314 ARG A CB  1 
ATOM   245 C  CG  . ARG A 1 31 ? 0.130   -6.066  -13.247 1.00 19.28  ? 314 ARG A CG  1 
ATOM   246 C  CD  . ARG A 1 31 ? -0.321  -5.499  -14.579 1.00 26.39  ? 314 ARG A CD  1 
ATOM   247 N  NE  . ARG A 1 31 ? -1.668  -4.947  -14.480 1.00 31.47  ? 314 ARG A NE  1 
ATOM   248 C  CZ  . ARG A 1 31 ? -1.962  -3.777  -13.921 1.00 34.55  ? 314 ARG A CZ  1 
ATOM   249 N  NH1 . ARG A 1 31 ? -1.002  -3.017  -13.406 1.00 38.52  ? 314 ARG A NH1 1 
ATOM   250 N  NH2 . ARG A 1 31 ? -3.223  -3.366  -13.878 1.00 38.50  ? 314 ARG A NH2 1 
ATOM   251 N  N   . ASN A 1 32 ? -0.894  -9.374  -9.732  1.00 15.14  ? 315 ASN A N   1 
ATOM   252 C  CA  . ASN A 1 32 ? -1.739  -10.361 -9.069  1.00 14.35  ? 315 ASN A CA  1 
ATOM   253 C  C   . ASN A 1 32 ? -2.533  -9.708  -7.956  1.00 13.88  ? 315 ASN A C   1 
ATOM   254 O  O   . ASN A 1 32 ? -2.221  -9.848  -6.771  1.00 14.50  ? 315 ASN A O   1 
ATOM   255 C  CB  . ASN A 1 32 ? -0.923  -11.527 -8.515  1.00 16.23  ? 315 ASN A CB  1 
ATOM   256 C  CG  . ASN A 1 32 ? -1.795  -12.725 -8.164  1.00 23.17  ? 315 ASN A CG  1 
ATOM   257 O  OD1 . ASN A 1 32 ? -2.924  -12.849 -8.642  1.00 32.65  ? 315 ASN A OD1 1 
ATOM   258 N  ND2 . ASN A 1 32 ? -1.269  -13.618 -7.330  1.00 34.94  ? 315 ASN A ND2 1 
ATOM   259 N  N   . HIS A 1 33 ? -3.574  -8.995  -8.357  1.00 12.80  ? 316 HIS A N   1 
ATOM   260 C  CA  . HIS A 1 33 ? -4.371  -8.182  -7.449  1.00 12.66  ? 316 HIS A CA  1 
ATOM   261 C  C   . HIS A 1 33 ? -4.955  -8.997  -6.312  1.00 15.33  ? 316 HIS A C   1 
ATOM   262 O  O   . HIS A 1 33 ? -5.158  -8.479  -5.217  1.00 15.62  ? 316 HIS A O   1 
ATOM   263 C  CB  . HIS A 1 33 ? -5.519  -7.538  -8.223  1.00 14.33  ? 316 HIS A CB  1 
ATOM   264 C  CG  . HIS A 1 33 ? -5.079  -6.787  -9.437  1.00 16.27  ? 316 HIS A CG  1 
ATOM   265 N  ND1 . HIS A 1 33 ? -4.243  -5.691  -9.374  1.00 21.80  ? 316 HIS A ND1 1 
ATOM   266 C  CD2 . HIS A 1 33 ? -5.371  -6.962  -10.748 1.00 18.47  ? 316 HIS A CD2 1 
ATOM   267 C  CE1 . HIS A 1 33 ? -4.034  -5.230  -10.594 1.00 21.05  ? 316 HIS A CE1 1 
ATOM   268 N  NE2 . HIS A 1 33 ? -4.711  -5.981  -11.448 1.00 22.17  ? 316 HIS A NE2 1 
ATOM   269 N  N   . GLN A 1 34 ? -5.251  -10.265 -6.576  1.00 13.63  ? 317 GLN A N   1 
ATOM   270 C  CA  . GLN A 1 34 ? -5.927  -11.098 -5.584  1.00 16.02  ? 317 GLN A CA  1 
ATOM   271 C  C   . GLN A 1 34 ? -5.011  -11.555 -4.446  1.00 14.97  ? 317 GLN A C   1 
ATOM   272 O  O   . GLN A 1 34 ? -5.499  -12.039 -3.420  1.00 16.85  ? 317 GLN A O   1 
ATOM   273 C  CB  . GLN A 1 34 ? -6.558  -12.320 -6.250  1.00 19.52  ? 317 GLN A CB  1 
ATOM   274 C  CG  . GLN A 1 34 ? -5.537  -13.344 -6.721  1.00 19.54  ? 317 GLN A CG  1 
ATOM   275 C  CD  . GLN A 1 34 ? -6.184  -14.625 -7.197  1.00 24.36  ? 317 GLN A CD  1 
ATOM   276 O  OE1 . GLN A 1 34 ? -6.988  -15.227 -6.484  1.00 27.22  ? 317 GLN A OE1 1 
ATOM   277 N  NE2 . GLN A 1 34 ? -5.823  -15.060 -8.401  1.00 26.78  ? 317 GLN A NE2 1 
ATOM   278 N  N   . ASP A 1 35 ? -3.696  -11.417 -4.615  1.00 13.64  ? 318 ASP A N   1 
ATOM   279 C  CA  . ASP A 1 35 ? -2.770  -11.798 -3.559  1.00 12.60  ? 318 ASP A CA  1 
ATOM   280 C  C   . ASP A 1 35 ? -2.986  -10.845 -2.392  1.00 14.65  ? 318 ASP A C   1 
ATOM   281 O  O   . ASP A 1 35 ? -2.984  -9.628  -2.587  1.00 12.76  ? 318 ASP A O   1 
ATOM   282 C  CB  . ASP A 1 35 ? -1.329  -11.684 -4.075  1.00 12.03  ? 318 ASP A CB  1 
ATOM   283 C  CG  . ASP A 1 35 ? -0.301  -12.297 -3.131  1.00 16.32  ? 318 ASP A CG  1 
ATOM   284 O  OD1 . ASP A 1 35 ? -0.364  -12.071 -1.914  1.00 13.41  ? 318 ASP A OD1 1 
ATOM   285 O  OD2 . ASP A 1 35 ? 0.609   -13.008 -3.616  1.00 21.13  ? 318 ASP A OD2 1 
ATOM   286 N  N   . PRO A 1 36 ? -3.204  -11.389 -1.181  1.00 13.26  ? 319 PRO A N   1 
ATOM   287 C  CA  . PRO A 1 36 ? -3.439  -10.504 -0.033  1.00 12.20  ? 319 PRO A CA  1 
ATOM   288 C  C   . PRO A 1 36 ? -2.317  -9.491  0.204   1.00 11.63  ? 319 PRO A C   1 
ATOM   289 O  O   . PRO A 1 36 ? -2.588  -8.431  0.765   1.00 13.19  ? 319 PRO A O   1 
ATOM   290 C  CB  . PRO A 1 36 ? -3.565  -11.470 1.156   1.00 16.47  ? 319 PRO A CB  1 
ATOM   291 C  CG  . PRO A 1 36 ? -2.993  -12.767 0.684   1.00 18.29  ? 319 PRO A CG  1 
ATOM   292 C  CD  . PRO A 1 36 ? -3.279  -12.809 -0.804  1.00 14.39  ? 319 PRO A CD  1 
ATOM   293 N  N   . LEU A 1 37 ? -1.093  -9.795  -0.209  1.00 12.25  ? 320 LEU A N   1 
ATOM   294 C  CA  . LEU A 1 37 ? -0.005  -8.835  -0.053  1.00 11.63  ? 320 LEU A CA  1 
ATOM   295 C  C   . LEU A 1 37 ? -0.249  -7.604  -0.919  1.00 13.02  ? 320 LEU A C   1 
ATOM   296 O  O   . LEU A 1 37 ? 0.039   -6.481  -0.507  1.00 13.34  ? 320 LEU A O   1 
ATOM   297 C  CB  . LEU A 1 37 ? 1.339   -9.473  -0.418  1.00 13.77  ? 320 LEU A CB  1 
ATOM   298 C  CG  . LEU A 1 37 ? 1.755   -10.668 0.438   1.00 12.57  ? 320 LEU A CG  1 
ATOM   299 C  CD1 . LEU A 1 37 ? 3.087   -11.187 -0.067  1.00 12.29  ? 320 LEU A CD1 1 
ATOM   300 C  CD2 . LEU A 1 37 ? 1.862   -10.293 1.898   1.00 13.31  ? 320 LEU A CD2 1 
ATOM   301 N  N   . ALA A 1 38 ? -0.775  -7.814  -2.125  1.00 12.89  ? 321 ALA A N   1 
ATOM   302 C  CA  . ALA A 1 38 ? -1.096  -6.692  -3.012  1.00 11.67  ? 321 ALA A CA  1 
ATOM   303 C  C   . ALA A 1 38 ? -2.286  -5.906  -2.469  1.00 13.93  ? 321 ALA A C   1 
ATOM   304 O  O   . ALA A 1 38 ? -2.296  -4.670  -2.497  1.00 12.99  ? 321 ALA A O   1 
ATOM   305 C  CB  . ALA A 1 38 ? -1.397  -7.194  -4.429  1.00 14.21  ? 321 ALA A CB  1 
ATOM   306 N  N   . VAL A 1 39 ? -3.308  -6.618  -2.007  1.00 12.25  ? 322 VAL A N   1 
ATOM   307 C  CA  . VAL A 1 39 ? -4.474  -5.946  -1.454  1.00 12.02  ? 322 VAL A CA  1 
ATOM   308 C  C   . VAL A 1 39 ? -4.042  -5.069  -0.292  1.00 13.86  ? 322 VAL A C   1 
ATOM   309 O  O   . VAL A 1 39 ? -4.454  -3.914  -0.202  1.00 14.79  ? 322 VAL A O   1 
ATOM   310 C  CB  . VAL A 1 39 ? -5.549  -6.944  -0.993  1.00 12.10  ? 322 VAL A CB  1 
ATOM   311 C  CG1 . VAL A 1 39 ? -6.750  -6.205  -0.441  1.00 13.04  ? 322 VAL A CG1 1 
ATOM   312 C  CG2 . VAL A 1 39 ? -5.984  -7.827  -2.159  1.00 15.81  ? 322 VAL A CG2 1 
ATOM   313 N  N   . ALA A 1 40 ? -3.199  -5.611  0.585   1.00 12.55  ? 323 ALA A N   1 
ATOM   314 C  CA  . ALA A 1 40 ? -2.756  -4.855  1.751   1.00 12.00  ? 323 ALA A CA  1 
ATOM   315 C  C   . ALA A 1 40 ? -1.932  -3.626  1.376   1.00 12.34  ? 323 ALA A C   1 
ATOM   316 O  O   . ALA A 1 40 ? -2.085  -2.565  1.983   1.00 14.11  ? 323 ALA A O   1 
ATOM   317 C  CB  . ALA A 1 40 ? -1.975  -5.748  2.697   1.00 13.93  ? 323 ALA A CB  1 
ATOM   318 N  N   . TYR A 1 41 ? -1.035  -3.781  0.406   1.00 11.75  ? 324 TYR A N   1 
ATOM   319 C  CA  . TYR A 1 41 ? -0.206  -2.678  -0.053  1.00 11.14  ? 324 TYR A CA  1 
ATOM   320 C  C   . TYR A 1 41 ? -1.081  -1.510  -0.507  1.00 14.41  ? 324 TYR A C   1 
ATOM   321 O  O   . TYR A 1 41 ? -0.890  -0.365  -0.076  1.00 13.75  ? 324 TYR A O   1 
ATOM   322 C  CB  . TYR A 1 41 ? 0.700   -3.175  -1.184  1.00 12.41  ? 324 TYR A CB  1 
ATOM   323 C  CG  . TYR A 1 41 ? 1.512   -2.123  -1.885  1.00 11.30  ? 324 TYR A CG  1 
ATOM   324 C  CD1 . TYR A 1 41 ? 1.082   -1.596  -3.086  1.00 13.76  ? 324 TYR A CD1 1 
ATOM   325 C  CD2 . TYR A 1 41 ? 2.724   -1.679  -1.361  1.00 13.74  ? 324 TYR A CD2 1 
ATOM   326 C  CE1 . TYR A 1 41 ? 1.828   -0.641  -3.755  1.00 13.80  ? 324 TYR A CE1 1 
ATOM   327 C  CE2 . TYR A 1 41 ? 3.488   -0.722  -2.032  1.00 16.35  ? 324 TYR A CE2 1 
ATOM   328 C  CZ  . TYR A 1 41 ? 3.025   -0.211  -3.227  1.00 15.04  ? 324 TYR A CZ  1 
ATOM   329 O  OH  . TYR A 1 41 ? 3.758   0.738   -3.909  1.00 18.51  ? 324 TYR A OH  1 
ATOM   330 N  N   . HIS A 1 42 ? -2.061  -1.797  -1.351  1.00 14.77  ? 325 HIS A N   1 
ATOM   331 C  CA  . HIS A 1 42 ? -2.922  -0.737  -1.861  1.00 14.01  ? 325 HIS A CA  1 
ATOM   332 C  C   . HIS A 1 42 ? -3.858  -0.204  -0.788  1.00 15.23  ? 325 HIS A C   1 
ATOM   333 O  O   . HIS A 1 42 ? -4.218  0.974   -0.816  1.00 18.55  ? 325 HIS A O   1 
ATOM   334 C  CB  . HIS A 1 42 ? -3.716  -1.228  -3.072  1.00 14.70  ? 325 HIS A CB  1 
ATOM   335 C  CG  . HIS A 1 42 ? -2.855  -1.517  -4.257  1.00 18.07  ? 325 HIS A CG  1 
ATOM   336 N  ND1 . HIS A 1 42 ? -2.140  -0.535  -4.907  1.00 20.57  ? 325 HIS A ND1 1 
ATOM   337 C  CD2 . HIS A 1 42 ? -2.570  -2.677  -4.897  1.00 19.84  ? 325 HIS A CD2 1 
ATOM   338 C  CE1 . HIS A 1 42 ? -1.462  -1.074  -5.906  1.00 21.44  ? 325 HIS A CE1 1 
ATOM   339 N  NE2 . HIS A 1 42 ? -1.707  -2.372  -5.921  1.00 24.03  ? 325 HIS A NE2 1 
ATOM   340 N  N   . LEU A 1 43 ? -4.250  -1.058  0.156   1.00 13.26  ? 326 LEU A N   1 
ATOM   341 C  CA  . LEU A 1 43 ? -5.140  -0.625  1.233   1.00 13.34  ? 326 LEU A CA  1 
ATOM   342 C  C   . LEU A 1 43 ? -4.441  0.403   2.105   1.00 17.08  ? 326 LEU A C   1 
ATOM   343 O  O   . LEU A 1 43 ? -5.037  1.405   2.500   1.00 15.99  ? 326 LEU A O   1 
ATOM   344 C  CB  . LEU A 1 43 ? -5.594  -1.817  2.078   1.00 16.86  ? 326 LEU A CB  1 
ATOM   345 C  CG  . LEU A 1 43 ? -6.582  -1.525  3.208   1.00 20.52  ? 326 LEU A CG  1 
ATOM   346 C  CD1 . LEU A 1 43 ? -7.926  -1.115  2.628   1.00 26.16  ? 326 LEU A CD1 1 
ATOM   347 C  CD2 . LEU A 1 43 ? -6.733  -2.724  4.131   1.00 26.49  ? 326 LEU A CD2 1 
ATOM   348 N  N   . ILE A 1 44 ? -3.170  0.159   2.398   1.00 13.20  ? 327 ILE A N   1 
ATOM   349 C  CA  . ILE A 1 44 ? -2.397  1.075   3.230   1.00 13.10  ? 327 ILE A CA  1 
ATOM   350 C  C   . ILE A 1 44 ? -2.298  2.433   2.555   1.00 14.61  ? 327 ILE A C   1 
ATOM   351 O  O   . ILE A 1 44 ? -2.496  3.472   3.193   1.00 16.58  ? 327 ILE A O   1 
ATOM   352 C  CB  . ILE A 1 44 ? -0.988  0.517   3.470   1.00 13.83  ? 327 ILE A CB  1 
ATOM   353 C  CG1 . ILE A 1 44 ? -1.066  -0.696  4.396   1.00 14.28  ? 327 ILE A CG1 1 
ATOM   354 C  CG2 . ILE A 1 44 ? -0.053  1.589   4.039   1.00 14.34  ? 327 ILE A CG2 1 
ATOM   355 C  CD1 . ILE A 1 44 ? 0.198   -1.570  4.338   1.00 16.63  ? 327 ILE A CD1 1 
ATOM   356 N  N   . ILE A 1 45 ? -2.008  2.426   1.259   1.00 13.55  ? 328 ILE A N   1 
ATOM   357 C  CA  . ILE A 1 45 ? -1.898  3.669   0.502   1.00 13.88  ? 328 ILE A CA  1 
ATOM   358 C  C   . ILE A 1 45 ? -3.255  4.374   0.431   1.00 16.62  ? 328 ILE A C   1 
ATOM   359 O  O   . ILE A 1 45 ? -3.350  5.589   0.655   1.00 16.57  ? 328 ILE A O   1 
ATOM   360 C  CB  . ILE A 1 45 ? -1.341  3.404   -0.911  1.00 13.70  ? 328 ILE A CB  1 
ATOM   361 C  CG1 . ILE A 1 45 ? 0.071   2.830   -0.805  1.00 15.29  ? 328 ILE A CG1 1 
ATOM   362 C  CG2 . ILE A 1 45 ? -1.335  4.680   -1.741  1.00 17.65  ? 328 ILE A CG2 1 
ATOM   363 C  CD1 . ILE A 1 45 ? 0.607   2.283   -2.114  1.00 17.56  ? 328 ILE A CD1 1 
ATOM   364 N  N   . ASP A 1 46 ? -4.305  3.617   0.128   1.00 16.92  ? 329 ASP A N   1 
ATOM   365 C  CA  . ASP A 1 46 ? -5.634  4.207   -0.024  1.00 15.44  ? 329 ASP A CA  1 
ATOM   366 C  C   . ASP A 1 46 ? -6.145  4.786   1.286   1.00 17.86  ? 329 ASP A C   1 
ATOM   367 O  O   . ASP A 1 46 ? -6.745  5.859   1.302   1.00 18.84  ? 329 ASP A O   1 
ATOM   368 C  CB  . ASP A 1 46 ? -6.627  3.184   -0.578  1.00 20.03  ? 329 ASP A CB  1 
ATOM   369 C  CG  . ASP A 1 46 ? -6.318  2.789   -2.012  1.00 36.08  ? 329 ASP A CG  1 
ATOM   370 O  OD1 . ASP A 1 46 ? -5.568  3.525   -2.697  1.00 38.99  ? 329 ASP A OD1 1 
ATOM   371 O  OD2 . ASP A 1 46 ? -6.835  1.742   -2.455  1.00 37.17  ? 329 ASP A OD2 1 
ATOM   372 N  N   . ASN A 1 47 ? -5.901  4.083   2.386   1.00 16.59  ? 330 ASN A N   1 
ATOM   373 C  CA  A ASN A 1 47 ? -6.309  4.533   3.715   0.49 16.37  ? 330 ASN A CA  1 
ATOM   374 C  CA  B ASN A 1 47 ? -6.357  4.578   3.676   0.51 15.02  ? 330 ASN A CA  1 
ATOM   375 C  C   . ASN A 1 47 ? -5.609  5.827   4.108   0.84 15.25  ? 330 ASN A C   1 
ATOM   376 O  O   . ASN A 1 47 ? -6.189  6.708   4.735   0.91 16.70  ? 330 ASN A O   1 
ATOM   377 C  CB  A ASN A 1 47 ? -5.995  3.444   4.747   0.49 19.38  ? 330 ASN A CB  1 
ATOM   378 C  CB  B ASN A 1 47 ? -6.251  3.498   4.748   0.51 19.64  ? 330 ASN A CB  1 
ATOM   379 C  CG  A ASN A 1 47 ? -6.209  3.909   6.174   0.49 25.40  ? 330 ASN A CG  1 
ATOM   380 C  CG  B ASN A 1 47 ? -7.189  2.347   4.503   0.51 26.00  ? 330 ASN A CG  1 
ATOM   381 O  OD1 A ASN A 1 47 ? -7.333  3.916   6.672   0.49 27.73  ? 330 ASN A OD1 1 
ATOM   382 O  OD1 B ASN A 1 47 ? -8.288  2.519   3.966   0.51 23.21  ? 330 ASN A OD1 1 
ATOM   383 N  ND2 A ASN A 1 47 ? -5.125  4.289   6.845   0.49 27.20  ? 330 ASN A ND2 1 
ATOM   384 N  ND2 B ASN A 1 47 ? -6.761  1.154   4.893   0.51 34.74  ? 330 ASN A ND2 1 
ATOM   385 N  N   . ARG A 1 48 ? -4.334  5.917   3.762   1.00 17.05  ? 331 ARG A N   1 
ATOM   386 C  CA  . ARG A 1 48 ? -3.549  7.098   4.072   1.00 15.85  ? 331 ARG A CA  1 
ATOM   387 C  C   . ARG A 1 48 ? -4.175  8.288   3.357   1.00 16.86  ? 331 ARG A C   1 
ATOM   388 O  O   . ARG A 1 48 ? -4.360  9.357   3.941   1.00 17.95  ? 331 ARG A O   1 
ATOM   389 C  CB  . ARG A 1 48 ? -2.106  6.889   3.603   1.00 19.48  ? 331 ARG A CB  1 
ATOM   390 C  CG  . ARG A 1 48 ? -1.084  7.767   4.282   1.00 23.25  ? 331 ARG A CG  1 
ATOM   391 C  CD  . ARG A 1 48 ? 0.321   7.227   4.024   1.00 37.85  ? 331 ARG A CD  1 
ATOM   392 N  NE  . ARG A 1 48 ? 0.641   7.239   2.601   1.00 40.98  ? 331 ARG A NE  1 
ATOM   393 C  CZ  . ARG A 1 48 ? 1.422   6.352   1.988   1.00 30.46  ? 331 ARG A CZ  1 
ATOM   394 N  NH1 . ARG A 1 48 ? 1.984   5.351   2.664   1.00 23.24  ? 331 ARG A NH1 1 
ATOM   395 N  NH2 . ARG A 1 48 ? 1.637   6.468   0.686   1.00 37.49  ? 331 ARG A NH2 1 
ATOM   396 N  N   . ARG A 1 49 ? -4.534  8.077   2.096   1.00 15.48  ? 332 ARG A N   1 
ATOM   397 C  CA  A ARG A 1 49 ? -5.174  9.095   1.271   0.50 15.44  ? 332 ARG A CA  1 
ATOM   398 C  CA  B ARG A 1 49 ? -5.166  9.118   1.294   0.50 14.53  ? 332 ARG A CA  1 
ATOM   399 C  C   . ARG A 1 49 ? -6.520  9.521   1.865   1.00 14.93  ? 332 ARG A C   1 
ATOM   400 O  O   . ARG A 1 49 ? -6.814  10.718  1.996   1.00 16.53  ? 332 ARG A O   1 
ATOM   401 C  CB  A ARG A 1 49 ? -5.366  8.558   -0.153  0.50 18.90  ? 332 ARG A CB  1 
ATOM   402 C  CB  B ARG A 1 49 ? -5.307  8.667   -0.160  0.50 18.84  ? 332 ARG A CB  1 
ATOM   403 C  CG  A ARG A 1 49 ? -6.123  9.485   -1.082  0.50 19.67  ? 332 ARG A CG  1 
ATOM   404 C  CG  B ARG A 1 49 ? -3.999  8.709   -0.915  0.50 27.45  ? 332 ARG A CG  1 
ATOM   405 C  CD  A ARG A 1 49 ? -6.496  8.794   -2.391  0.50 25.96  ? 332 ARG A CD  1 
ATOM   406 C  CD  B ARG A 1 49 ? -4.045  7.891   -2.192  0.50 28.19  ? 332 ARG A CD  1 
ATOM   407 N  NE  A ARG A 1 49 ? -7.465  7.717   -2.193  0.50 27.26  ? 332 ARG A NE  1 
ATOM   408 N  NE  B ARG A 1 49 ? -2.750  7.910   -2.869  0.50 24.62  ? 332 ARG A NE  1 
ATOM   409 C  CZ  A ARG A 1 49 ? -8.767  7.918   -2.016  0.50 30.93  ? 332 ARG A CZ  1 
ATOM   410 C  CZ  B ARG A 1 49 ? -2.491  7.305   -4.024  0.50 30.49  ? 332 ARG A CZ  1 
ATOM   411 N  NH1 A ARG A 1 49 ? -9.248  9.152   -2.002  0.50 29.67  ? 332 ARG A NH1 1 
ATOM   412 N  NH1 B ARG A 1 49 ? -3.437  6.618   -4.651  0.50 33.37  ? 332 ARG A NH1 1 
ATOM   413 N  NH2 A ARG A 1 49 ? -9.589  6.889   -1.846  0.50 32.77  ? 332 ARG A NH2 1 
ATOM   414 N  NH2 B ARG A 1 49 ? -1.278  7.388   -4.554  0.50 28.89  ? 332 ARG A NH2 1 
ATOM   415 N  N   . ILE A 1 50 ? -7.341  8.534   2.211   1.00 13.04  ? 333 ILE A N   1 
ATOM   416 C  CA  . ILE A 1 50 ? -8.655  8.818   2.780   1.00 12.11  ? 333 ILE A CA  1 
ATOM   417 C  C   . ILE A 1 50 ? -8.537  9.571   4.102   1.00 13.47  ? 333 ILE A C   1 
ATOM   418 O  O   . ILE A 1 50 ? -9.245  10.564  4.316   1.00 14.69  ? 333 ILE A O   1 
ATOM   419 C  CB  . ILE A 1 50 ? -9.467  7.529   2.978   1.00 13.32  ? 333 ILE A CB  1 
ATOM   420 C  CG1 . ILE A 1 50 ? -9.801  6.916   1.617   1.00 19.16  ? 333 ILE A CG1 1 
ATOM   421 C  CG2 . ILE A 1 50 ? -10.737 7.818   3.764   1.00 16.56  ? 333 ILE A CG2 1 
ATOM   422 C  CD1 . ILE A 1 50 ? -10.341 5.496   1.704   1.00 24.66  ? 333 ILE A CD1 1 
HETATM 423 N  N   . MSE A 1 51 ? -7.641  9.128   4.981   1.00 14.09  ? 334 MSE A N   1 
HETATM 424 C  CA  . MSE A 1 51 ? -7.461  9.818   6.259   1.00 14.36  ? 334 MSE A CA  1 
HETATM 425 C  C   . MSE A 1 51 ? -7.017  11.258  6.081   1.00 13.67  ? 334 MSE A C   1 
HETATM 426 O  O   . MSE A 1 51 ? -7.496  12.146  6.790   1.00 16.03  ? 334 MSE A O   1 
HETATM 427 C  CB  . MSE A 1 51 ? -6.491  9.059   7.161   0.93 15.50  ? 334 MSE A CB  1 
HETATM 428 C  CG  . MSE A 1 51 ? -7.058  7.752   7.680   1.00 14.56  ? 334 MSE A CG  1 
HETATM 429 SE SE  . MSE A 1 51 ? -8.498  8.026   8.958   0.80 22.32  ? 334 MSE A SE  1 
HETATM 430 C  CE  . MSE A 1 51 ? -7.417  8.643   10.446  1.00 33.88  ? 334 MSE A CE  1 
ATOM   431 N  N   . ASN A 1 52 ? -6.111  11.500  5.139   1.00 14.47  ? 335 ASN A N   1 
ATOM   432 C  CA  . ASN A 1 52 ? -5.709  12.866  4.826   1.00 16.68  ? 335 ASN A CA  1 
ATOM   433 C  C   . ASN A 1 52 ? -6.884  13.722  4.348   1.00 14.98  ? 335 ASN A C   1 
ATOM   434 O  O   . ASN A 1 52 ? -6.991  14.902  4.690   1.00 15.57  ? 335 ASN A O   1 
ATOM   435 C  CB  . ASN A 1 52 ? -4.567  12.871  3.802   1.00 14.51  ? 335 ASN A CB  1 
ATOM   436 C  CG  . ASN A 1 52 ? -3.236  12.519  4.426   1.00 21.36  ? 335 ASN A CG  1 
ATOM   437 O  OD1 . ASN A 1 52 ? -2.987  12.827  5.591   1.00 27.40  ? 335 ASN A OD1 1 
ATOM   438 N  ND2 . ASN A 1 52 ? -2.372  11.865  3.655   1.00 23.53  ? 335 ASN A ND2 1 
ATOM   439 N  N   . GLU A 1 53 ? -7.771  13.126  3.559   1.00 13.36  ? 336 GLU A N   1 
ATOM   440 C  CA  . GLU A 1 53 ? -8.956  13.844  3.105   1.00 12.65  ? 336 GLU A CA  1 
ATOM   441 C  C   . GLU A 1 53 ? -9.926  14.130  4.252   1.00 12.69  ? 336 GLU A C   1 
ATOM   442 O  O   . GLU A 1 53 ? -10.464 15.233  4.354   1.00 13.45  ? 336 GLU A O   1 
ATOM   443 C  CB  . GLU A 1 53 ? -9.692  13.052  2.027   1.00 17.83  ? 336 GLU A CB  1 
ATOM   444 C  CG  . GLU A 1 53 ? -10.556 13.923  1.129   1.00 24.86  ? 336 GLU A CG  1 
ATOM   445 C  CD  . GLU A 1 53 ? -9.724  14.805  0.199   1.00 26.88  ? 336 GLU A CD  1 
ATOM   446 O  OE1 . GLU A 1 53 ? -8.577  14.426  -0.117  1.00 33.69  ? 336 GLU A OE1 1 
ATOM   447 O  OE2 . GLU A 1 53 ? -10.220 15.874  -0.217  1.00 42.03  ? 336 GLU A OE2 1 
ATOM   448 N  N   . LEU A 1 54 ? -10.165 13.130  5.093   1.00 12.91  ? 337 LEU A N   1 
ATOM   449 C  CA  . LEU A 1 54 ? -11.047 13.313  6.249   1.00 12.11  ? 337 LEU A CA  1 
ATOM   450 C  C   . LEU A 1 54 ? -10.519 14.358  7.238   1.00 12.38  ? 337 LEU A C   1 
ATOM   451 O  O   . LEU A 1 54 ? -11.294 15.163  7.772   1.00 12.28  ? 337 LEU A O   1 
ATOM   452 C  CB  . LEU A 1 54 ? -11.253 11.980  6.974   1.00 11.90  ? 337 LEU A CB  1 
ATOM   453 C  CG  . LEU A 1 54 ? -11.963 10.913  6.139   1.00 11.61  ? 337 LEU A CG  1 
ATOM   454 C  CD1 . LEU A 1 54 ? -11.962 9.596   6.907   1.00 14.05  ? 337 LEU A CD1 1 
ATOM   455 C  CD2 . LEU A 1 54 ? -13.378 11.348  5.811   1.00 13.74  ? 337 LEU A CD2 1 
ATOM   456 N  N   . GLU A 1 55 ? -9.218  14.335  7.509   1.00 13.72  ? 338 GLU A N   1 
ATOM   457 C  CA  . GLU A 1 55 ? -8.638  15.324  8.424   1.00 12.37  ? 338 GLU A CA  1 
ATOM   458 C  C   . GLU A 1 55 ? -8.823  16.731  7.869   1.00 13.11  ? 338 GLU A C   1 
ATOM   459 O  O   . GLU A 1 55 ? -9.200  17.653  8.595   1.00 14.29  ? 338 GLU A O   1 
ATOM   460 C  CB  . GLU A 1 55 ? -7.159  15.021  8.692   1.00 14.48  ? 338 GLU A CB  1 
ATOM   461 C  CG  . GLU A 1 55 ? -6.966  13.780  9.548   1.00 19.91  ? 338 GLU A CG  1 
ATOM   462 C  CD  . GLU A 1 55 ? -5.544  13.261  9.541   1.00 22.81  ? 338 GLU A CD  1 
ATOM   463 O  OE1 . GLU A 1 55 ? -4.608  14.059  9.300   1.00 28.78  ? 338 GLU A OE1 1 
ATOM   464 O  OE2 . GLU A 1 55 ? -5.359  12.047  9.773   1.00 23.29  ? 338 GLU A OE2 1 
ATOM   465 N  N   . HIS A 1 56 ? -8.588  16.890  6.572   1.00 12.98  ? 339 HIS A N   1 
ATOM   466 C  CA  . HIS A 1 56 ? -8.802  18.179  5.918   1.00 13.66  ? 339 HIS A CA  1 
ATOM   467 C  C   . HIS A 1 56 ? -10.256 18.638  6.051   1.00 13.83  ? 339 HIS A C   1 
ATOM   468 O  O   . HIS A 1 56 ? -10.526 19.795  6.378   1.00 15.38  ? 339 HIS A O   1 
ATOM   469 C  CB  . HIS A 1 56 ? -8.398  18.101  4.441   1.00 14.11  ? 339 HIS A CB  1 
ATOM   470 C  CG  . HIS A 1 56 ? -8.741  19.333  3.669   1.00 15.09  ? 339 HIS A CG  1 
ATOM   471 N  ND1 . HIS A 1 56 ? -8.090  20.533  3.859   1.00 15.95  ? 339 HIS A ND1 1 
ATOM   472 C  CD2 . HIS A 1 56 ? -9.678  19.557  2.718   1.00 17.94  ? 339 HIS A CD2 1 
ATOM   473 C  CE1 . HIS A 1 56 ? -8.610  21.444  3.056   1.00 19.50  ? 339 HIS A CE1 1 
ATOM   474 N  NE2 . HIS A 1 56 ? -9.575  20.877  2.355   1.00 20.89  ? 339 HIS A NE2 1 
ATOM   475 N  N   . HIS A 1 57 ? -11.195 17.734  5.804   1.00 13.50  ? 340 HIS A N   1 
ATOM   476 C  CA  . HIS A 1 57 ? -12.602 18.106  5.913   1.00 14.61  ? 340 HIS A CA  1 
ATOM   477 C  C   . HIS A 1 57 ? -12.992 18.454  7.333   1.00 14.00  ? 340 HIS A C   1 
ATOM   478 O  O   . HIS A 1 57 ? -13.802 19.355  7.552   1.00 15.72  ? 340 HIS A O   1 
ATOM   479 C  CB  . HIS A 1 57 ? -13.506 17.012  5.358   1.00 16.29  ? 340 HIS A CB  1 
ATOM   480 C  CG  . HIS A 1 57 ? -13.701 17.102  3.877   0.69 27.71  ? 340 HIS A CG  1 
ATOM   481 N  ND1 . HIS A 1 57 ? -12.847 16.512  2.971   0.61 35.10  ? 340 HIS A ND1 1 
ATOM   482 C  CD2 . HIS A 1 57 ? -14.645 17.740  3.146   0.77 31.52  ? 340 HIS A CD2 1 
ATOM   483 C  CE1 . HIS A 1 57 ? -13.266 16.770  1.744   0.88 29.45  ? 340 HIS A CE1 1 
ATOM   484 N  NE2 . HIS A 1 57 ? -14.354 17.514  1.822   0.46 28.65  ? 340 HIS A NE2 1 
ATOM   485 N  N   . HIS A 1 58 ? -12.425 17.741  8.296   1.00 12.99  ? 341 HIS A N   1 
ATOM   486 C  CA  . HIS A 1 58 ? -12.729 18.019  9.698   1.00 13.09  ? 341 HIS A CA  1 
ATOM   487 C  C   . HIS A 1 58 ? -12.284 19.423  10.094  1.00 14.51  ? 341 HIS A C   1 
ATOM   488 O  O   . HIS A 1 58 ? -13.023 20.161  10.776  1.00 16.77  ? 341 HIS A O   1 
ATOM   489 C  CB  . HIS A 1 58 ? -12.063 16.989  10.595  1.00 12.93  ? 341 HIS A CB  1 
ATOM   490 C  CG  . HIS A 1 58 ? -12.149 17.337  12.044  1.00 13.34  ? 341 HIS A CG  1 
ATOM   491 N  ND1 . HIS A 1 58 ? -13.345 17.380  12.734  1.00 14.05  ? 341 HIS A ND1 1 
ATOM   492 C  CD2 . HIS A 1 58 ? -11.188 17.687  12.930  1.00 15.80  ? 341 HIS A CD2 1 
ATOM   493 C  CE1 . HIS A 1 58 ? -13.111 17.742  13.984  1.00 14.88  ? 341 HIS A CE1 1 
ATOM   494 N  NE2 . HIS A 1 58 ? -11.809 17.927  14.129  1.00 15.71  ? 341 HIS A NE2 1 
ATOM   495 N  N   . HIS A 1 59 ? -11.077 19.792  9.670   1.00 14.45  ? 342 HIS A N   1 
ATOM   496 C  CA  . HIS A 1 59 ? -10.511 21.082  10.061  1.00 14.70  ? 342 HIS A CA  1 
ATOM   497 C  C   . HIS A 1 59 ? -11.018 22.269  9.261   1.00 17.76  ? 342 HIS A C   1 
ATOM   498 O  O   . HIS A 1 59 ? -11.039 23.396  9.765   1.00 22.13  ? 342 HIS A O   1 
ATOM   499 C  CB  . HIS A 1 59 ? -8.983  21.039  10.031  1.00 17.15  ? 342 HIS A CB  1 
ATOM   500 C  CG  . HIS A 1 59 ? -8.390  20.173  11.097  1.00 16.88  ? 342 HIS A CG  1 
ATOM   501 N  ND1 . HIS A 1 59 ? -8.602  20.407  12.441  1.00 21.89  ? 342 HIS A ND1 1 
ATOM   502 C  CD2 . HIS A 1 59 ? -7.603  19.075  11.022  1.00 23.72  ? 342 HIS A CD2 1 
ATOM   503 C  CE1 . HIS A 1 59 ? -7.964  19.489  13.146  1.00 22.66  ? 342 HIS A CE1 1 
ATOM   504 N  NE2 . HIS A 1 59 ? -7.353  18.670  12.312  1.00 23.99  ? 342 HIS A NE2 1 
ATOM   505 N  N   . HIS A 1 60 ? -11.454 22.031  8.033   1.00 16.25  ? 343 HIS A N   1 
ATOM   506 C  CA  . HIS A 1 60 ? -11.733 23.156  7.142   1.00 18.18  ? 343 HIS A CA  1 
ATOM   507 C  C   . HIS A 1 60 ? -13.141 23.204  6.565   1.00 25.02  ? 343 HIS A C   1 
ATOM   508 O  O   . HIS A 1 60 ? -13.512 24.177  5.901   1.00 29.57  ? 343 HIS A O   1 
ATOM   509 C  CB  . HIS A 1 60 ? -10.675 23.201  6.039   1.00 20.36  ? 343 HIS A CB  1 
ATOM   510 C  CG  . HIS A 1 60 ? -9.288  23.370  6.567   1.00 20.38  ? 343 HIS A CG  1 
ATOM   511 N  ND1 . HIS A 1 60 ? -8.868  24.536  7.171   1.00 26.19  ? 343 HIS A ND1 1 
ATOM   512 C  CD2 . HIS A 1 60 ? -8.240  22.515  6.623   1.00 20.41  ? 343 HIS A CD2 1 
ATOM   513 C  CE1 . HIS A 1 60 ? -7.611  24.398  7.557   1.00 24.34  ? 343 HIS A CE1 1 
ATOM   514 N  NE2 . HIS A 1 60 ? -7.208  23.181  7.241   1.00 21.95  ? 343 HIS A NE2 1 
ATOM   515 N  N   . HIS A 1 61 ? -13.930 22.172  6.837   1.00 21.51  ? 344 HIS A N   1 
ATOM   516 C  CA  . HIS A 1 61 ? -15.311 22.128  6.357   1.00 27.06  ? 344 HIS A CA  1 
ATOM   517 C  C   . HIS A 1 61 ? -16.258 21.671  7.462   1.00 30.07  ? 344 HIS A C   1 
ATOM   518 O  O   . HIS A 1 61 ? -15.919 21.750  8.644   1.00 28.22  ? 344 HIS A O   1 
ATOM   519 C  CB  . HIS A 1 61 ? -15.418 21.212  5.138   1.00 26.85  ? 344 HIS A CB  1 
ATOM   520 C  CG  . HIS A 1 61 ? -14.662 21.715  3.948   1.00 32.38  ? 344 HIS A CG  1 
ATOM   521 N  ND1 . HIS A 1 61 ? -13.658 20.992  3.340   1.00 40.90  ? 344 HIS A ND1 1 
ATOM   522 C  CD2 . HIS A 1 61 ? -14.759 22.877  3.260   1.00 42.60  ? 344 HIS A CD2 1 
ATOM   523 C  CE1 . HIS A 1 61 ? -13.173 21.687  2.326   1.00 40.57  ? 344 HIS A CE1 1 
ATOM   524 N  NE2 . HIS A 1 61 ? -13.823 22.834  2.256   1.00 45.17  ? 344 HIS A NE2 1 
HETATM 525 MG MG  . MG  B 2 .  ? -17.132 19.031  11.756  0.69 18.76  ? 401 MG  A MG  1 
HETATM 526 O  O   . HOH C 3 .  ? -5.631  20.721  5.108   1.00 18.56  ? 501 HOH A O   1 
HETATM 527 O  O   . HOH C 3 .  ? 11.447  -2.952  9.643   1.00 16.81  ? 502 HOH A O   1 
HETATM 528 O  O   . HOH C 3 .  ? 13.306  -9.583  -0.462  1.00 19.26  ? 503 HOH A O   1 
HETATM 529 O  O   . HOH C 3 .  ? 10.917  -8.422  5.218   1.00 18.70  ? 504 HOH A O   1 
HETATM 530 O  O   . HOH C 3 .  ? 5.103   -14.947 5.083   1.00 21.12  ? 505 HOH A O   1 
HETATM 531 O  O   . HOH C 3 .  ? 14.703  -11.396 -2.134  1.00 23.25  ? 506 HOH A O   1 
HETATM 532 O  O   . HOH C 3 .  ? -2.443  3.695   5.999   1.00 22.43  ? 507 HOH A O   1 
HETATM 533 O  O   . HOH C 3 .  ? -4.974  16.464  5.919   1.00 21.47  ? 508 HOH A O   1 
HETATM 534 O  O   . HOH C 3 .  ? 1.842   -12.004 10.078  1.00 24.83  ? 509 HOH A O   1 
HETATM 535 O  O   . HOH C 3 .  ? 2.341   -13.080 -8.314  1.00 24.65  ? 510 HOH A O   1 
HETATM 536 O  O   . HOH C 3 .  ? 0.968   -13.794 -6.083  1.00 24.43  ? 511 HOH A O   1 
HETATM 537 O  O   . HOH C 3 .  ? 10.439  -0.152  2.053   1.00 32.04  ? 512 HOH A O   1 
HETATM 538 O  O   . HOH C 3 .  ? 4.201   -14.807 -0.989  1.00 24.55  ? 513 HOH A O   1 
HETATM 539 O  O   . HOH C 3 .  ? 6.408   -11.213 -17.107 1.00 31.56  ? 514 HOH A O   1 
HETATM 540 O  O   . HOH C 3 .  ? -6.621  -2.744  -1.698  1.00 25.47  ? 515 HOH A O   1 
HETATM 541 O  O   . HOH C 3 .  ? 8.131   6.124   -1.344  1.00 36.36  ? 516 HOH A O   1 
HETATM 542 O  O   . HOH C 3 .  ? -3.446  -11.151 -12.062 1.00 24.67  ? 517 HOH A O   1 
HETATM 543 O  O   . HOH C 3 .  ? -4.316  16.705  10.177  1.00 25.56  ? 518 HOH A O   1 
HETATM 544 O  O   . HOH C 3 .  ? -3.162  15.044  7.091   1.00 35.53  ? 519 HOH A O   1 
HETATM 545 O  O   . HOH C 3 .  ? 11.735  -13.833 -1.103  1.00 31.98  ? 520 HOH A O   1 
HETATM 546 O  O   . HOH C 3 .  ? -5.432  18.162  8.098   1.00 29.04  ? 521 HOH A O   1 
HETATM 547 O  O   . HOH C 3 .  ? 7.208   -4.354  -8.428  1.00 30.40  ? 522 HOH A O   1 
HETATM 548 O  O   . HOH C 3 .  ? -10.113 26.743  6.023   1.00 32.38  ? 523 HOH A O   1 
HETATM 549 O  O   . HOH C 3 .  ? -0.015  -4.338  -9.684  1.00 37.33  ? 524 HOH A O   1 
HETATM 550 O  O   . HOH C 3 .  ? 4.076   -4.860  -14.145 1.00 33.09  ? 525 HOH A O   1 
HETATM 551 O  O   . HOH C 3 .  ? 4.755   -13.966 -7.280  1.00 30.81  ? 526 HOH A O   1 
HETATM 552 O  O   . HOH C 3 .  ? -17.105 17.319  5.264   1.00 31.87  ? 527 HOH A O   1 
HETATM 553 O  O   . HOH C 3 .  ? -2.403  2.167   -4.505  1.00 43.80  ? 528 HOH A O   1 
HETATM 554 O  O   . HOH C 3 .  ? -1.008  -6.094  -8.124  1.00 31.85  ? 529 HOH A O   1 
HETATM 555 O  O   . HOH C 3 .  ? -16.558 18.249  7.933   1.00 33.27  ? 530 HOH A O   1 
HETATM 556 O  O   . HOH C 3 .  ? 5.386   -16.308 2.375   1.00 35.02  ? 531 HOH A O   1 
HETATM 557 O  O   . HOH C 3 .  ? -3.061  -4.956  -6.948  1.00 33.81  ? 532 HOH A O   1 
HETATM 558 O  O   . HOH C 3 .  ? 0.552   11.359  4.130   1.00 35.86  ? 533 HOH A O   1 
HETATM 559 O  O   . HOH C 3 .  ? 7.114   -0.929  13.004  1.00 30.40  ? 534 HOH A O   1 
HETATM 560 O  O   . HOH C 3 .  ? 4.771   -13.404 -4.658  1.00 35.62  ? 535 HOH A O   1 
HETATM 561 O  O   . HOH C 3 .  ? -6.069  12.574  0.168   1.00 36.80  ? 536 HOH A O   1 
HETATM 562 O  O   . HOH C 3 .  ? -7.577  -0.160  -1.133  1.00 33.28  ? 537 HOH A O   1 
HETATM 563 O  O   . HOH C 3 .  ? 3.214   1.595   -6.228  1.00 44.35  ? 538 HOH A O   1 
HETATM 564 O  O   . HOH C 3 .  ? -3.034  11.153  8.613   1.00 49.39  ? 539 HOH A O   1 
HETATM 565 O  O   . HOH C 3 .  ? 6.217   1.810   7.178   1.00 32.04  ? 540 HOH A O   1 
HETATM 566 O  O   . HOH C 3 .  ? 1.470   -14.562 -10.369 1.00 36.60  ? 541 HOH A O   1 
HETATM 567 O  O   . HOH C 3 .  ? 7.241   -15.645 3.714   1.00 38.27  ? 542 HOH A O   1 
HETATM 568 O  O   . HOH C 3 .  ? -2.713  9.698   6.824   1.00 34.05  ? 543 HOH A O   1 
HETATM 569 O  O   . HOH C 3 .  ? 0.659   -8.679  11.966  1.00 29.16  ? 544 HOH A O   1 
HETATM 570 O  O   . HOH C 3 .  ? 14.508  -14.464 -5.078  1.00 42.36  ? 545 HOH A O   1 
HETATM 571 O  O   . HOH C 3 .  ? 5.511   -3.103  -9.890  1.00 38.39  ? 546 HOH A O   1 
HETATM 572 O  O   . HOH C 3 .  ? 7.534   3.873   -17.176 1.00 45.22  ? 547 HOH A O   1 
HETATM 573 O  O   . HOH C 3 .  ? -2.979  -16.301 -6.541  1.00 41.65  ? 548 HOH A O   1 
HETATM 574 O  O   . HOH C 3 .  ? 5.999   0.419   9.358   1.00 37.92  ? 549 HOH A O   1 
HETATM 575 O  O   . HOH C 3 .  ? 2.028   4.428   5.513   1.00 37.65  ? 550 HOH A O   1 
HETATM 576 O  O   . HOH C 3 .  ? -1.575  7.683   -0.033  1.00 32.89  ? 551 HOH A O   1 
HETATM 577 O  O   . HOH C 3 .  ? -3.089  -15.464 -4.057  1.00 41.04  ? 552 HOH A O   1 
HETATM 578 O  O   . HOH C 3 .  ? -4.553  23.108  8.158   1.00 50.21  ? 553 HOH A O   1 
HETATM 579 O  O   . HOH C 3 .  ? 10.868  1.173   -7.313  1.00 39.86  ? 554 HOH A O   1 
HETATM 580 O  O   . HOH C 3 .  ? 3.770   6.194   6.456   1.00 48.98  ? 555 HOH A O   1 
HETATM 581 O  O   . HOH C 3 .  ? 1.023   -16.702 -5.810  1.00 57.47  ? 556 HOH A O   1 
HETATM 582 O  O   . HOH C 3 .  ? -6.548  -17.574 -9.434  1.00 43.32  ? 557 HOH A O   1 
HETATM 583 O  O   . HOH C 3 .  ? 4.266   -2.353  10.938  1.00 37.75  ? 558 HOH A O   1 
HETATM 584 O  O   . HOH C 3 .  ? -5.424  20.902  7.653   1.00 36.15  ? 559 HOH A O   1 
HETATM 585 O  O   . HOH C 3 .  ? 3.986   -11.660 -15.390 1.00 39.49  ? 560 HOH A O   1 
HETATM 586 O  O   . HOH C 3 .  ? 5.010   3.266   -11.359 1.00 40.30  ? 561 HOH A O   1 
HETATM 587 O  O   . HOH C 3 .  ? -7.109  -15.686 -3.757  1.00 49.87  ? 562 HOH A O   1 
HETATM 588 O  O   . HOH C 3 .  ? 2.847   2.383   5.998   1.00 42.86  ? 563 HOH A O   1 
HETATM 589 O  O   . HOH C 3 .  ? -3.730  0.813   6.898   1.00 46.17  ? 564 HOH A O   1 
HETATM 590 O  O   . HOH C 3 .  ? 7.066   -15.718 8.094   1.00 40.27  ? 565 HOH A O   1 
HETATM 591 O  O   . HOH C 3 .  ? 2.134   6.299   -2.880  1.00 39.95  ? 566 HOH A O   1 
HETATM 592 O  O   . HOH C 3 .  ? 5.078   7.058   1.443   1.00 57.50  ? 567 HOH A O   1 
HETATM 593 O  O   . HOH C 3 .  ? -9.760  22.743  13.637  1.00 41.40  ? 568 HOH A O   1 
HETATM 594 O  O   . HOH C 3 .  ? 3.982   -8.918  12.593  1.00 39.44  ? 569 HOH A O   1 
HETATM 595 O  O   . HOH C 3 .  ? -12.351 26.140  4.835   1.00 39.05  ? 570 HOH A O   1 
HETATM 596 O  O   . HOH C 3 .  ? 0.016   -16.749 -9.484  1.00 47.85  ? 571 HOH A O   1 
HETATM 597 O  O   . HOH C 3 .  ? -16.293 19.770  13.839  1.00 46.10  ? 572 HOH A O   1 
HETATM 598 O  O   . HOH C 3 .  ? -15.632 20.086  10.775  1.00 54.24  ? 573 HOH A O   1 
HETATM 599 O  O   . HOH C 3 .  ? -18.351 20.667  11.762  1.00 58.08  ? 574 HOH A O   1 
HETATM 600 O  O   . HOH C 3 .  ? -18.558 18.004  12.893  1.00 58.39  ? 575 HOH A O   1 
HETATM 601 O  O   . HOH C 3 .  ? -17.975 18.316  10.072  1.00 55.04  ? 576 HOH A O   1 
HETATM 602 O  O   . HOH C 3 .  ? -15.976 17.057  12.003  1.00 18.74  ? 577 HOH A O   1 
HETATM 603 O  O   . HOH C 3 .  ? -4.006  -14.476 -9.942  1.00 40.23  ? 578 HOH A O   1 
HETATM 604 O  O   . HOH C 3 .  ? 3.133   -0.842  -8.168  1.00 45.54  ? 579 HOH A O   1 
# 
loop_
_atom_site_anisotrop.id 
_atom_site_anisotrop.type_symbol 
_atom_site_anisotrop.pdbx_label_atom_id 
_atom_site_anisotrop.pdbx_label_alt_id 
_atom_site_anisotrop.pdbx_label_comp_id 
_atom_site_anisotrop.pdbx_label_asym_id 
_atom_site_anisotrop.pdbx_label_seq_id 
_atom_site_anisotrop.pdbx_PDB_ins_code 
_atom_site_anisotrop.U[1][1] 
_atom_site_anisotrop.U[2][2] 
_atom_site_anisotrop.U[3][3] 
_atom_site_anisotrop.U[1][2] 
_atom_site_anisotrop.U[1][3] 
_atom_site_anisotrop.U[2][3] 
_atom_site_anisotrop.pdbx_auth_seq_id 
_atom_site_anisotrop.pdbx_auth_comp_id 
_atom_site_anisotrop.pdbx_auth_asym_id 
_atom_site_anisotrop.pdbx_auth_atom_id 
1   N  N   . SER A 1  ? 0.7290 0.7667 0.4119 -0.0652 0.2750  0.0844  284 SER A N   
2   C  CA  . SER A 1  ? 0.7861 0.7827 0.4763 -0.0191 0.2340  0.0949  284 SER A CA  
3   C  C   . SER A 1  ? 0.7081 0.6859 0.4625 -0.0263 0.2306  0.0845  284 SER A C   
4   O  O   . SER A 1  ? 0.6154 0.6282 0.4251 -0.0598 0.2543  0.0620  284 SER A O   
5   C  CB  . SER A 1  ? 0.7204 0.7873 0.4516 0.0230  0.2050  0.0709  284 SER A CB  
6   O  OG  . SER A 1  ? 0.6260 0.7700 0.4531 0.0166  0.2056  0.0307  284 SER A OG  
7   N  N   . SER A 2  ? 0.6536 0.5785 0.4020 0.0060  0.2000  0.0974  285 SER A N   
8   C  CA  . SER A 2  ? 0.6109 0.5188 0.4172 0.0026  0.1938  0.0862  285 SER A CA  
9   C  C   . SER A 2  ? 0.5393 0.4684 0.3843 0.0463  0.1565  0.0709  285 SER A C   
10  O  O   . SER A 2  ? 0.6439 0.5459 0.4475 0.0818  0.1314  0.0843  285 SER A O   
11  C  CB  . SER A 2  ? 0.7989 0.6061 0.5542 -0.0128 0.1995  0.1176  285 SER A CB  
12  O  OG  . SER A 2  ? 0.9212 0.7077 0.6363 -0.0605 0.2368  0.1320  285 SER A OG  
13  N  N   . THR A 3  ? 0.4479 0.4263 0.3711 0.0419  0.1519  0.0410  286 THR A N   
14  C  CA  . THR A 3  ? 0.3928 0.3943 0.3516 0.0743  0.1202  0.0244  286 THR A CA  
15  C  C   . THR A 3  ? 0.3642 0.3380 0.3621 0.0665  0.1156  0.0163  286 THR A C   
16  O  O   . THR A 3  ? 0.3621 0.3445 0.4003 0.0356  0.1322  0.0048  286 THR A O   
17  C  CB  . THR A 3  ? 0.5061 0.5924 0.5151 0.0790  0.1104  -0.0048 286 THR A CB  
18  O  OG1 . THR A 3  ? 0.6006 0.7196 0.6646 0.0466  0.1254  -0.0255 286 THR A OG1 
19  C  CG2 . THR A 3  ? 0.5227 0.6399 0.4949 0.0909  0.1124  0.0004  286 THR A CG2 
20  N  N   . MSE A 4  ? 0.4043 0.3480 0.3924 0.0953  0.0920  0.0187  287 MSE A N   
21  C  CA  . MSE A 4  ? 0.4055 0.3250 0.4284 0.0907  0.0861  0.0085  287 MSE A CA  
22  C  C   . MSE A 4  ? 0.3935 0.3725 0.4680 0.1006  0.0669  -0.0217 287 MSE A C   
23  O  O   . MSE A 4  ? 0.3687 0.3817 0.4376 0.1269  0.0482  -0.0299 287 MSE A O   
24  C  CB  . MSE A 4  ? 0.5003 0.3453 0.4822 0.1134  0.0721  0.0259  287 MSE A CB  
25  C  CG  . MSE A 4  ? 0.7166 0.4869 0.6384 0.0967  0.0890  0.0597  287 MSE A CG  
26  SE SE  . MSE A 4  ? 1.5626 1.2223 1.4290 0.1276  0.0609  0.0821  287 MSE A SE  
27  C  CE  . MSE A 4  ? 0.8021 0.4722 0.7486 0.1250  0.0534  0.0493  287 MSE A CE  
28  N  N   . ILE A 5  ? 0.2832 0.2741 0.4053 0.0765  0.0715  -0.0383 288 ILE A N   
29  C  CA  . ILE A 5  ? 0.2200 0.2558 0.3671 0.0718  0.0492  -0.0586 288 ILE A CA  
30  C  C   . ILE A 5  ? 0.2201 0.2288 0.3789 0.0636  0.0434  -0.0646 288 ILE A C   
31  O  O   . ILE A 5  ? 0.2964 0.2657 0.4762 0.0512  0.0612  -0.0631 288 ILE A O   
32  C  CB  . ILE A 5  ? 0.2341 0.3008 0.3954 0.0397  0.0454  -0.0639 288 ILE A CB  
33  C  CG1 . ILE A 5  ? 0.3317 0.4265 0.4758 0.0463  0.0463  -0.0573 288 ILE A CG1 
34  C  CG2 . ILE A 5  ? 0.2438 0.3141 0.3964 0.0215  0.0203  -0.0709 288 ILE A CG2 
35  C  CD1 . ILE A 5  ? 0.2982 0.3997 0.4142 0.0603  0.0300  -0.0484 288 ILE A CD1 
36  N  N   . ASP A 6  ? 0.1960 0.2222 0.3403 0.0661  0.0239  -0.0689 289 ASP A N   
37  C  CA  . ASP A 6  ? 0.2170 0.2338 0.3748 0.0555  0.0177  -0.0787 289 ASP A CA  
38  C  C   . ASP A 6  ? 0.2178 0.2552 0.4010 0.0193  0.0128  -0.0881 289 ASP A C   
39  O  O   . ASP A 6  ? 0.2059 0.2618 0.3760 0.0060  -0.0024 -0.0956 289 ASP A O   
40  C  CB  . ASP A 6  ? 0.2265 0.2609 0.3687 0.0656  0.0030  -0.0848 289 ASP A CB  
41  C  CG  . ASP A 6  ? 0.2536 0.2788 0.4101 0.0639  -0.0018 -0.0972 289 ASP A CG  
42  O  OD1 . ASP A 6  ? 0.3268 0.3282 0.4738 0.0887  -0.0037 -0.0972 289 ASP A OD1 
43  O  OD2 . ASP A 6  ? 0.2450 0.2864 0.4239 0.0379  -0.0056 -0.1076 289 ASP A OD2 
44  N  N   . ASP A 7  ? 0.2919 0.2246 0.3889 -0.0734 0.0136  -0.0186 290 ASP A N   
45  C  CA  . ASP A 7  ? 0.2614 0.2318 0.3775 -0.0777 0.0042  -0.0259 290 ASP A CA  
46  C  C   . ASP A 7  ? 0.2356 0.2097 0.3396 -0.0677 -0.0078 -0.0358 290 ASP A C   
47  O  O   . ASP A 7  ? 0.2335 0.2353 0.3416 -0.0595 -0.0138 -0.0367 290 ASP A O   
48  C  CB  . ASP A 7  ? 0.2908 0.2714 0.4297 -0.1001 0.0036  -0.0329 290 ASP A CB  
49  C  CG  . ASP A 7  ? 0.4158 0.4037 0.5690 -0.1089 0.0169  -0.0207 290 ASP A CG  
50  O  OD1 . ASP A 7  ? 0.4422 0.4417 0.5955 -0.0965 0.0236  -0.0096 290 ASP A OD1 
51  O  OD2 . ASP A 7  ? 0.5740 0.5555 0.7304 -0.1248 0.0191  -0.0205 290 ASP A OD2 
52  N  N   . GLU A 8  ? 0.2433 0.1876 0.3291 -0.0663 -0.0104 -0.0426 291 GLU A N   
53  C  CA  . GLU A 8  ? 0.2548 0.2023 0.3268 -0.0549 -0.0205 -0.0514 291 GLU A CA  
54  C  C   . GLU A 8  ? 0.2262 0.1837 0.2874 -0.0372 -0.0184 -0.0427 291 GLU A C   
55  O  O   . GLU A 8  ? 0.2470 0.2236 0.3057 -0.0289 -0.0244 -0.0453 291 GLU A O   
56  C  CB  . GLU A 8  ? 0.3108 0.2226 0.3624 -0.0551 -0.0238 -0.0609 291 GLU A CB  
57  C  CG  . GLU A 8  ? 0.3958 0.3029 0.4570 -0.0739 -0.0319 -0.0749 291 GLU A CG  
58  C  CD  . GLU A 8  ? 0.5022 0.4523 0.5838 -0.0768 -0.0424 -0.0823 291 GLU A CD  
59  O  OE1 . GLU A 8  ? 0.5360 0.4958 0.6055 -0.0629 -0.0518 -0.0894 291 GLU A OE1 
60  O  OE2 . GLU A 8  ? 0.5539 0.5299 0.6624 -0.0908 -0.0409 -0.0806 291 GLU A OE2 
61  N  N   . ALA A 9  ? 0.2058 0.1504 0.2598 -0.0317 -0.0098 -0.0325 292 ALA A N   
62  C  CA  . ALA A 9  ? 0.1794 0.1353 0.2262 -0.0191 -0.0081 -0.0248 292 ALA A CA  
63  C  C   . ALA A 9  ? 0.1686 0.1480 0.2264 -0.0197 -0.0085 -0.0193 292 ALA A C   
64  O  O   . ALA A 9  ? 0.1774 0.1684 0.2289 -0.0123 -0.0106 -0.0172 292 ALA A O   
65  C  CB  . ALA A 9  ? 0.2252 0.1656 0.2633 -0.0133 -0.0008 -0.0169 292 ALA A CB  
66  N  N   . LEU A 10 ? 0.1819 0.1665 0.2533 -0.0276 -0.0053 -0.0162 293 LEU A N   
67  C  CA  . LEU A 10 ? 0.1937 0.1991 0.2719 -0.0251 -0.0056 -0.0113 293 LEU A CA  
68  C  C   . LEU A 10 ? 0.1638 0.1890 0.2430 -0.0215 -0.0141 -0.0186 293 LEU A C   
69  O  O   . LEU A 10 ? 0.1768 0.2096 0.2464 -0.0121 -0.0153 -0.0147 293 LEU A O   
70  C  CB  . LEU A 10 ? 0.1847 0.1967 0.2788 -0.0331 0.0000  -0.0075 293 LEU A CB  
71  C  CG  . LEU A 10 ? 0.2204 0.2542 0.3206 -0.0277 0.0013  -0.0017 293 LEU A CG  
72  C  CD1 . LEU A 10 ? 0.2706 0.2939 0.3525 -0.0159 0.0030  0.0067  293 LEU A CD1 
73  C  CD2 . LEU A 10 ? 0.2086 0.2492 0.3253 -0.0360 0.0095  0.0031  293 LEU A CD2 
74  N  N   . LYS A 11 ? 0.1723 0.2027 0.2596 -0.0286 -0.0202 -0.0297 294 LYS A N   
75  C  CA  . LYS A 11 ? 0.1607 0.2113 0.2475 -0.0234 -0.0300 -0.0386 294 LYS A CA  
76  C  C   . LYS A 11 ? 0.1579 0.2005 0.2227 -0.0102 -0.0318 -0.0383 294 LYS A C   
77  O  O   . LYS A 11 ? 0.1685 0.2234 0.2242 0.0004  -0.0348 -0.0371 294 LYS A O   
78  C  CB  . LYS A 11 ? 0.1900 0.2453 0.2890 -0.0352 -0.0380 -0.0528 294 LYS A CB  
79  C  CG  . LYS A 11 ? 0.2247 0.3031 0.3220 -0.0279 -0.0504 -0.0642 294 LYS A CG  
80  C  CD  . LYS A 11 ? 0.3410 0.4316 0.4571 -0.0437 -0.0599 -0.0793 294 LYS A CD  
81  C  CE  . LYS A 11 ? 0.4449 0.5102 0.5449 -0.0449 -0.0677 -0.0919 294 LYS A CE  
82  N  NZ  . LYS A 11 ? 0.3789 0.4558 0.4616 -0.0271 -0.0784 -0.1002 294 LYS A NZ  
83  N  N   . GLU A 12 ? 0.1759 0.1977 0.2302 -0.0096 -0.0292 -0.0382 295 GLU A N   
84  C  CA  . GLU A 12 ? 0.1706 0.1888 0.2062 0.0022  -0.0290 -0.0368 295 GLU A CA  
85  C  C   . GLU A 12 ? 0.1884 0.2102 0.2176 0.0073  -0.0227 -0.0245 295 GLU A C   
86  O  O   . GLU A 12 ? 0.1953 0.2222 0.2113 0.0161  -0.0230 -0.0225 295 GLU A O   
87  C  CB  . GLU A 12 ? 0.2095 0.2091 0.2362 0.0038  -0.0264 -0.0386 295 GLU A CB  
88  C  CG  . GLU A 12 ? 0.2523 0.2540 0.2620 0.0167  -0.0244 -0.0360 295 GLU A CG  
89  C  CD  . GLU A 12 ? 0.3990 0.3858 0.3973 0.0227  -0.0231 -0.0395 295 GLU A CD  
90  O  OE1 . GLU A 12 ? 0.4662 0.4596 0.4545 0.0328  -0.0183 -0.0343 295 GLU A OE1 
91  O  OE2 . GLU A 12 ? 0.4307 0.3990 0.4288 0.0177  -0.0262 -0.0473 295 GLU A OE2 
92  N  N   . VAL A 13 ? 0.1455 0.1616 0.1809 0.0021  -0.0169 -0.0163 296 VAL A N   
93  C  CA  . VAL A 13 ? 0.1479 0.1631 0.1753 0.0047  -0.0125 -0.0062 296 VAL A CA  
94  C  C   . VAL A 13 ? 0.1424 0.1654 0.1638 0.0105  -0.0151 -0.0052 296 VAL A C   
95  O  O   . VAL A 13 ? 0.1575 0.1766 0.1626 0.0165  -0.0134 -0.0003 296 VAL A O   
96  C  CB  . VAL A 13 ? 0.1423 0.1490 0.1753 -0.0004 -0.0080 0.0005  296 VAL A CB  
97  C  CG1 . VAL A 13 ? 0.1604 0.1620 0.1821 0.0011  -0.0056 0.0089  296 VAL A CG1 
98  C  CG2 . VAL A 13 ? 0.1653 0.1649 0.1993 -0.0019 -0.0054 0.0003  296 VAL A CG2 
99  N  N   . CYS A 14 ? 0.1227 0.1570 0.1558 0.0094  -0.0187 -0.0095 297 CYS A N   
100 C  CA  . CYS A 14 ? 0.1558 0.2017 0.1825 0.0188  -0.0216 -0.0089 297 CYS A CA  
101 C  C   . CYS A 14 ? 0.1450 0.1968 0.1570 0.0293  -0.0266 -0.0140 297 CYS A C   
102 O  O   . CYS A 14 ? 0.1822 0.2299 0.1743 0.0408  -0.0256 -0.0090 297 CYS A O   
103 C  CB  . CYS A 14 ? 0.1271 0.1941 0.1742 0.0155  -0.0246 -0.0135 297 CYS A CB  
104 S  SG  . CYS A 14 ? 0.1725 0.2330 0.2295 0.0095  -0.0164 -0.0043 297 CYS A SG  
105 N  N   . GLU A 15 ? 0.1599 0.2170 0.1773 0.0272  -0.0318 -0.0238 298 GLU A N   
106 C  CA  . GLU A 15 ? 0.1778 0.2396 0.1784 0.0397  -0.0370 -0.0294 298 GLU A CA  
107 C  C   . GLU A 15 ? 0.1898 0.2346 0.1678 0.0457  -0.0290 -0.0196 298 GLU A C   
108 O  O   . GLU A 15 ? 0.2562 0.2985 0.2126 0.0585  -0.0279 -0.0162 298 GLU A O   
109 C  CB  . GLU A 15 ? 0.2052 0.2720 0.2135 0.0363  -0.0452 -0.0433 298 GLU A CB  
110 C  CG  . GLU A 15 ? 0.1888 0.2753 0.2200 0.0275  -0.0542 -0.0547 298 GLU A CG  
111 C  CD  . GLU A 15 ? 0.3031 0.3879 0.3377 0.0224  -0.0636 -0.0699 298 GLU A CD  
112 O  OE1 . GLU A 15 ? 0.3596 0.4269 0.3761 0.0288  -0.0626 -0.0710 298 GLU A OE1 
113 O  OE2 . GLU A 15 ? 0.2876 0.3885 0.3418 0.0117  -0.0720 -0.0810 298 GLU A OE2 
114 N  N   . LYS A 16 ? 0.1933 0.2276 0.1758 0.0370  -0.0226 -0.0148 299 LYS A N   
115 C  CA  . LYS A 16 ? 0.2221 0.2481 0.1887 0.0400  -0.0146 -0.0064 299 LYS A CA  
116 C  C   . LYS A 16 ? 0.2251 0.2386 0.1802 0.0375  -0.0072 0.0059  299 LYS A C   
117 O  O   . LYS A 16 ? 0.2678 0.2736 0.2040 0.0418  -0.0008 0.0133  299 LYS A O   
118 C  CB  . LYS A 16 ? 0.2440 0.2695 0.2199 0.0338  -0.0111 -0.0066 299 LYS A CB  
119 C  CG  . LYS A 16 ? 0.2785 0.3076 0.2526 0.0405  -0.0172 -0.0181 299 LYS A CG  
120 C  CD  . LYS A 16 ? 0.3262 0.3529 0.3038 0.0392  -0.0135 -0.0181 299 LYS A CD  
121 C  CE  . LYS A 16 ? 0.3753 0.3993 0.3418 0.0498  -0.0192 -0.0291 299 LYS A CE  
122 N  NZ  . LYS A 16 ? 0.4115 0.4312 0.3760 0.0530  -0.0154 -0.0292 299 LYS A NZ  
123 N  N   . PHE A 17 ? 0.1796 0.1886 0.1439 0.0308  -0.0078 0.0083  300 PHE A N   
124 C  CA  . PHE A 17 ? 0.2163 0.2074 0.1667 0.0280  -0.0025 0.0186  300 PHE A CA  
125 C  C   . PHE A 17 ? 0.2339 0.2183 0.1665 0.0403  -0.0048 0.0198  300 PHE A C   
126 O  O   . PHE A 17 ? 0.2633 0.2258 0.1767 0.0407  -0.0008 0.0278  300 PHE A O   
127 C  CB  . PHE A 17 ? 0.2067 0.1932 0.1714 0.0165  -0.0016 0.0208  300 PHE A CB  
128 C  CG  . PHE A 17 ? 0.1790 0.1701 0.1545 0.0069  0.0019  0.0221  300 PHE A CG  
129 C  CD1 . PHE A 17 ? 0.1847 0.1895 0.1736 0.0080  0.0000  0.0153  300 PHE A CD1 
130 C  CD2 . PHE A 17 ? 0.1932 0.1753 0.1639 -0.0025 0.0065  0.0293  300 PHE A CD2 
131 C  CE1 . PHE A 17 ? 0.1730 0.1849 0.1693 0.0037  0.0032  0.0165  300 PHE A CE1 
132 C  CE2 . PHE A 17 ? 0.2057 0.2003 0.1889 -0.0100 0.0089  0.0299  300 PHE A CE2 
133 C  CZ  . PHE A 17 ? 0.1847 0.1955 0.1802 -0.0050 0.0076  0.0239  300 PHE A CZ  
134 N  N   . GLU A 18 ? 0.1999 0.2455 0.1600 0.0226  -0.0109 0.0191  301 GLU A N   
135 C  CA  . GLU A 18 ? 0.2029 0.2531 0.1599 0.0317  -0.0188 0.0211  301 GLU A CA  
136 C  C   . GLU A 18 ? 0.2329 0.2783 0.2032 0.0337  -0.0207 0.0201  301 GLU A C   
137 O  O   . GLU A 18 ? 0.2407 0.2756 0.2089 0.0401  -0.0225 0.0272  301 GLU A O   
138 C  CB  . GLU A 18 ? 0.2576 0.2986 0.1972 0.0385  -0.0193 0.0331  301 GLU A CB  
139 C  CG  . GLU A 18 ? 0.3305 0.3776 0.2540 0.0372  -0.0169 0.0338  301 GLU A CG  
140 C  CD  . GLU A 18 ? 0.5268 0.5626 0.4308 0.0432  -0.0150 0.0478  301 GLU A CD  
141 O  OE1 . GLU A 18 ? 0.5059 0.5463 0.3984 0.0537  -0.0225 0.0523  301 GLU A OE1 
142 O  OE2 . GLU A 18 ? 0.5884 0.6110 0.4889 0.0378  -0.0057 0.0548  301 GLU A OE2 
143 N  N   . CYS A 19 ? 0.1840 0.2363 0.1673 0.0284  -0.0193 0.0114  302 CYS A N   
144 C  CA  . CYS A 19 ? 0.1690 0.2185 0.1640 0.0295  -0.0199 0.0091  302 CYS A CA  
145 C  C   . CYS A 19 ? 0.1949 0.2612 0.2004 0.0286  -0.0219 -0.0006 302 CYS A C   
146 O  O   . CYS A 19 ? 0.1845 0.2627 0.1903 0.0250  -0.0221 -0.0065 302 CYS A O   
147 C  CB  . CYS A 19 ? 0.1986 0.2365 0.1983 0.0231  -0.0139 0.0100  302 CYS A CB  
148 S  SG  . CYS A 19 ? 0.1895 0.2334 0.1944 0.0144  -0.0087 0.0036  302 CYS A SG  
149 N  N   . SER A 20 ? 0.1650 0.2324 0.1796 0.0315  -0.0229 -0.0032 303 SER A N   
150 C  CA  . SER A 20 ? 0.1547 0.2381 0.1808 0.0300  -0.0229 -0.0119 303 SER A CA  
151 C  C   . SER A 20 ? 0.1456 0.2267 0.1763 0.0210  -0.0159 -0.0154 303 SER A C   
152 O  O   . SER A 20 ? 0.1465 0.2143 0.1737 0.0183  -0.0122 -0.0113 303 SER A O   
153 C  CB  . SER A 20 ? 0.1474 0.2341 0.1813 0.0374  -0.0256 -0.0136 303 SER A CB  
154 O  OG  . SER A 20 ? 0.1851 0.2593 0.2203 0.0356  -0.0212 -0.0125 303 SER A OG  
155 N  N   . GLU A 21 ? 0.1415 0.2361 0.1811 0.0165  -0.0139 -0.0228 304 GLU A N   
156 C  CA  . GLU A 21 ? 0.1241 0.2151 0.1675 0.0090  -0.0064 -0.0248 304 GLU A CA  
157 C  C   . GLU A 21 ? 0.1339 0.2172 0.1778 0.0108  -0.0035 -0.0222 304 GLU A C   
158 O  O   . GLU A 21 ? 0.1408 0.2140 0.1810 0.0076  0.0009  -0.0192 304 GLU A O   
159 C  CB  . GLU A 21 ? 0.2044 0.3105 0.2588 0.0036  -0.0038 -0.0332 304 GLU A CB  
160 C  CG  . GLU A 21 ? 0.2803 0.3799 0.3372 -0.0049 0.0050  -0.0343 304 GLU A CG  
161 C  CD  . GLU A 21 ? 0.2113 0.3240 0.2805 -0.0121 0.0085  -0.0433 304 GLU A CD  
162 O  OE1 . GLU A 21 ? 0.1997 0.3221 0.2787 -0.0131 0.0114  -0.0466 304 GLU A OE1 
163 O  OE2 . GLU A 21 ? 0.2453 0.3590 0.3149 -0.0174 0.0088  -0.0481 304 GLU A OE2 
164 N  N   . GLU A 22 ? 0.1429 0.2317 0.1911 0.0171  -0.0064 -0.0238 305 GLU A N   
165 C  CA  . GLU A 22 ? 0.1387 0.2219 0.1867 0.0192  -0.0037 -0.0234 305 GLU A CA  
166 C  C   . GLU A 22 ? 0.1583 0.2251 0.1979 0.0204  -0.0051 -0.0181 305 GLU A C   
167 O  O   . GLU A 22 ? 0.1715 0.2329 0.2088 0.0195  -0.0024 -0.0180 305 GLU A O   
168 C  CB  . GLU A 22 ? 0.1413 0.2340 0.1965 0.0264  -0.0062 -0.0276 305 GLU A CB  
169 C  CG  . GLU A 22 ? 0.2041 0.2934 0.2586 0.0277  -0.0019 -0.0295 305 GLU A CG  
170 C  CD  . GLU A 22 ? 0.2104 0.3112 0.2735 0.0346  -0.0024 -0.0353 305 GLU A CD  
171 O  OE1 . GLU A 22 ? 0.1713 0.2832 0.2420 0.0394  -0.0068 -0.0376 305 GLU A OE1 
172 O  OE2 . GLU A 22 ? 0.2516 0.3511 0.3131 0.0361  0.0017  -0.0379 305 GLU A OE2 
173 N  N   . GLU A 23 ? 0.1312 0.1910 0.1662 0.0221  -0.0090 -0.0139 306 GLU A N   
174 C  CA  . GLU A 23 ? 0.1473 0.1928 0.1772 0.0215  -0.0093 -0.0094 306 GLU A CA  
175 C  C   . GLU A 23 ? 0.1565 0.1995 0.1845 0.0152  -0.0052 -0.0084 306 GLU A C   
176 O  O   . GLU A 23 ? 0.1784 0.2155 0.2057 0.0145  -0.0046 -0.0080 306 GLU A O   
177 C  CB  . GLU A 23 ? 0.1956 0.2339 0.2207 0.0235  -0.0121 -0.0038 306 GLU A CB  
178 C  CG  . GLU A 23 ? 0.2387 0.2736 0.2638 0.0315  -0.0164 -0.0023 306 GLU A CG  
179 C  CD  . GLU A 23 ? 0.2195 0.2459 0.2365 0.0337  -0.0181 0.0055  306 GLU A CD  
180 O  OE1 . GLU A 23 ? 0.2585 0.2715 0.2723 0.0301  -0.0154 0.0101  306 GLU A OE1 
181 O  OE2 . GLU A 23 ? 0.3407 0.3748 0.3542 0.0389  -0.0219 0.0069  306 GLU A OE2 
182 N  N   . VAL A 24 ? 0.1304 0.1784 0.1582 0.0114  -0.0027 -0.0085 307 VAL A N   
183 C  CA  . VAL A 24 ? 0.1378 0.1823 0.1643 0.0070  0.0015  -0.0073 307 VAL A CA  
184 C  C   . VAL A 24 ? 0.1495 0.1955 0.1770 0.0066  0.0049  -0.0088 307 VAL A C   
185 O  O   . VAL A 24 ? 0.1523 0.1938 0.1771 0.0069  0.0057  -0.0068 307 VAL A O   
186 C  CB  . VAL A 24 ? 0.1510 0.1985 0.1772 0.0031  0.0040  -0.0083 307 VAL A CB  
187 C  CG1 . VAL A 24 ? 0.1617 0.2034 0.1870 0.0002  0.0086  -0.0065 307 VAL A CG1 
188 C  CG2 . VAL A 24 ? 0.1638 0.2110 0.1858 0.0042  0.0009  -0.0064 307 VAL A CG2 
189 N  N   . LEU A 25 ? 0.1397 0.1935 0.1708 0.0064  0.0069  -0.0123 308 LEU A N   
190 C  CA  . LEU A 25 ? 0.1260 0.1814 0.1567 0.0058  0.0120  -0.0128 308 LEU A CA  
191 C  C   . LEU A 25 ? 0.1662 0.2192 0.1926 0.0103  0.0098  -0.0128 308 LEU A C   
192 O  O   . LEU A 25 ? 0.1810 0.2319 0.2018 0.0107  0.0128  -0.0110 308 LEU A O   
193 C  CB  . LEU A 25 ? 0.1295 0.1962 0.1676 0.0043  0.0151  -0.0175 308 LEU A CB  
194 C  CG  . LEU A 25 ? 0.1605 0.2314 0.2045 -0.0018 0.0181  -0.0201 308 LEU A CG  
195 C  CD1 . LEU A 25 ? 0.1623 0.2484 0.2171 -0.0036 0.0204  -0.0264 308 LEU A CD1 
196 C  CD2 . LEU A 25 ? 0.1850 0.2464 0.2259 -0.0066 0.0252  -0.0167 308 LEU A CD2 
197 N  N   . SER A 26 ? 0.1319 0.1844 0.1599 0.0141  0.0046  -0.0149 309 SER A N   
198 C  CA  . SER A 26 ? 0.1376 0.1871 0.1625 0.0178  0.0023  -0.0173 309 SER A CA  
199 C  C   . SER A 26 ? 0.1500 0.1929 0.1706 0.0166  0.0004  -0.0149 309 SER A C   
200 O  O   . SER A 26 ? 0.1651 0.2089 0.1808 0.0184  0.0002  -0.0166 309 SER A O   
201 C  CB  . SER A 26 ? 0.1611 0.2083 0.1900 0.0222  -0.0023 -0.0201 309 SER A CB  
202 O  OG  . SER A 26 ? 0.1877 0.2306 0.2146 0.0252  -0.0042 -0.0243 309 SER A OG  
203 N  N   . CYS A 27 ? 0.1409 0.1793 0.1635 0.0140  -0.0011 -0.0116 310 CYS A N   
204 C  CA  A CYS A 27 ? 0.1743 0.2097 0.1960 0.0129  -0.0030 -0.0105 310 CYS A CA  
205 C  CA  B CYS A 27 ? 0.1810 0.2163 0.2029 0.0127  -0.0028 -0.0102 310 CYS A CA  
206 C  C   . CYS A 27 ? 0.1768 0.2148 0.1943 0.0129  0.0000  -0.0075 310 CYS A C   
207 O  O   . CYS A 27 ? 0.1943 0.2338 0.2097 0.0146  -0.0022 -0.0078 310 CYS A O   
208 C  CB  A CYS A 27 ? 0.2059 0.2362 0.2318 0.0101  -0.0044 -0.0081 310 CYS A CB  
209 C  CB  B CYS A 27 ? 0.2141 0.2452 0.2396 0.0096  -0.0032 -0.0069 310 CYS A CB  
210 S  SG  A CYS A 27 ? 0.1620 0.1927 0.1879 0.0071  -0.0007 -0.0034 310 CYS A SG  
211 S  SG  B CYS A 27 ? 0.3505 0.3759 0.3782 0.0104  -0.0055 -0.0068 310 CYS A SG  
212 N  N   . LEU A 28 ? 0.1610 0.1995 0.1777 0.0114  0.0051  -0.0050 311 LEU A N   
213 C  CA  . LEU A 28 ? 0.1528 0.1901 0.1648 0.0121  0.0093  -0.0013 311 LEU A CA  
214 C  C   . LEU A 28 ? 0.1524 0.1927 0.1569 0.0156  0.0106  -0.0016 311 LEU A C   
215 O  O   . LEU A 28 ? 0.1906 0.2307 0.1883 0.0192  0.0098  0.0011  311 LEU A O   
216 C  CB  . LEU A 28 ? 0.1563 0.1914 0.1707 0.0083  0.0153  0.0004  311 LEU A CB  
217 C  CG  . LEU A 28 ? 0.1620 0.1949 0.1811 0.0054  0.0148  0.0002  311 LEU A CG  
218 C  CD1 . LEU A 28 ? 0.1835 0.2154 0.2053 0.0011  0.0204  -0.0010 311 LEU A CD1 
219 C  CD2 . LEU A 28 ? 0.1839 0.2135 0.2027 0.0072  0.0139  0.0034  311 LEU A CD2 
220 N  N   . TYR A 29 ? 0.1536 0.1977 0.1588 0.0154  0.0124  -0.0052 312 TYR A N   
221 C  CA  . TYR A 29 ? 0.1697 0.2177 0.1666 0.0187  0.0149  -0.0064 312 TYR A CA  
222 C  C   . TYR A 29 ? 0.1658 0.2155 0.1570 0.0231  0.0082  -0.0097 312 TYR A C   
223 O  O   . TYR A 29 ? 0.1966 0.2486 0.1767 0.0270  0.0089  -0.0082 312 TYR A O   
224 C  CB  . TYR A 29 ? 0.1941 0.2484 0.1961 0.0182  0.0176  -0.0115 312 TYR A CB  
225 C  CG  . TYR A 29 ? 0.1567 0.2161 0.1505 0.0226  0.0193  -0.0148 312 TYR A CG  
226 C  CD1 . TYR A 29 ? 0.1820 0.2428 0.1662 0.0230  0.0271  -0.0108 312 TYR A CD1 
227 C  CD2 . TYR A 29 ? 0.1682 0.2295 0.1625 0.0264  0.0136  -0.0222 312 TYR A CD2 
228 C  CE1 . TYR A 29 ? 0.1792 0.2455 0.1530 0.0274  0.0291  -0.0138 312 TYR A CE1 
229 C  CE2 . TYR A 29 ? 0.1858 0.2521 0.1713 0.0306  0.0151  -0.0268 312 TYR A CE2 
230 C  CZ  . TYR A 29 ? 0.1840 0.2540 0.1588 0.0314  0.0228  -0.0227 312 TYR A CZ  
231 O  OH  . TYR A 29 ? 0.2385 0.3145 0.2023 0.0362  0.0248  -0.0276 312 TYR A OH  
232 N  N   . ASN A 30 ? 0.1728 0.2214 0.1710 0.0225  0.0020  -0.0146 313 ASN A N   
233 C  CA  . ASN A 30 ? 0.1533 0.2037 0.1493 0.0251  -0.0045 -0.0202 313 ASN A CA  
234 C  C   . ASN A 30 ? 0.1873 0.2390 0.1832 0.0252  -0.0085 -0.0177 313 ASN A C   
235 O  O   . ASN A 30 ? 0.1962 0.2518 0.1924 0.0264  -0.0147 -0.0235 313 ASN A O   
236 C  CB  . ASN A 30 ? 0.1572 0.2034 0.1623 0.0237  -0.0083 -0.0263 313 ASN A CB  
237 C  CG  . ASN A 30 ? 0.1991 0.2465 0.2036 0.0266  -0.0063 -0.0317 313 ASN A CG  
238 O  OD1 . ASN A 30 ? 0.2234 0.2750 0.2210 0.0301  -0.0066 -0.0375 313 ASN A OD1 
239 N  ND2 . ASN A 30 ? 0.1852 0.2306 0.1966 0.0260  -0.0045 -0.0303 313 ASN A ND2 
240 N  N   . ARG A 31 ? 0.1596 0.2090 0.1565 0.0241  -0.0052 -0.0103 314 ARG A N   
241 C  CA  . ARG A 31 ? 0.1747 0.2262 0.1734 0.0254  -0.0085 -0.0074 314 ARG A CA  
242 C  C   . ARG A 31 ? 0.1610 0.2144 0.1711 0.0220  -0.0141 -0.0128 314 ARG A C   
243 O  O   . ARG A 31 ? 0.1664 0.2272 0.1794 0.0236  -0.0195 -0.0155 314 ARG A O   
244 C  CB  . ARG A 31 ? 0.2120 0.2695 0.1987 0.0321  -0.0107 -0.0059 314 ARG A CB  
245 C  CG  . ARG A 31 ? 0.2349 0.2879 0.2096 0.0347  -0.0029 0.0012  314 ARG A CG  
246 C  CD  . ARG A 31 ? 0.3288 0.3860 0.2880 0.0428  -0.0044 0.0053  314 ARG A CD  
247 N  NE  . ARG A 31 ? 0.3911 0.4512 0.3532 0.0469  -0.0094 0.0088  314 ARG A NE  
248 C  CZ  . ARG A 31 ? 0.4320 0.4844 0.3962 0.0482  -0.0048 0.0171  314 ARG A CZ  
249 N  NH1 . ARG A 31 ? 0.4863 0.5272 0.4502 0.0441  0.0049  0.0223  314 ARG A NH1 
250 N  NH2 . ARG A 31 ? 0.4792 0.5364 0.4473 0.0534  -0.0099 0.0193  314 ARG A NH2 
251 N  N   . ASN A 32 ? 0.1701 0.2176 0.1874 0.0174  -0.0127 -0.0142 315 ASN A N   
252 C  CA  . ASN A 32 ? 0.1571 0.2033 0.1851 0.0131  -0.0157 -0.0176 315 ASN A CA  
253 C  C   . ASN A 32 ? 0.1490 0.1951 0.1834 0.0103  -0.0130 -0.0124 315 ASN A C   
254 O  O   . ASN A 32 ? 0.1579 0.1980 0.1950 0.0070  -0.0096 -0.0095 315 ASN A O   
255 C  CB  . ASN A 32 ? 0.1827 0.2205 0.2133 0.0107  -0.0151 -0.0201 315 ASN A CB  
256 C  CG  . ASN A 32 ? 0.2686 0.3026 0.3093 0.0060  -0.0176 -0.0242 315 ASN A CG  
257 O  OD1 . ASN A 32 ? 0.3845 0.4251 0.4311 0.0043  -0.0210 -0.0283 315 ASN A OD1 
258 N  ND2 . ASN A 32 ? 0.4202 0.4437 0.4636 0.0042  -0.0158 -0.0230 315 ASN A ND2 
259 N  N   . HIS A 33 ? 0.1320 0.1858 0.1684 0.0126  -0.0148 -0.0115 316 HIS A N   
260 C  CA  . HIS A 33 ? 0.1278 0.1831 0.1703 0.0117  -0.0117 -0.0072 316 HIS A CA  
261 C  C   . HIS A 33 ? 0.1585 0.2124 0.2116 0.0052  -0.0100 -0.0084 316 HIS A C   
262 O  O   . HIS A 33 ? 0.1622 0.2140 0.2174 0.0034  -0.0052 -0.0046 316 HIS A O   
263 C  CB  . HIS A 33 ? 0.1443 0.2106 0.1896 0.0168  -0.0155 -0.0075 316 HIS A CB  
264 C  CG  . HIS A 33 ? 0.1729 0.2400 0.2052 0.0242  -0.0170 -0.0049 316 HIS A CG  
265 N  ND1 . HIS A 33 ? 0.2490 0.3074 0.2719 0.0268  -0.0111 0.0017  316 HIS A ND1 
266 C  CD2 . HIS A 33 ? 0.1998 0.2756 0.2264 0.0294  -0.0233 -0.0079 316 HIS A CD2 
267 C  CE1 . HIS A 33 ? 0.2428 0.3028 0.2543 0.0332  -0.0125 0.0042  316 HIS A CE1 
268 N  NE2 . HIS A 33 ? 0.2531 0.3241 0.2651 0.0356  -0.0203 -0.0015 316 HIS A NE2 
269 N  N   . GLN A 34 ? 0.1347 0.1889 0.1941 0.0015  -0.0134 -0.0138 317 GLN A N   
270 C  CA  . GLN A 34 ? 0.1623 0.2138 0.2323 -0.0054 -0.0106 -0.0141 317 GLN A CA  
271 C  C   . GLN A 34 ? 0.1554 0.1938 0.2197 -0.0078 -0.0058 -0.0091 317 GLN A C   
272 O  O   . GLN A 34 ? 0.1787 0.2132 0.2481 -0.0128 -0.0015 -0.0064 317 GLN A O   
273 C  CB  . GLN A 34 ? 0.2025 0.2567 0.2825 -0.0097 -0.0150 -0.0221 317 GLN A CB  
274 C  CG  . GLN A 34 ? 0.2084 0.2517 0.2825 -0.0096 -0.0169 -0.0257 317 GLN A CG  
275 C  CD  . GLN A 34 ? 0.2657 0.3083 0.3515 -0.0152 -0.0200 -0.0347 317 GLN A CD  
276 O  OE1 . GLN A 34 ? 0.2988 0.3388 0.3966 -0.0227 -0.0166 -0.0348 317 GLN A OE1 
277 N  NE2 . GLN A 34 ? 0.2971 0.3415 0.3790 -0.0124 -0.0257 -0.0431 317 GLN A NE2 
278 N  N   . ASP A 35 ? 0.1439 0.1766 0.1977 -0.0039 -0.0063 -0.0078 318 ASP A N   
279 C  CA  . ASP A 35 ? 0.1358 0.1591 0.1839 -0.0043 -0.0034 -0.0034 318 ASP A CA  
280 C  C   . ASP A 35 ? 0.1618 0.1870 0.2077 -0.0052 0.0014  0.0015  318 ASP A C   
281 O  O   . ASP A 35 ? 0.1368 0.1675 0.1807 -0.0028 0.0022  0.0016  318 ASP A O   
282 C  CB  . ASP A 35 ? 0.1317 0.1535 0.1720 0.0005  -0.0052 -0.0046 318 ASP A CB  
283 C  CG  . ASP A 35 ? 0.1899 0.2042 0.2259 0.0018  -0.0043 -0.0014 318 ASP A CG  
284 O  OD1 . ASP A 35 ? 0.1545 0.1672 0.1877 0.0004  -0.0015 0.0034  318 ASP A OD1 
285 O  OD2 . ASP A 35 ? 0.2524 0.2633 0.2870 0.0051  -0.0067 -0.0040 318 ASP A OD2 
286 N  N   . PRO A 36 ? 0.1351 0.1764 0.1922 -0.0028 0.0146  0.0006  319 PRO A N   
287 C  CA  . PRO A 36 ? 0.1316 0.1593 0.1728 -0.0001 0.0197  0.0056  319 PRO A CA  
288 C  C   . PRO A 36 ? 0.1309 0.1584 0.1526 0.0022  0.0098  0.0076  319 PRO A C   
289 O  O   . PRO A 36 ? 0.1547 0.1776 0.1688 0.0036  0.0102  0.0094  319 PRO A O   
290 C  CB  . PRO A 36 ? 0.1975 0.2019 0.2263 0.0043  0.0338  0.0101  319 PRO A CB  
291 C  CG  . PRO A 36 ? 0.2183 0.2245 0.2523 0.0040  0.0331  0.0083  319 PRO A CG  
292 C  CD  . PRO A 36 ? 0.1510 0.1826 0.2133 -0.0025 0.0246  0.0006  319 PRO A CD  
293 N  N   . LEU A 37 ? 0.1380 0.1712 0.1563 0.0023  0.0017  0.0053  320 LEU A N   
294 C  CA  . LEU A 37 ? 0.1320 0.1673 0.1425 0.0032  -0.0060 0.0028  320 LEU A CA  
295 C  C   . LEU A 37 ? 0.1446 0.1883 0.1618 -0.0015 -0.0068 0.0025  320 LEU A C   
296 O  O   . LEU A 37 ? 0.1510 0.1921 0.1637 -0.0010 -0.0078 0.0018  320 LEU A O   
297 C  CB  . LEU A 37 ? 0.1563 0.1975 0.1693 0.0035  -0.0128 -0.0027 320 LEU A CB  
298 C  CG  . LEU A 37 ? 0.1489 0.1786 0.1500 0.0113  -0.0141 -0.0032 320 LEU A CG  
299 C  CD1 . LEU A 37 ? 0.1397 0.1788 0.1484 0.0110  -0.0226 -0.0111 320 LEU A CD1 
300 C  CD2 . LEU A 37 ? 0.1717 0.1839 0.1503 0.0222  -0.0158 -0.0030 320 LEU A CD2 
301 N  N   . ALA A 38 ? 0.1374 0.1888 0.1633 -0.0040 -0.0067 0.0022  321 ALA A N   
302 C  CA  . ALA A 38 ? 0.1223 0.1751 0.1461 -0.0043 -0.0071 0.0028  321 ALA A CA  
303 C  C   . ALA A 38 ? 0.1525 0.2013 0.1756 -0.0023 -0.0051 0.0048  321 ALA A C   
304 O  O   . ALA A 38 ? 0.1443 0.1887 0.1603 -0.0018 -0.0045 0.0065  321 ALA A O   
305 C  CB  . ALA A 38 ? 0.1513 0.2101 0.1784 -0.0027 -0.0100 0.0003  321 ALA A CB  
306 N  N   . VAL A 39 ? 0.1276 0.1772 0.1608 -0.0014 -0.0023 0.0038  322 VAL A N   
307 C  CA  . VAL A 39 ? 0.1244 0.1707 0.1616 0.0000  0.0011  0.0039  322 VAL A CA  
308 C  C   . VAL A 39 ? 0.1559 0.1921 0.1785 0.0003  0.0039  0.0085  322 VAL A C   
309 O  O   . VAL A 39 ? 0.1693 0.2037 0.1888 0.0012  0.0034  0.0093  322 VAL A O   
310 C  CB  . VAL A 39 ? 0.1195 0.1653 0.1748 -0.0005 0.0091  0.0004  322 VAL A CB  
311 C  CG1 . VAL A 39 ? 0.1296 0.1724 0.1933 0.0003  0.0143  -0.0014 322 VAL A CG1 
312 C  CG2 . VAL A 39 ? 0.1554 0.2139 0.2315 -0.0001 0.0045  -0.0081 322 VAL A CG2 
313 N  N   . ALA A 40 ? 0.1451 0.1741 0.1577 0.0017  0.0052  0.0100  323 ALA A N   
314 C  CA  . ALA A 40 ? 0.1463 0.1656 0.1442 0.0054  0.0049  0.0111  323 ALA A CA  
315 C  C   . ALA A 40 ? 0.1485 0.1733 0.1470 0.0034  -0.0010 0.0084  323 ALA A C   
316 O  O   . ALA A 40 ? 0.1738 0.1944 0.1680 0.0048  -0.0007 0.0084  323 ALA A O   
317 C  CB  . ALA A 40 ? 0.1792 0.1877 0.1626 0.0118  0.0041  0.0107  323 ALA A CB  
318 N  N   . TYR A 41 ? 0.1364 0.1687 0.1414 0.0000  -0.0039 0.0054  324 TYR A N   
319 C  CA  . TYR A 41 ? 0.1268 0.1605 0.1358 -0.0031 -0.0037 0.0019  324 TYR A CA  
320 C  C   . TYR A 41 ? 0.1707 0.2003 0.1764 -0.0038 0.0004  0.0063  324 TYR A C   
321 O  O   . TYR A 41 ? 0.1638 0.1891 0.1696 -0.0042 0.0024  0.0050  324 TYR A O   
322 C  CB  . TYR A 41 ? 0.1389 0.1776 0.1548 -0.0069 -0.0028 -0.0009 324 TYR A CB  
323 C  CG  . TYR A 41 ? 0.1242 0.1596 0.1455 -0.0111 0.0041  -0.0041 324 TYR A CG  
324 C  CD1 . TYR A 41 ? 0.1613 0.1886 0.1731 -0.0112 0.0112  0.0016  324 TYR A CD1 
325 C  CD2 . TYR A 41 ? 0.1494 0.1872 0.1856 -0.0134 0.0046  -0.0143 324 TYR A CD2 
326 C  CE1 . TYR A 41 ? 0.1649 0.1818 0.1776 -0.0143 0.0231  0.0001  324 TYR A CE1 
327 C  CE2 . TYR A 41 ? 0.1805 0.2129 0.2278 -0.0189 0.0162  -0.0187 324 TYR A CE2 
328 C  CZ  . TYR A 41 ? 0.1729 0.1924 0.2060 -0.0197 0.0276  -0.0098 324 TYR A CZ  
329 O  OH  . TYR A 41 ? 0.2190 0.2259 0.2585 -0.0243 0.0445  -0.0124 324 TYR A OH  
330 N  N   . HIS A 42 ? 0.1756 0.2061 0.1794 -0.0023 0.0004  0.0097  325 HIS A N   
331 C  CA  . HIS A 42 ? 0.1699 0.1948 0.1675 0.0007  0.0016  0.0122  325 HIS A CA  
332 C  C   . HIS A 42 ? 0.1853 0.2089 0.1846 0.0021  0.0016  0.0131  325 HIS A C   
333 O  O   . HIS A 42 ? 0.2310 0.2487 0.2254 0.0036  0.0030  0.0146  325 HIS A O   
334 C  CB  . HIS A 42 ? 0.1788 0.2057 0.1740 0.0059  -0.0025 0.0116  325 HIS A CB  
335 C  CG  . HIS A 42 ? 0.2254 0.2488 0.2122 0.0066  -0.0010 0.0117  325 HIS A CG  
336 N  ND1 . HIS A 42 ? 0.2666 0.2756 0.2392 0.0072  0.0070  0.0147  325 HIS A ND1 
337 C  CD2 . HIS A 42 ? 0.2445 0.2744 0.2349 0.0068  -0.0039 0.0091  325 HIS A CD2 
338 C  CE1 . HIS A 42 ? 0.2811 0.2865 0.2469 0.0080  0.0098  0.0144  325 HIS A CE1 
339 N  NE2 . HIS A 42 ? 0.3056 0.3252 0.2823 0.0079  0.0018  0.0109  325 HIS A NE2 
340 N  N   . LEU A 43 ? 0.1579 0.1837 0.1622 0.0021  0.0022  0.0124  326 LEU A N   
341 C  CA  . LEU A 43 ? 0.1604 0.1817 0.1648 0.0038  0.0056  0.0134  326 LEU A CA  
342 C  C   . LEU A 43 ? 0.2127 0.2280 0.2083 0.0042  0.0054  0.0135  326 LEU A C   
343 O  O   . LEU A 43 ? 0.2005 0.2124 0.1948 0.0053  0.0068  0.0143  326 LEU A O   
344 C  CB  . LEU A 43 ? 0.2054 0.2229 0.2124 0.0046  0.0116  0.0135  326 LEU A CB  
345 C  CG  . LEU A 43 ? 0.2553 0.2634 0.2609 0.0067  0.0199  0.0147  326 LEU A CG  
346 C  CD1 . LEU A 43 ? 0.3179 0.3333 0.3426 0.0056  0.0208  0.0106  326 LEU A CD1 
347 C  CD2 . LEU A 43 ? 0.3373 0.3324 0.3369 0.0091  0.0308  0.0166  326 LEU A CD2 
348 N  N   . ILE A 44 ? 0.1644 0.1799 0.1574 0.0042  0.0025  0.0104  327 ILE A N   
349 C  CA  . ILE A 44 ? 0.1647 0.1773 0.1557 0.0061  0.0000  0.0056  327 ILE A CA  
350 C  C   . ILE A 44 ? 0.1817 0.1943 0.1793 0.0020  0.0030  0.0052  327 ILE A C   
351 O  O   . ILE A 44 ? 0.2078 0.2170 0.2051 0.0033  0.0035  0.0038  327 ILE A O   
352 C  CB  . ILE A 44 ? 0.1718 0.1878 0.1660 0.0079  -0.0059 -0.0024 327 ILE A CB  
353 C  CG1 . ILE A 44 ? 0.1849 0.1936 0.1640 0.0160  -0.0087 -0.0015 327 ILE A CG1 
354 C  CG2 . ILE A 44 ? 0.1747 0.1922 0.1779 0.0093  -0.0100 -0.0131 327 ILE A CG2 
355 C  CD1 . ILE A 44 ? 0.2126 0.2251 0.1941 0.0190  -0.0161 -0.0092 327 ILE A CD1 
356 N  N   . ILE A 45 ? 0.1670 0.1803 0.1677 -0.0017 0.0063  0.0069  328 ILE A N   
357 C  CA  . ILE A 45 ? 0.1738 0.1793 0.1742 -0.0037 0.0133  0.0082  328 ILE A CA  
358 C  C   . ILE A 45 ? 0.2135 0.2133 0.2045 0.0002  0.0132  0.0138  328 ILE A C   
359 O  O   . ILE A 45 ? 0.2155 0.2083 0.2058 0.0002  0.0171  0.0140  328 ILE A O   
360 C  CB  . ILE A 45 ? 0.1742 0.1748 0.1715 -0.0056 0.0195  0.0099  328 ILE A CB  
361 C  CG1 . ILE A 45 ? 0.1872 0.1944 0.1995 -0.0103 0.0205  0.0017  328 ILE A CG1 
362 C  CG2 . ILE A 45 ? 0.2332 0.2165 0.2211 -0.0049 0.0307  0.0135  328 ILE A CG2 
363 C  CD1 . ILE A 45 ? 0.2183 0.2215 0.2274 -0.0121 0.0269  0.0033  328 ILE A CD1 
364 N  N   . ASP A 46 ? 0.2170 0.2209 0.2047 0.0037  0.0088  0.0164  329 ASP A N   
365 C  CA  . ASP A 46 ? 0.2004 0.2014 0.1847 0.0088  0.0067  0.0180  329 ASP A CA  
366 C  C   . ASP A 46 ? 0.2295 0.2310 0.2182 0.0081  0.0075  0.0172  329 ASP A C   
367 O  O   . ASP A 46 ? 0.2448 0.2406 0.2303 0.0107  0.0080  0.0181  329 ASP A O   
368 C  CB  . ASP A 46 ? 0.2543 0.2629 0.2440 0.0128  0.0011  0.0155  329 ASP A CB  
369 C  CG  . ASP A 46 ? 0.4614 0.4673 0.4420 0.0171  -0.0018 0.0155  329 ASP A CG  
370 O  OD1 . ASP A 46 ? 0.5078 0.5006 0.4729 0.0183  0.0032  0.0192  329 ASP A OD1 
371 O  OD2 . ASP A 46 ? 0.4695 0.4842 0.4586 0.0197  -0.0073 0.0110  329 ASP A OD2 
372 N  N   . ASN A 47 ? 0.2111 0.2161 0.2032 0.0065  0.0079  0.0157  330 ASN A N   
373 C  CA  A ASN A 47 ? 0.2102 0.2116 0.2003 0.0082  0.0097  0.0150  330 ASN A CA  
374 C  CA  B ASN A 47 ? 0.1929 0.1944 0.1833 0.0082  0.0097  0.0151  330 ASN A CA  
375 C  C   . ASN A 47 ? 0.1977 0.1954 0.1865 0.0077  0.0093  0.0128  330 ASN A C   
376 O  O   . ASN A 47 ? 0.2176 0.2119 0.2052 0.0094  0.0104  0.0127  330 ASN A O   
377 C  CB  A ASN A 47 ? 0.2511 0.2499 0.2354 0.0105  0.0110  0.0143  330 ASN A CB  
378 C  CB  B ASN A 47 ? 0.2543 0.2528 0.2393 0.0105  0.0118  0.0148  330 ASN A CB  
379 C  CG  A ASN A 47 ? 0.3340 0.3234 0.3075 0.0156  0.0132  0.0136  330 ASN A CG  
380 C  CG  B ASN A 47 ? 0.3320 0.3317 0.3240 0.0100  0.0167  0.0159  330 ASN A CG  
381 O  OD1 A ASN A 47 ? 0.3655 0.3495 0.3386 0.0168  0.0201  0.0157  330 ASN A OD1 
382 O  OD1 B ASN A 47 ? 0.2909 0.2952 0.2956 0.0093  0.0179  0.0143  330 ASN A OD1 
383 N  ND2 A ASN A 47 ? 0.3598 0.3471 0.3264 0.0195  0.0073  0.0086  330 ASN A ND2 
384 N  ND2 B ASN A 47 ? 0.4460 0.4416 0.4323 0.0114  0.0195  0.0166  330 ASN A ND2 
385 N  N   . ARG A 48 ? 0.2187 0.2175 0.2115 0.0051  0.0088  0.0091  331 ARG A N   
386 C  CA  . ARG A 48 ? 0.2018 0.1984 0.2020 0.0036  0.0103  0.0033  331 ARG A CA  
387 C  C   . ARG A 48 ? 0.2181 0.2064 0.2161 0.0025  0.0164  0.0081  331 ARG A C   
388 O  O   . ARG A 48 ? 0.2321 0.2169 0.2329 0.0031  0.0178  0.0061  331 ARG A O   
389 C  CB  . ARG A 48 ? 0.2426 0.2424 0.2554 -0.0003 0.0117  -0.0039 331 ARG A CB  
390 C  CG  . ARG A 48 ? 0.2835 0.2855 0.3143 -0.0012 0.0113  -0.0170 331 ARG A CG  
391 C  CD  . ARG A 48 ? 0.4600 0.4690 0.5092 -0.0039 0.0105  -0.0284 331 ARG A CD  
392 N  NE  . ARG A 48 ? 0.5005 0.5033 0.5532 -0.0111 0.0234  -0.0233 331 ARG A NE  
393 C  CZ  . ARG A 48 ? 0.3637 0.3706 0.4230 -0.0138 0.0246  -0.0264 331 ARG A CZ  
394 N  NH1 . ARG A 48 ? 0.2668 0.2853 0.3311 -0.0098 0.0121  -0.0349 331 ARG A NH1 
395 N  NH2 . ARG A 48 ? 0.4570 0.4534 0.5139 -0.0188 0.0386  -0.0207 331 ARG A NH2 
396 N  N   . ARG A 49 ? 0.2051 0.1882 0.1949 0.0031  0.0192  0.0141  332 ARG A N   
397 C  CA  A ARG A 49 ? 0.2125 0.1825 0.1917 0.0068  0.0236  0.0191  332 ARG A CA  
398 C  CA  B ARG A 49 ? 0.2009 0.1708 0.1803 0.0066  0.0237  0.0191  332 ARG A CA  
399 C  C   . ARG A 49 ? 0.2060 0.1778 0.1833 0.0112  0.0183  0.0201  332 ARG A C   
400 O  O   . ARG A 49 ? 0.2301 0.1932 0.2047 0.0128  0.0213  0.0209  332 ARG A O   
401 C  CB  A ARG A 49 ? 0.2636 0.2263 0.2281 0.0115  0.0238  0.0237  332 ARG A CB  
402 C  CB  B ARG A 49 ? 0.2633 0.2249 0.2277 0.0113  0.0247  0.0237  332 ARG A CB  
403 C  CG  A ARG A 49 ? 0.2863 0.2307 0.2304 0.0209  0.0256  0.0284  332 ARG A CG  
404 C  CG  B ARG A 49 ? 0.3761 0.3276 0.3393 0.0072  0.0361  0.0239  332 ARG A CG  
405 C  CD  A ARG A 49 ? 0.3740 0.3123 0.3001 0.0305  0.0206  0.0303  332 ARG A CD  
406 C  CD  B ARG A 49 ? 0.3929 0.3384 0.3398 0.0126  0.0354  0.0275  332 ARG A CD  
407 N  NE  A ARG A 49 ? 0.3798 0.3377 0.3181 0.0331  0.0069  0.0249  332 ARG A NE  
408 N  NE  B ARG A 49 ? 0.3514 0.2857 0.2983 0.0077  0.0495  0.0274  332 ARG A NE  
409 C  CZ  A ARG A 49 ? 0.4231 0.3861 0.3660 0.0401  -0.0022 0.0205  332 ARG A CZ  
410 C  CZ  B ARG A 49 ? 0.4343 0.3590 0.3651 0.0120  0.0530  0.0305  332 ARG A CZ  
411 N  NH1 A ARG A 49 ? 0.4149 0.3652 0.3472 0.0461  -0.0016 0.0221  332 ARG A NH1 
412 N  NH1 B ARG A 49 ? 0.4755 0.4025 0.3899 0.0222  0.0406  0.0326  332 ARG A NH1 
413 N  NH2 A ARG A 49 ? 0.4343 0.4148 0.3960 0.0409  -0.0109 0.0131  332 ARG A NH2 
414 N  NH2 B ARG A 49 ? 0.4169 0.3298 0.3508 0.0064  0.0694  0.0295  332 ARG A NH2 
415 N  N   . ILE A 50 ? 0.1772 0.1596 0.1586 0.0128  0.0122  0.0191  333 ILE A N   
416 C  CA  . ILE A 50 ? 0.1632 0.1482 0.1489 0.0161  0.0096  0.0177  333 ILE A CA  
417 C  C   . ILE A 50 ? 0.1799 0.1637 0.1682 0.0141  0.0123  0.0162  333 ILE A C   
418 O  O   . ILE A 50 ? 0.1965 0.1765 0.1850 0.0165  0.0125  0.0160  333 ILE A O   
419 C  CB  . ILE A 50 ? 0.1718 0.1666 0.1678 0.0165  0.0077  0.0147  333 ILE A CB  
420 C  CG1 . ILE A 50 ? 0.2445 0.2423 0.2412 0.0209  0.0020  0.0128  333 ILE A CG1 
421 C  CG2 . ILE A 50 ? 0.2086 0.2054 0.2151 0.0181  0.0095  0.0112  333 ILE A CG2 
422 C  CD1 . ILE A 50 ? 0.3051 0.3137 0.3182 0.0196  0.0018  0.0078  333 ILE A CD1 
423 N  N   . MSE A 51 ? 0.1869 0.1731 0.1756 0.0117  0.0130  0.0140  334 MSE A N   
424 C  CA  . MSE A 51 ? 0.1912 0.1752 0.1792 0.0131  0.0131  0.0104  334 MSE A CA  
425 C  C   . MSE A 51 ? 0.1823 0.1619 0.1751 0.0115  0.0148  0.0082  334 MSE A C   
426 O  O   . MSE A 51 ? 0.2127 0.1899 0.2063 0.0133  0.0150  0.0066  334 MSE A O   
427 C  CB  . MSE A 51 ? 0.2067 0.1918 0.1904 0.0155  0.0101  0.0057  334 MSE A CB  
428 C  CG  . MSE A 51 ? 0.1991 0.1814 0.1729 0.0189  0.0124  0.0089  334 MSE A CG  
429 SE SE  . MSE A 51 ? 0.3037 0.2756 0.2688 0.0239  0.0204  0.0109  334 MSE A SE  
430 C  CE  . MSE A 51 ? 0.4587 0.4225 0.4060 0.0340  0.0132  0.0034  334 MSE A CE  
431 N  N   . ASN A 52 ? 0.1921 0.1686 0.1891 0.0080  0.0182  0.0078  335 ASN A N   
432 C  CA  . ASN A 52 ? 0.2212 0.1885 0.2240 0.0058  0.0253  0.0063  335 ASN A CA  
433 C  C   . ASN A 52 ? 0.2067 0.1638 0.1987 0.0098  0.0272  0.0129  335 ASN A C   
434 O  O   . ASN A 52 ? 0.2151 0.1657 0.2106 0.0099  0.0307  0.0114  335 ASN A O   
435 C  CB  . ASN A 52 ? 0.1943 0.1547 0.2023 0.0013  0.0342  0.0053  335 ASN A CB  
436 C  CG  . ASN A 52 ? 0.2707 0.2416 0.2990 -0.0026 0.0325  -0.0070 335 ASN A CG  
437 O  OD1 . ASN A 52 ? 0.3411 0.3197 0.3804 -0.0008 0.0260  -0.0168 335 ASN A OD1 
438 N  ND2 . ASN A 52 ? 0.2964 0.2675 0.3300 -0.0062 0.0370  -0.0085 335 ASN A ND2 
439 N  N   . GLU A 53 ? 0.1903 0.1464 0.1711 0.0144  0.0234  0.0183  336 GLU A N   
440 C  CA  . GLU A 53 ? 0.1871 0.1350 0.1585 0.0216  0.0211  0.0212  336 GLU A CA  
441 C  C   . GLU A 53 ? 0.1817 0.1382 0.1622 0.0223  0.0168  0.0178  336 GLU A C   
442 O  O   . GLU A 53 ? 0.1945 0.1437 0.1730 0.0255  0.0175  0.0179  336 GLU A O   
443 C  CB  . GLU A 53 ? 0.2560 0.2039 0.2177 0.0291  0.0144  0.0227  336 GLU A CB  
444 C  CG  . GLU A 53 ? 0.3558 0.2880 0.3006 0.0410  0.0109  0.0243  336 GLU A CG  
445 C  CD  . GLU A 53 ? 0.3981 0.3032 0.3199 0.0445  0.0222  0.0312  336 GLU A CD  
446 O  OE1 . GLU A 53 ? 0.4859 0.3871 0.4071 0.0382  0.0314  0.0337  336 GLU A OE1 
447 O  OE2 . GLU A 53 ? 0.6023 0.4879 0.5067 0.0541  0.0235  0.0339  336 GLU A OE2 
448 N  N   . LEU A 54 ? 0.1778 0.1467 0.1661 0.0201  0.0145  0.0151  337 LEU A N   
449 C  CA  . LEU A 54 ? 0.1643 0.1371 0.1587 0.0208  0.0148  0.0120  337 LEU A CA  
450 C  C   . LEU A 54 ? 0.1689 0.1380 0.1633 0.0197  0.0168  0.0098  337 LEU A C   
451 O  O   . LEU A 54 ? 0.1675 0.1349 0.1642 0.0218  0.0172  0.0083  337 LEU A O   
452 C  CB  . LEU A 54 ? 0.1586 0.1375 0.1560 0.0197  0.0170  0.0107  337 LEU A CB  
453 C  CG  . LEU A 54 ? 0.1503 0.1351 0.1557 0.0204  0.0157  0.0097  337 LEU A CG  
454 C  CD1 . LEU A 54 ? 0.1802 0.1662 0.1874 0.0184  0.0225  0.0094  337 LEU A CD1 
455 C  CD2 . LEU A 54 ? 0.1719 0.1598 0.1903 0.0244  0.0132  0.0045  337 LEU A CD2 
456 N  N   . GLU A 55 ? 0.1857 0.1551 0.1806 0.0171  0.0172  0.0071  338 GLU A N   
457 C  CA  . GLU A 55 ? 0.1672 0.1353 0.1674 0.0173  0.0171  0.0007  338 GLU A CA  
458 C  C   . GLU A 55 ? 0.1779 0.1377 0.1827 0.0161  0.0214  0.0018  338 GLU A C   
459 O  O   . GLU A 55 ? 0.1921 0.1506 0.2003 0.0177  0.0213  -0.0013 338 GLU A O   
460 C  CB  . GLU A 55 ? 0.1902 0.1623 0.1976 0.0160  0.0148  -0.0074 338 GLU A CB  
461 C  CG  . GLU A 55 ? 0.2612 0.2372 0.2581 0.0212  0.0091  -0.0097 338 GLU A CG  
462 C  CD  . GLU A 55 ? 0.2937 0.2748 0.2982 0.0214  0.0043  -0.0185 338 GLU A CD  
463 O  OE1 . GLU A 55 ? 0.3618 0.3458 0.3860 0.0178  0.0051  -0.0277 338 GLU A OE1 
464 O  OE2 . GLU A 55 ? 0.3035 0.2852 0.2964 0.0253  0.0007  -0.0175 338 GLU A OE2 
465 N  N   . HIS A 56 ? 0.1803 0.1312 0.1816 0.0148  0.0264  0.0069  339 HIS A N   
466 C  CA  . HIS A 56 ? 0.1954 0.1305 0.1930 0.0163  0.0332  0.0101  339 HIS A CA  
467 C  C   . HIS A 56 ? 0.2004 0.1341 0.1910 0.0227  0.0279  0.0127  339 HIS A C   
468 O  O   . HIS A 56 ? 0.2215 0.1483 0.2145 0.0238  0.0305  0.0115  339 HIS A O   
469 C  CB  . HIS A 56 ? 0.2111 0.1299 0.1954 0.0177  0.0410  0.0169  339 HIS A CB  
470 C  CG  . HIS A 56 ? 0.2365 0.1308 0.2061 0.0234  0.0494  0.0224  339 HIS A CG  
471 N  ND1 . HIS A 56 ? 0.2485 0.1298 0.2278 0.0193  0.0624  0.0199  339 HIS A ND1 
472 C  CD2 . HIS A 56 ? 0.2862 0.1646 0.2310 0.0349  0.0464  0.0291  339 HIS A CD2 
473 C  CE1 . HIS A 56 ? 0.3095 0.1646 0.2670 0.0275  0.0696  0.0274  339 HIS A CE1 
474 N  NE2 . HIS A 56 ? 0.3356 0.1883 0.2697 0.0385  0.0584  0.0328  339 HIS A NE2 
475 N  N   . HIS A 57 ? 0.1953 0.1362 0.1814 0.0267  0.0208  0.0141  340 HIS A N   
476 C  CA  . HIS A 57 ? 0.2086 0.1509 0.1957 0.0328  0.0154  0.0125  340 HIS A CA  
477 C  C   . HIS A 57 ? 0.1945 0.1447 0.1927 0.0301  0.0162  0.0078  340 HIS A C   
478 O  O   . HIS A 57 ? 0.2164 0.1637 0.2172 0.0336  0.0150  0.0060  340 HIS A O   
479 C  CB  . HIS A 57 ? 0.2262 0.1770 0.2158 0.0373  0.0084  0.0103  340 HIS A CB  
480 C  CG  . HIS A 57 ? 0.3800 0.3190 0.3539 0.0471  0.0032  0.0124  340 HIS A CG  
481 N  ND1 . HIS A 57 ? 0.4801 0.4125 0.4411 0.0473  0.0053  0.0170  340 HIS A ND1 
482 C  CD2 . HIS A 57 ? 0.4344 0.3641 0.3992 0.0598  -0.0047 0.0099  340 HIS A CD2 
483 C  CE1 . HIS A 57 ? 0.4202 0.3376 0.3613 0.0604  -0.0003 0.0180  340 HIS A CE1 
484 N  NE2 . HIS A 57 ? 0.4104 0.3256 0.3525 0.0692  -0.0076 0.0133  340 HIS A NE2 
485 N  N   . HIS A 58 ? 0.1780 0.1361 0.1795 0.0259  0.0179  0.0057  341 HIS A N   
486 C  CA  . HIS A 58 ? 0.1775 0.1382 0.1818 0.0263  0.0193  0.0014  341 HIS A CA  
487 C  C   . HIS A 58 ? 0.1960 0.1518 0.2035 0.0262  0.0198  -0.0017 341 HIS A C   
488 O  O   . HIS A 58 ? 0.2239 0.1790 0.2342 0.0284  0.0201  -0.0043 341 HIS A O   
489 C  CB  . HIS A 58 ? 0.1767 0.1400 0.1744 0.0263  0.0202  -0.0003 341 HIS A CB  
490 C  CG  . HIS A 58 ? 0.1849 0.1452 0.1766 0.0306  0.0214  -0.0049 341 HIS A CG  
491 N  ND1 . HIS A 58 ? 0.1954 0.1525 0.1859 0.0330  0.0271  -0.0050 341 HIS A ND1 
492 C  CD2 . HIS A 58 ? 0.2182 0.1771 0.2050 0.0345  0.0172  -0.0115 341 HIS A CD2 
493 C  CE1 . HIS A 58 ? 0.2118 0.1629 0.1909 0.0387  0.0275  -0.0090 341 HIS A CE1 
494 N  NE2 . HIS A 58 ? 0.2226 0.1754 0.1989 0.0408  0.0197  -0.0140 341 HIS A NE2 
495 N  N   . HIS A 59 ? 0.1954 0.1475 0.2061 0.0232  0.0215  -0.0030 342 HIS A N   
496 C  CA  . HIS A 59 ? 0.1966 0.1446 0.2176 0.0218  0.0241  -0.0088 342 HIS A CA  
497 C  C   . HIS A 59 ? 0.2401 0.1747 0.2599 0.0228  0.0293  -0.0042 342 HIS A C   
498 O  O   . HIS A 59 ? 0.2940 0.2249 0.3221 0.0227  0.0315  -0.0086 342 HIS A O   
499 C  CB  . HIS A 59 ? 0.2227 0.1726 0.2564 0.0178  0.0261  -0.0164 342 HIS A CB  
500 C  CG  . HIS A 59 ? 0.2154 0.1766 0.2492 0.0210  0.0178  -0.0249 342 HIS A CG  
501 N  ND1 . HIS A 59 ? 0.2789 0.2434 0.3092 0.0276  0.0115  -0.0325 342 HIS A ND1 
502 C  CD2 . HIS A 59 ? 0.3009 0.2674 0.3331 0.0211  0.0144  -0.0273 342 HIS A CD2 
503 C  CE1 . HIS A 59 ? 0.2898 0.2586 0.3126 0.0335  0.0041  -0.0390 342 HIS A CE1 
504 N  NE2 . HIS A 59 ? 0.3050 0.2762 0.3303 0.0293  0.0054  -0.0362 342 HIS A NE2 
505 N  N   . HIS A 60 ? 0.2284 0.1536 0.2355 0.0257  0.0305  0.0039  343 HIS A N   
506 C  CA  . HIS A 60 ? 0.2631 0.1676 0.2603 0.0301  0.0365  0.0089  343 HIS A CA  
507 C  C   . HIS A 60 ? 0.3558 0.2557 0.3392 0.0403  0.0285  0.0124  343 HIS A C   
508 O  O   . HIS A 60 ? 0.4245 0.3046 0.3944 0.0478  0.0309  0.0160  343 HIS A O   
509 C  CB  . HIS A 60 ? 0.2991 0.1858 0.2887 0.0283  0.0482  0.0136  343 HIS A CB  
510 C  CG  . HIS A 60 ? 0.2901 0.1815 0.3026 0.0186  0.0569  0.0056  343 HIS A CG  
511 N  ND1 . HIS A 60 ? 0.3587 0.2464 0.3899 0.0149  0.0641  -0.0019 343 HIS A ND1 
512 C  CD2 . HIS A 60 ? 0.2833 0.1849 0.3074 0.0126  0.0578  0.0006  343 HIS A CD2 
513 C  CE1 . HIS A 60 ? 0.3240 0.2204 0.3803 0.0075  0.0686  -0.0130 343 HIS A CE1 
514 N  NE2 . HIS A 60 ? 0.2925 0.1974 0.3442 0.0063  0.0645  -0.0116 343 HIS A NE2 
515 N  N   . HIS A 61 ? 0.3042 0.2209 0.2923 0.0415  0.0193  0.0095  344 HIS A N   
516 C  CA  . HIS A 61 ? 0.3750 0.2926 0.3606 0.0514  0.0099  0.0071  344 HIS A CA  
517 C  C   . HIS A 61 ? 0.4000 0.3369 0.4055 0.0485  0.0067  -0.0005 344 HIS A C   
518 O  O   . HIS A 61 ? 0.3719 0.3150 0.3852 0.0416  0.0120  -0.0019 344 HIS A O   
519 C  CB  . HIS A 61 ? 0.3772 0.2921 0.3510 0.0582  0.0040  0.0087  344 HIS A CB  
520 C  CG  . HIS A 61 ? 0.4649 0.3536 0.4119 0.0645  0.0096  0.0169  344 HIS A CG  
521 N  ND1 . HIS A 61 ? 0.5770 0.4614 0.5154 0.0608  0.0155  0.0218  344 HIS A ND1 
522 C  CD2 . HIS A 61 ? 0.6108 0.4724 0.5353 0.0749  0.0130  0.0215  344 HIS A CD2 
523 C  CE1 . HIS A 61 ? 0.5916 0.4464 0.5035 0.0682  0.0240  0.0291  344 HIS A CE1 
524 N  NE2 . HIS A 61 ? 0.6589 0.4974 0.5598 0.0774  0.0233  0.0297  344 HIS A NE2 
# 
